data_5DP8
# 
_entry.id   5DP8 
# 
_audit_conform.dict_name       mmcif_pdbx.dic 
_audit_conform.dict_version    5.398 
_audit_conform.dict_location   http://mmcif.pdb.org/dictionaries/ascii/mmcif_pdbx.dic 
# 
loop_
_database_2.database_id 
_database_2.database_code 
_database_2.pdbx_database_accession 
_database_2.pdbx_DOI 
PDB   5DP8         pdb_00005dp8 10.2210/pdb5dp8/pdb 
WWPDB D_1000213597 ?            ?                   
# 
loop_
_pdbx_audit_revision_history.ordinal 
_pdbx_audit_revision_history.data_content_type 
_pdbx_audit_revision_history.major_revision 
_pdbx_audit_revision_history.minor_revision 
_pdbx_audit_revision_history.revision_date 
1 'Structure model' 1 0 2016-03-30 
2 'Structure model' 1 1 2016-04-06 
3 'Structure model' 1 2 2017-09-27 
4 'Structure model' 1 3 2023-11-08 
5 'Structure model' 1 4 2024-11-06 
# 
_pdbx_audit_revision_details.ordinal             1 
_pdbx_audit_revision_details.revision_ordinal    1 
_pdbx_audit_revision_details.data_content_type   'Structure model' 
_pdbx_audit_revision_details.provider            repository 
_pdbx_audit_revision_details.type                'Initial release' 
_pdbx_audit_revision_details.description         ? 
_pdbx_audit_revision_details.details             ? 
# 
loop_
_pdbx_audit_revision_group.ordinal 
_pdbx_audit_revision_group.revision_ordinal 
_pdbx_audit_revision_group.data_content_type 
_pdbx_audit_revision_group.group 
1 2 'Structure model' 'Database references'    
2 3 'Structure model' 'Data collection'        
3 3 'Structure model' 'Database references'    
4 3 'Structure model' 'Derived calculations'   
5 4 'Structure model' 'Data collection'        
6 4 'Structure model' 'Database references'    
7 4 'Structure model' 'Refinement description' 
8 5 'Structure model' 'Structure summary'      
# 
loop_
_pdbx_audit_revision_category.ordinal 
_pdbx_audit_revision_category.revision_ordinal 
_pdbx_audit_revision_category.data_content_type 
_pdbx_audit_revision_category.category 
1 3 'Structure model' citation                      
2 3 'Structure model' diffrn_detector               
3 3 'Structure model' pdbx_struct_oper_list         
4 4 'Structure model' chem_comp_atom                
5 4 'Structure model' chem_comp_bond                
6 4 'Structure model' database_2                    
7 4 'Structure model' pdbx_initial_refinement_model 
8 5 'Structure model' pdbx_entry_details            
9 5 'Structure model' pdbx_modification_feature     
# 
loop_
_pdbx_audit_revision_item.ordinal 
_pdbx_audit_revision_item.revision_ordinal 
_pdbx_audit_revision_item.data_content_type 
_pdbx_audit_revision_item.item 
1 3 'Structure model' '_citation.journal_id_CSD'                  
2 3 'Structure model' '_diffrn_detector.detector'                 
3 3 'Structure model' '_pdbx_struct_oper_list.symmetry_operation' 
4 4 'Structure model' '_database_2.pdbx_DOI'                      
5 4 'Structure model' '_database_2.pdbx_database_accession'       
# 
_pdbx_database_status.status_code                     REL 
_pdbx_database_status.status_code_sf                  REL 
_pdbx_database_status.status_code_mr                  ? 
_pdbx_database_status.entry_id                        5DP8 
_pdbx_database_status.recvd_initial_deposition_date   2015-09-12 
_pdbx_database_status.SG_entry                        N 
_pdbx_database_status.deposit_site                    RCSB 
_pdbx_database_status.process_site                    PDBJ 
_pdbx_database_status.status_code_cs                  ? 
_pdbx_database_status.methods_development_category    ? 
_pdbx_database_status.pdb_format_compatible           Y 
_pdbx_database_status.status_code_nmr_data            ? 
# 
loop_
_pdbx_database_related.db_name 
_pdbx_database_related.details 
_pdbx_database_related.db_id 
_pdbx_database_related.content_type 
PDB . 5DP3 unspecified 
PDB . 5DP4 unspecified 
PDB . 5DP5 unspecified 
PDB . 5DP6 unspecified 
PDB . 5DP7 unspecified 
PDB . 5DP9 unspecified 
PDB . 5DPA unspecified 
# 
loop_
_audit_author.name 
_audit_author.pdbx_ordinal 
'Wu, C.'    1 
'Zhang, L.' 2 
'Li, P.'    3 
'Cai, Q.'   4 
'Peng, X.'  5 
'Li, N.'    6 
'Cai, Y.'   7 
'Li, J.'    8 
'Lin, T.'   9 
# 
_citation.abstract                  ? 
_citation.abstract_id_CAS           ? 
_citation.book_id_ISBN              ? 
_citation.book_publisher            ? 
_citation.book_publisher_city       ? 
_citation.book_title                ? 
_citation.coordinate_linkage        ? 
_citation.country                   NE 
_citation.database_id_Medline       ? 
_citation.details                   ? 
_citation.id                        primary 
_citation.journal_abbrev            Biochim.Biophys.Acta 
_citation.journal_id_ASTM           BBACAQ 
_citation.journal_id_CSD            0113 
_citation.journal_id_ISSN           0006-3002 
_citation.journal_full              ? 
_citation.journal_issue             ? 
_citation.journal_volume            1860 
_citation.language                  ? 
_citation.page_first                1299 
_citation.page_last                 1307 
_citation.title                     'Fragment-wise design of inhibitors to 3C proteinase from enterovirus 71' 
_citation.year                      2016 
_citation.database_id_CSD           ? 
_citation.pdbx_database_id_DOI      10.1016/j.bbagen.2016.03.017 
_citation.pdbx_database_id_PubMed   26987809 
_citation.unpublished_flag          ? 
# 
loop_
_citation_author.citation_id 
_citation_author.name 
_citation_author.ordinal 
_citation_author.identifier_ORCID 
primary 'Wu, C.'    1  ? 
primary 'Zhang, L.' 2  ? 
primary 'Li, P.'    3  ? 
primary 'Cai, Q.'   4  ? 
primary 'Peng, X.'  5  ? 
primary 'Yin, K.'   6  ? 
primary 'Chen, X.'  7  ? 
primary 'Ren, H.'   8  ? 
primary 'Zhong, S.' 9  ? 
primary 'Weng, Y.'  10 ? 
primary 'Guan, Y.'  11 ? 
primary 'Chen, S.'  12 ? 
primary 'Wu, J.'    13 ? 
primary 'Li, J.'    14 ? 
primary 'Lin, T.'   15 ? 
# 
loop_
_entity.id 
_entity.type 
_entity.src_method 
_entity.pdbx_description 
_entity.formula_weight 
_entity.pdbx_number_of_molecules 
_entity.pdbx_ec 
_entity.pdbx_mutation 
_entity.pdbx_fragment 
_entity.details 
1 polymer     man '3C proteinase' 21391.482 1  ? ? ? ? 
2 non-polymer syn 
'ethyl (2Z,4S)-4-[(N-{[(2-cyclopropylethyl)amino](oxo)acetyl}-L-phenylalanyl)amino]-5-[(3S)-2-oxopyrrolidin-3-yl]pent-2-enoate' 
512.598   1  ? ? ? ? 
3 water       nat water 18.015    44 ? ? ? ? 
# 
_entity_poly.entity_id                      1 
_entity_poly.type                           'polypeptide(L)' 
_entity_poly.nstd_linkage                   no 
_entity_poly.nstd_monomer                   no 
_entity_poly.pdbx_seq_one_letter_code       
;MGPSLDFALSLLRRNVRQVQTDQGHFTMLGVRDRLAVLPRHSQPGKTIWIEHKLVNILDAVELVDEQGVNLELTLITLDT
NEKFRDITKFIPENISTASDATLVINTEHMPSMFVPVGDVVQYGFLNLSGKPTHRTMMYNFPTKAGQCGGVVTSVGKVIG
IHIGGNGRQGFCAGLKRSYFASEQLEHHHHHH
;
_entity_poly.pdbx_seq_one_letter_code_can   
;MGPSLDFALSLLRRNVRQVQTDQGHFTMLGVRDRLAVLPRHSQPGKTIWIEHKLVNILDAVELVDEQGVNLELTLITLDT
NEKFRDITKFIPENISTASDATLVINTEHMPSMFVPVGDVVQYGFLNLSGKPTHRTMMYNFPTKAGQCGGVVTSVGKVIG
IHIGGNGRQGFCAGLKRSYFASEQLEHHHHHH
;
_entity_poly.pdbx_strand_id                 A 
_entity_poly.pdbx_target_identifier         ? 
# 
loop_
_pdbx_entity_nonpoly.entity_id 
_pdbx_entity_nonpoly.name 
_pdbx_entity_nonpoly.comp_id 
2 'ethyl (2Z,4S)-4-[(N-{[(2-cyclopropylethyl)amino](oxo)acetyl}-L-phenylalanyl)amino]-5-[(3S)-2-oxopyrrolidin-3-yl]pent-2-enoate' 
5ED 
3 water                                                                                                                           
HOH 
# 
loop_
_entity_poly_seq.entity_id 
_entity_poly_seq.num 
_entity_poly_seq.mon_id 
_entity_poly_seq.hetero 
1 1   MET n 
1 2   GLY n 
1 3   PRO n 
1 4   SER n 
1 5   LEU n 
1 6   ASP n 
1 7   PHE n 
1 8   ALA n 
1 9   LEU n 
1 10  SER n 
1 11  LEU n 
1 12  LEU n 
1 13  ARG n 
1 14  ARG n 
1 15  ASN n 
1 16  VAL n 
1 17  ARG n 
1 18  GLN n 
1 19  VAL n 
1 20  GLN n 
1 21  THR n 
1 22  ASP n 
1 23  GLN n 
1 24  GLY n 
1 25  HIS n 
1 26  PHE n 
1 27  THR n 
1 28  MET n 
1 29  LEU n 
1 30  GLY n 
1 31  VAL n 
1 32  ARG n 
1 33  ASP n 
1 34  ARG n 
1 35  LEU n 
1 36  ALA n 
1 37  VAL n 
1 38  LEU n 
1 39  PRO n 
1 40  ARG n 
1 41  HIS n 
1 42  SER n 
1 43  GLN n 
1 44  PRO n 
1 45  GLY n 
1 46  LYS n 
1 47  THR n 
1 48  ILE n 
1 49  TRP n 
1 50  ILE n 
1 51  GLU n 
1 52  HIS n 
1 53  LYS n 
1 54  LEU n 
1 55  VAL n 
1 56  ASN n 
1 57  ILE n 
1 58  LEU n 
1 59  ASP n 
1 60  ALA n 
1 61  VAL n 
1 62  GLU n 
1 63  LEU n 
1 64  VAL n 
1 65  ASP n 
1 66  GLU n 
1 67  GLN n 
1 68  GLY n 
1 69  VAL n 
1 70  ASN n 
1 71  LEU n 
1 72  GLU n 
1 73  LEU n 
1 74  THR n 
1 75  LEU n 
1 76  ILE n 
1 77  THR n 
1 78  LEU n 
1 79  ASP n 
1 80  THR n 
1 81  ASN n 
1 82  GLU n 
1 83  LYS n 
1 84  PHE n 
1 85  ARG n 
1 86  ASP n 
1 87  ILE n 
1 88  THR n 
1 89  LYS n 
1 90  PHE n 
1 91  ILE n 
1 92  PRO n 
1 93  GLU n 
1 94  ASN n 
1 95  ILE n 
1 96  SER n 
1 97  THR n 
1 98  ALA n 
1 99  SER n 
1 100 ASP n 
1 101 ALA n 
1 102 THR n 
1 103 LEU n 
1 104 VAL n 
1 105 ILE n 
1 106 ASN n 
1 107 THR n 
1 108 GLU n 
1 109 HIS n 
1 110 MET n 
1 111 PRO n 
1 112 SER n 
1 113 MET n 
1 114 PHE n 
1 115 VAL n 
1 116 PRO n 
1 117 VAL n 
1 118 GLY n 
1 119 ASP n 
1 120 VAL n 
1 121 VAL n 
1 122 GLN n 
1 123 TYR n 
1 124 GLY n 
1 125 PHE n 
1 126 LEU n 
1 127 ASN n 
1 128 LEU n 
1 129 SER n 
1 130 GLY n 
1 131 LYS n 
1 132 PRO n 
1 133 THR n 
1 134 HIS n 
1 135 ARG n 
1 136 THR n 
1 137 MET n 
1 138 MET n 
1 139 TYR n 
1 140 ASN n 
1 141 PHE n 
1 142 PRO n 
1 143 THR n 
1 144 LYS n 
1 145 ALA n 
1 146 GLY n 
1 147 GLN n 
1 148 CYS n 
1 149 GLY n 
1 150 GLY n 
1 151 VAL n 
1 152 VAL n 
1 153 THR n 
1 154 SER n 
1 155 VAL n 
1 156 GLY n 
1 157 LYS n 
1 158 VAL n 
1 159 ILE n 
1 160 GLY n 
1 161 ILE n 
1 162 HIS n 
1 163 ILE n 
1 164 GLY n 
1 165 GLY n 
1 166 ASN n 
1 167 GLY n 
1 168 ARG n 
1 169 GLN n 
1 170 GLY n 
1 171 PHE n 
1 172 CYS n 
1 173 ALA n 
1 174 GLY n 
1 175 LEU n 
1 176 LYS n 
1 177 ARG n 
1 178 SER n 
1 179 TYR n 
1 180 PHE n 
1 181 ALA n 
1 182 SER n 
1 183 GLU n 
1 184 GLN n 
1 185 LEU n 
1 186 GLU n 
1 187 HIS n 
1 188 HIS n 
1 189 HIS n 
1 190 HIS n 
1 191 HIS n 
1 192 HIS n 
# 
_entity_src_gen.entity_id                          1 
_entity_src_gen.pdbx_src_id                        1 
_entity_src_gen.pdbx_alt_source_flag               sample 
_entity_src_gen.pdbx_seq_type                      'Biological sequence' 
_entity_src_gen.pdbx_beg_seq_num                   1 
_entity_src_gen.pdbx_end_seq_num                   192 
_entity_src_gen.gene_src_common_name               ? 
_entity_src_gen.gene_src_genus                     ? 
_entity_src_gen.pdbx_gene_src_gene                 ? 
_entity_src_gen.gene_src_species                   ? 
_entity_src_gen.gene_src_strain                    ? 
_entity_src_gen.gene_src_tissue                    ? 
_entity_src_gen.gene_src_tissue_fraction           ? 
_entity_src_gen.gene_src_details                   ? 
_entity_src_gen.pdbx_gene_src_fragment             ? 
_entity_src_gen.pdbx_gene_src_scientific_name      'Enterovirus A71' 
_entity_src_gen.pdbx_gene_src_ncbi_taxonomy_id     39054 
_entity_src_gen.pdbx_gene_src_variant              ? 
_entity_src_gen.pdbx_gene_src_cell_line            ? 
_entity_src_gen.pdbx_gene_src_atcc                 ? 
_entity_src_gen.pdbx_gene_src_organ                ? 
_entity_src_gen.pdbx_gene_src_organelle            ? 
_entity_src_gen.pdbx_gene_src_cell                 ? 
_entity_src_gen.pdbx_gene_src_cellular_location    ? 
_entity_src_gen.host_org_common_name               ? 
_entity_src_gen.pdbx_host_org_scientific_name      'Escherichia coli BL21(DE3)' 
_entity_src_gen.pdbx_host_org_ncbi_taxonomy_id     469008 
_entity_src_gen.host_org_genus                     ? 
_entity_src_gen.pdbx_host_org_gene                 ? 
_entity_src_gen.pdbx_host_org_organ                ? 
_entity_src_gen.host_org_species                   ? 
_entity_src_gen.pdbx_host_org_tissue               ? 
_entity_src_gen.pdbx_host_org_tissue_fraction      ? 
_entity_src_gen.pdbx_host_org_strain               'BL21(DE3)' 
_entity_src_gen.pdbx_host_org_variant              ? 
_entity_src_gen.pdbx_host_org_cell_line            ? 
_entity_src_gen.pdbx_host_org_atcc                 ? 
_entity_src_gen.pdbx_host_org_culture_collection   ? 
_entity_src_gen.pdbx_host_org_cell                 ? 
_entity_src_gen.pdbx_host_org_organelle            ? 
_entity_src_gen.pdbx_host_org_cellular_location    ? 
_entity_src_gen.pdbx_host_org_vector_type          plasmid 
_entity_src_gen.pdbx_host_org_vector               ? 
_entity_src_gen.host_org_details                   ? 
_entity_src_gen.expression_system_id               ? 
_entity_src_gen.plasmid_name                       pET28a 
_entity_src_gen.plasmid_details                    ? 
_entity_src_gen.pdbx_description                   ? 
# 
loop_
_chem_comp.id 
_chem_comp.type 
_chem_comp.mon_nstd_flag 
_chem_comp.name 
_chem_comp.pdbx_synonyms 
_chem_comp.formula 
_chem_comp.formula_weight 
5ED non-polymer         . 
'ethyl (2Z,4S)-4-[(N-{[(2-cyclopropylethyl)amino](oxo)acetyl}-L-phenylalanyl)amino]-5-[(3S)-2-oxopyrrolidin-3-yl]pent-2-enoate' ? 
'C27 H36 N4 O6'  512.598 
ALA 'L-peptide linking' y ALANINE ? 'C3 H7 N O2'     89.093  
ARG 'L-peptide linking' y ARGININE ? 'C6 H15 N4 O2 1' 175.209 
ASN 'L-peptide linking' y ASPARAGINE ? 'C4 H8 N2 O3'    132.118 
ASP 'L-peptide linking' y 'ASPARTIC ACID' ? 'C4 H7 N O4'     133.103 
CYS 'L-peptide linking' y CYSTEINE ? 'C3 H7 N O2 S'   121.158 
GLN 'L-peptide linking' y GLUTAMINE ? 'C5 H10 N2 O3'   146.144 
GLU 'L-peptide linking' y 'GLUTAMIC ACID' ? 'C5 H9 N O4'     147.129 
GLY 'peptide linking'   y GLYCINE ? 'C2 H5 N O2'     75.067  
HIS 'L-peptide linking' y HISTIDINE ? 'C6 H10 N3 O2 1' 156.162 
HOH non-polymer         . WATER ? 'H2 O'           18.015  
ILE 'L-peptide linking' y ISOLEUCINE ? 'C6 H13 N O2'    131.173 
LEU 'L-peptide linking' y LEUCINE ? 'C6 H13 N O2'    131.173 
LYS 'L-peptide linking' y LYSINE ? 'C6 H15 N2 O2 1' 147.195 
MET 'L-peptide linking' y METHIONINE ? 'C5 H11 N O2 S'  149.211 
PHE 'L-peptide linking' y PHENYLALANINE ? 'C9 H11 N O2'    165.189 
PRO 'L-peptide linking' y PROLINE ? 'C5 H9 N O2'     115.130 
SER 'L-peptide linking' y SERINE ? 'C3 H7 N O3'     105.093 
THR 'L-peptide linking' y THREONINE ? 'C4 H9 N O3'     119.119 
TRP 'L-peptide linking' y TRYPTOPHAN ? 'C11 H12 N2 O2'  204.225 
TYR 'L-peptide linking' y TYROSINE ? 'C9 H11 N O3'    181.189 
VAL 'L-peptide linking' y VALINE ? 'C5 H11 N O2'    117.146 
# 
loop_
_pdbx_poly_seq_scheme.asym_id 
_pdbx_poly_seq_scheme.entity_id 
_pdbx_poly_seq_scheme.seq_id 
_pdbx_poly_seq_scheme.mon_id 
_pdbx_poly_seq_scheme.ndb_seq_num 
_pdbx_poly_seq_scheme.pdb_seq_num 
_pdbx_poly_seq_scheme.auth_seq_num 
_pdbx_poly_seq_scheme.pdb_mon_id 
_pdbx_poly_seq_scheme.auth_mon_id 
_pdbx_poly_seq_scheme.pdb_strand_id 
_pdbx_poly_seq_scheme.pdb_ins_code 
_pdbx_poly_seq_scheme.hetero 
A 1 1   MET 1   0   0   MET MET A . n 
A 1 2   GLY 2   1   1   GLY GLY A . n 
A 1 3   PRO 3   2   2   PRO PRO A . n 
A 1 4   SER 4   3   3   SER SER A . n 
A 1 5   LEU 5   4   4   LEU LEU A . n 
A 1 6   ASP 6   5   5   ASP ASP A . n 
A 1 7   PHE 7   6   6   PHE PHE A . n 
A 1 8   ALA 8   7   7   ALA ALA A . n 
A 1 9   LEU 9   8   8   LEU LEU A . n 
A 1 10  SER 10  9   9   SER SER A . n 
A 1 11  LEU 11  10  10  LEU LEU A . n 
A 1 12  LEU 12  11  11  LEU LEU A . n 
A 1 13  ARG 13  12  12  ARG ARG A . n 
A 1 14  ARG 14  13  13  ARG ARG A . n 
A 1 15  ASN 15  14  14  ASN ASN A . n 
A 1 16  VAL 16  15  15  VAL VAL A . n 
A 1 17  ARG 17  16  16  ARG ARG A . n 
A 1 18  GLN 18  17  17  GLN GLN A . n 
A 1 19  VAL 19  18  18  VAL VAL A . n 
A 1 20  GLN 20  19  19  GLN GLN A . n 
A 1 21  THR 21  20  20  THR THR A . n 
A 1 22  ASP 22  21  21  ASP ASP A . n 
A 1 23  GLN 23  22  22  GLN GLN A . n 
A 1 24  GLY 24  23  23  GLY GLY A . n 
A 1 25  HIS 25  24  24  HIS HIS A . n 
A 1 26  PHE 26  25  25  PHE PHE A . n 
A 1 27  THR 27  26  26  THR THR A . n 
A 1 28  MET 28  27  27  MET MET A . n 
A 1 29  LEU 29  28  28  LEU LEU A . n 
A 1 30  GLY 30  29  29  GLY GLY A . n 
A 1 31  VAL 31  30  30  VAL VAL A . n 
A 1 32  ARG 32  31  31  ARG ARG A . n 
A 1 33  ASP 33  32  32  ASP ASP A . n 
A 1 34  ARG 34  33  33  ARG ARG A . n 
A 1 35  LEU 35  34  34  LEU LEU A . n 
A 1 36  ALA 36  35  35  ALA ALA A . n 
A 1 37  VAL 37  36  36  VAL VAL A . n 
A 1 38  LEU 38  37  37  LEU LEU A . n 
A 1 39  PRO 39  38  38  PRO PRO A . n 
A 1 40  ARG 40  39  39  ARG ARG A . n 
A 1 41  HIS 41  40  40  HIS HIS A . n 
A 1 42  SER 42  41  41  SER SER A . n 
A 1 43  GLN 43  42  42  GLN GLN A . n 
A 1 44  PRO 44  43  43  PRO PRO A . n 
A 1 45  GLY 45  44  44  GLY GLY A . n 
A 1 46  LYS 46  45  45  LYS LYS A . n 
A 1 47  THR 47  46  46  THR THR A . n 
A 1 48  ILE 48  47  47  ILE ILE A . n 
A 1 49  TRP 49  48  48  TRP TRP A . n 
A 1 50  ILE 50  49  49  ILE ILE A . n 
A 1 51  GLU 51  50  50  GLU GLU A . n 
A 1 52  HIS 52  51  51  HIS HIS A . n 
A 1 53  LYS 53  52  52  LYS LYS A . n 
A 1 54  LEU 54  53  53  LEU LEU A . n 
A 1 55  VAL 55  54  54  VAL VAL A . n 
A 1 56  ASN 56  55  55  ASN ASN A . n 
A 1 57  ILE 57  56  56  ILE ILE A . n 
A 1 58  LEU 58  57  57  LEU LEU A . n 
A 1 59  ASP 59  58  58  ASP ASP A . n 
A 1 60  ALA 60  59  59  ALA ALA A . n 
A 1 61  VAL 61  60  60  VAL VAL A . n 
A 1 62  GLU 62  61  61  GLU GLU A . n 
A 1 63  LEU 63  62  62  LEU LEU A . n 
A 1 64  VAL 64  63  63  VAL VAL A . n 
A 1 65  ASP 65  64  64  ASP ASP A . n 
A 1 66  GLU 66  65  65  GLU GLU A . n 
A 1 67  GLN 67  66  66  GLN GLN A . n 
A 1 68  GLY 68  67  67  GLY GLY A . n 
A 1 69  VAL 69  68  68  VAL VAL A . n 
A 1 70  ASN 70  69  69  ASN ASN A . n 
A 1 71  LEU 71  70  70  LEU LEU A . n 
A 1 72  GLU 72  71  71  GLU GLU A . n 
A 1 73  LEU 73  72  72  LEU LEU A . n 
A 1 74  THR 74  73  73  THR THR A . n 
A 1 75  LEU 75  74  74  LEU LEU A . n 
A 1 76  ILE 76  75  75  ILE ILE A . n 
A 1 77  THR 77  76  76  THR THR A . n 
A 1 78  LEU 78  77  77  LEU LEU A . n 
A 1 79  ASP 79  78  78  ASP ASP A . n 
A 1 80  THR 80  79  79  THR THR A . n 
A 1 81  ASN 81  80  80  ASN ASN A . n 
A 1 82  GLU 82  81  81  GLU GLU A . n 
A 1 83  LYS 83  82  82  LYS LYS A . n 
A 1 84  PHE 84  83  83  PHE PHE A . n 
A 1 85  ARG 85  84  84  ARG ARG A . n 
A 1 86  ASP 86  85  85  ASP ASP A . n 
A 1 87  ILE 87  86  86  ILE ILE A . n 
A 1 88  THR 88  87  87  THR THR A . n 
A 1 89  LYS 89  88  88  LYS LYS A . n 
A 1 90  PHE 90  89  89  PHE PHE A . n 
A 1 91  ILE 91  90  90  ILE ILE A . n 
A 1 92  PRO 92  91  91  PRO PRO A . n 
A 1 93  GLU 93  92  92  GLU GLU A . n 
A 1 94  ASN 94  93  93  ASN ASN A . n 
A 1 95  ILE 95  94  94  ILE ILE A . n 
A 1 96  SER 96  95  95  SER SER A . n 
A 1 97  THR 97  96  96  THR THR A . n 
A 1 98  ALA 98  97  97  ALA ALA A . n 
A 1 99  SER 99  98  98  SER SER A . n 
A 1 100 ASP 100 99  99  ASP ASP A . n 
A 1 101 ALA 101 100 100 ALA ALA A . n 
A 1 102 THR 102 101 101 THR THR A . n 
A 1 103 LEU 103 102 102 LEU LEU A . n 
A 1 104 VAL 104 103 103 VAL VAL A . n 
A 1 105 ILE 105 104 104 ILE ILE A . n 
A 1 106 ASN 106 105 105 ASN ASN A . n 
A 1 107 THR 107 106 106 THR THR A . n 
A 1 108 GLU 108 107 107 GLU GLU A . n 
A 1 109 HIS 109 108 108 HIS HIS A . n 
A 1 110 MET 110 109 109 MET MET A . n 
A 1 111 PRO 111 110 110 PRO PRO A . n 
A 1 112 SER 112 111 111 SER SER A . n 
A 1 113 MET 113 112 112 MET MET A . n 
A 1 114 PHE 114 113 113 PHE PHE A . n 
A 1 115 VAL 115 114 114 VAL VAL A . n 
A 1 116 PRO 116 115 115 PRO PRO A . n 
A 1 117 VAL 117 116 116 VAL VAL A . n 
A 1 118 GLY 118 117 117 GLY GLY A . n 
A 1 119 ASP 119 118 118 ASP ASP A . n 
A 1 120 VAL 120 119 119 VAL VAL A . n 
A 1 121 VAL 121 120 120 VAL VAL A . n 
A 1 122 GLN 122 121 121 GLN GLN A . n 
A 1 123 TYR 123 122 122 TYR TYR A . n 
A 1 124 GLY 124 123 123 GLY GLY A . n 
A 1 125 PHE 125 124 124 PHE PHE A . n 
A 1 126 LEU 126 125 125 LEU LEU A . n 
A 1 127 ASN 127 126 126 ASN ASN A . n 
A 1 128 LEU 128 127 127 LEU LEU A . n 
A 1 129 SER 129 128 128 SER SER A . n 
A 1 130 GLY 130 129 129 GLY GLY A . n 
A 1 131 LYS 131 130 130 LYS LYS A . n 
A 1 132 PRO 132 131 131 PRO PRO A . n 
A 1 133 THR 133 132 132 THR THR A . n 
A 1 134 HIS 134 133 133 HIS HIS A . n 
A 1 135 ARG 135 134 134 ARG ARG A . n 
A 1 136 THR 136 135 135 THR THR A . n 
A 1 137 MET 137 136 136 MET MET A . n 
A 1 138 MET 138 137 137 MET MET A . n 
A 1 139 TYR 139 138 138 TYR TYR A . n 
A 1 140 ASN 140 139 139 ASN ASN A . n 
A 1 141 PHE 141 140 140 PHE PHE A . n 
A 1 142 PRO 142 141 141 PRO PRO A . n 
A 1 143 THR 143 142 142 THR THR A . n 
A 1 144 LYS 144 143 143 LYS LYS A . n 
A 1 145 ALA 145 144 144 ALA ALA A . n 
A 1 146 GLY 146 145 145 GLY GLY A . n 
A 1 147 GLN 147 146 146 GLN GLN A . n 
A 1 148 CYS 148 147 147 CYS CYS A . n 
A 1 149 GLY 149 148 148 GLY GLY A . n 
A 1 150 GLY 150 149 149 GLY GLY A . n 
A 1 151 VAL 151 150 150 VAL VAL A . n 
A 1 152 VAL 152 151 151 VAL VAL A . n 
A 1 153 THR 153 152 152 THR THR A . n 
A 1 154 SER 154 153 153 SER SER A . n 
A 1 155 VAL 155 154 154 VAL VAL A . n 
A 1 156 GLY 156 155 155 GLY GLY A . n 
A 1 157 LYS 157 156 156 LYS LYS A . n 
A 1 158 VAL 158 157 157 VAL VAL A . n 
A 1 159 ILE 159 158 158 ILE ILE A . n 
A 1 160 GLY 160 159 159 GLY GLY A . n 
A 1 161 ILE 161 160 160 ILE ILE A . n 
A 1 162 HIS 162 161 161 HIS HIS A . n 
A 1 163 ILE 163 162 162 ILE ILE A . n 
A 1 164 GLY 164 163 163 GLY GLY A . n 
A 1 165 GLY 165 164 164 GLY GLY A . n 
A 1 166 ASN 166 165 165 ASN ASN A . n 
A 1 167 GLY 167 166 166 GLY GLY A . n 
A 1 168 ARG 168 167 167 ARG ARG A . n 
A 1 169 GLN 169 168 168 GLN GLN A . n 
A 1 170 GLY 170 169 169 GLY GLY A . n 
A 1 171 PHE 171 170 170 PHE PHE A . n 
A 1 172 CYS 172 171 171 CYS CYS A . n 
A 1 173 ALA 173 172 172 ALA ALA A . n 
A 1 174 GLY 174 173 173 GLY GLY A . n 
A 1 175 LEU 175 174 174 LEU LEU A . n 
A 1 176 LYS 176 175 175 LYS LYS A . n 
A 1 177 ARG 177 176 176 ARG ARG A . n 
A 1 178 SER 178 177 177 SER SER A . n 
A 1 179 TYR 179 178 178 TYR TYR A . n 
A 1 180 PHE 180 179 179 PHE PHE A . n 
A 1 181 ALA 181 180 180 ALA ALA A . n 
A 1 182 SER 182 181 ?   ?   ?   A . n 
A 1 183 GLU 183 182 ?   ?   ?   A . n 
A 1 184 GLN 184 183 ?   ?   ?   A . n 
A 1 185 LEU 185 184 ?   ?   ?   A . n 
A 1 186 GLU 186 185 ?   ?   ?   A . n 
A 1 187 HIS 187 186 ?   ?   ?   A . n 
A 1 188 HIS 188 187 ?   ?   ?   A . n 
A 1 189 HIS 189 188 ?   ?   ?   A . n 
A 1 190 HIS 190 189 ?   ?   ?   A . n 
A 1 191 HIS 191 190 ?   ?   ?   A . n 
A 1 192 HIS 192 191 ?   ?   ?   A . n 
# 
loop_
_pdbx_nonpoly_scheme.asym_id 
_pdbx_nonpoly_scheme.entity_id 
_pdbx_nonpoly_scheme.mon_id 
_pdbx_nonpoly_scheme.ndb_seq_num 
_pdbx_nonpoly_scheme.pdb_seq_num 
_pdbx_nonpoly_scheme.auth_seq_num 
_pdbx_nonpoly_scheme.pdb_mon_id 
_pdbx_nonpoly_scheme.auth_mon_id 
_pdbx_nonpoly_scheme.pdb_strand_id 
_pdbx_nonpoly_scheme.pdb_ins_code 
B 2 5ED 1  201 1  5ED 337 A . 
C 3 HOH 1  301 43 HOH HOH A . 
C 3 HOH 2  302 18 HOH HOH A . 
C 3 HOH 3  303 19 HOH HOH A . 
C 3 HOH 4  304 34 HOH HOH A . 
C 3 HOH 5  305 22 HOH HOH A . 
C 3 HOH 6  306 11 HOH HOH A . 
C 3 HOH 7  307 26 HOH HOH A . 
C 3 HOH 8  308 20 HOH HOH A . 
C 3 HOH 9  309 35 HOH HOH A . 
C 3 HOH 10 310 13 HOH HOH A . 
C 3 HOH 11 311 21 HOH HOH A . 
C 3 HOH 12 312 12 HOH HOH A . 
C 3 HOH 13 313 24 HOH HOH A . 
C 3 HOH 14 314 25 HOH HOH A . 
C 3 HOH 15 315 9  HOH HOH A . 
C 3 HOH 16 316 32 HOH HOH A . 
C 3 HOH 17 317 6  HOH HOH A . 
C 3 HOH 18 318 8  HOH HOH A . 
C 3 HOH 19 319 40 HOH HOH A . 
C 3 HOH 20 320 1  HOH HOH A . 
C 3 HOH 21 321 7  HOH HOH A . 
C 3 HOH 22 322 23 HOH HOH A . 
C 3 HOH 23 323 14 HOH HOH A . 
C 3 HOH 24 324 4  HOH HOH A . 
C 3 HOH 25 325 39 HOH HOH A . 
C 3 HOH 26 326 36 HOH HOH A . 
C 3 HOH 27 327 44 HOH HOH A . 
C 3 HOH 28 328 16 HOH HOH A . 
C 3 HOH 29 329 10 HOH HOH A . 
C 3 HOH 30 330 33 HOH HOH A . 
C 3 HOH 31 331 27 HOH HOH A . 
C 3 HOH 32 332 17 HOH HOH A . 
C 3 HOH 33 333 5  HOH HOH A . 
C 3 HOH 34 334 2  HOH HOH A . 
C 3 HOH 35 335 3  HOH HOH A . 
C 3 HOH 36 336 42 HOH HOH A . 
C 3 HOH 37 337 41 HOH HOH A . 
C 3 HOH 38 338 38 HOH HOH A . 
C 3 HOH 39 339 30 HOH HOH A . 
C 3 HOH 40 340 28 HOH HOH A . 
C 3 HOH 41 341 31 HOH HOH A . 
C 3 HOH 42 342 37 HOH HOH A . 
C 3 HOH 43 343 15 HOH HOH A . 
C 3 HOH 44 344 29 HOH HOH A . 
# 
loop_
_software.citation_id 
_software.classification 
_software.compiler_name 
_software.compiler_version 
_software.contact_author 
_software.contact_author_email 
_software.date 
_software.description 
_software.dependencies 
_software.hardware 
_software.language 
_software.location 
_software.mods 
_software.name 
_software.os 
_software.os_version 
_software.type 
_software.version 
_software.pdbx_ordinal 
? refinement        ? ? ? ? ? ? ? ? ? ? ? REFMAC      ? ? ? 5.8.0049 1 
? 'data scaling'    ? ? ? ? ? ? ? ? ? ? ? HKL-2000    ? ? ? .        2 
? 'data extraction' ? ? ? ? ? ? ? ? ? ? ? PDB_EXTRACT ? ? ? 3.15     3 
# 
_cell.entry_id           5DP8 
_cell.length_a           63.945 
_cell.length_b           64.976 
_cell.length_c           75.606 
_cell.angle_alpha        90.00 
_cell.angle_beta         90.00 
_cell.angle_gamma        90.00 
_cell.Z_PDB              8 
_cell.pdbx_unique_axis   ? 
# 
_symmetry.entry_id                         5DP8 
_symmetry.space_group_name_H-M             'C 2 2 21' 
_symmetry.pdbx_full_space_group_name_H-M   ? 
_symmetry.cell_setting                     ? 
_symmetry.Int_Tables_number                20 
# 
_exptl.absorpt_coefficient_mu     ? 
_exptl.absorpt_correction_T_max   ? 
_exptl.absorpt_correction_T_min   ? 
_exptl.absorpt_correction_type    ? 
_exptl.absorpt_process_details    ? 
_exptl.entry_id                   5DP8 
_exptl.crystals_number            1 
_exptl.details                    ? 
_exptl.method                     'X-RAY DIFFRACTION' 
_exptl.method_details             ? 
# 
_exptl_crystal.colour                      ? 
_exptl_crystal.density_diffrn              ? 
_exptl_crystal.density_Matthews            1.97 
_exptl_crystal.density_method              ? 
_exptl_crystal.density_percent_sol         32.99 
_exptl_crystal.description                 ? 
_exptl_crystal.F_000                       ? 
_exptl_crystal.id                          1 
_exptl_crystal.preparation                 ? 
_exptl_crystal.size_max                    ? 
_exptl_crystal.size_mid                    ? 
_exptl_crystal.size_min                    ? 
_exptl_crystal.size_rad                    ? 
_exptl_crystal.colour_lustre               ? 
_exptl_crystal.colour_modifier             ? 
_exptl_crystal.colour_primary              ? 
_exptl_crystal.density_meas                ? 
_exptl_crystal.density_meas_esd            ? 
_exptl_crystal.density_meas_gt             ? 
_exptl_crystal.density_meas_lt             ? 
_exptl_crystal.density_meas_temp           ? 
_exptl_crystal.density_meas_temp_esd       ? 
_exptl_crystal.density_meas_temp_gt        ? 
_exptl_crystal.density_meas_temp_lt        ? 
_exptl_crystal.pdbx_crystal_image_url      ? 
_exptl_crystal.pdbx_crystal_image_format   ? 
_exptl_crystal.pdbx_mosaicity              ? 
_exptl_crystal.pdbx_mosaicity_esd          ? 
# 
_exptl_crystal_grow.apparatus       ? 
_exptl_crystal_grow.atmosphere      ? 
_exptl_crystal_grow.crystal_id      1 
_exptl_crystal_grow.details         ? 
_exptl_crystal_grow.method          'VAPOR DIFFUSION, HANGING DROP' 
_exptl_crystal_grow.method_ref      ? 
_exptl_crystal_grow.pH              8.5 
_exptl_crystal_grow.pressure        ? 
_exptl_crystal_grow.pressure_esd    ? 
_exptl_crystal_grow.seeding         ? 
_exptl_crystal_grow.seeding_ref     ? 
_exptl_crystal_grow.temp            289 
_exptl_crystal_grow.temp_details    ? 
_exptl_crystal_grow.temp_esd        ? 
_exptl_crystal_grow.time            ? 
_exptl_crystal_grow.pdbx_details    '100mM Tris, 25% PEG4000, 0.8M lithium chloride' 
_exptl_crystal_grow.pdbx_pH_range   ? 
# 
_diffrn.ambient_environment    ? 
_diffrn.ambient_temp           100 
_diffrn.ambient_temp_details   ? 
_diffrn.ambient_temp_esd       ? 
_diffrn.crystal_id             1 
_diffrn.crystal_support        ? 
_diffrn.crystal_treatment      ? 
_diffrn.details                ? 
_diffrn.id                     1 
_diffrn.ambient_pressure       ? 
_diffrn.ambient_pressure_esd   ? 
_diffrn.ambient_pressure_gt    ? 
_diffrn.ambient_pressure_lt    ? 
_diffrn.ambient_temp_gt        ? 
_diffrn.ambient_temp_lt        ? 
# 
_diffrn_detector.details                      mirrors 
_diffrn_detector.detector                     'IMAGE PLATE' 
_diffrn_detector.diffrn_id                    1 
_diffrn_detector.type                         'MAR scanner 345 mm plate' 
_diffrn_detector.area_resol_mean              ? 
_diffrn_detector.dtime                        ? 
_diffrn_detector.pdbx_frames_total            ? 
_diffrn_detector.pdbx_collection_time_total   ? 
_diffrn_detector.pdbx_collection_date         2013-08-29 
# 
_diffrn_radiation.collimation                      ? 
_diffrn_radiation.diffrn_id                        1 
_diffrn_radiation.filter_edge                      ? 
_diffrn_radiation.inhomogeneity                    ? 
_diffrn_radiation.monochromator                    'Ni FILTER' 
_diffrn_radiation.polarisn_norm                    ? 
_diffrn_radiation.polarisn_ratio                   ? 
_diffrn_radiation.probe                            ? 
_diffrn_radiation.type                             ? 
_diffrn_radiation.xray_symbol                      ? 
_diffrn_radiation.wavelength_id                    1 
_diffrn_radiation.pdbx_monochromatic_or_laue_m_l   M 
_diffrn_radiation.pdbx_wavelength_list             ? 
_diffrn_radiation.pdbx_wavelength                  ? 
_diffrn_radiation.pdbx_diffrn_protocol             'SINGLE WAVELENGTH' 
_diffrn_radiation.pdbx_analyzer                    ? 
_diffrn_radiation.pdbx_scattering_type             x-ray 
# 
_diffrn_radiation_wavelength.id           1 
_diffrn_radiation_wavelength.wavelength   1.5418 
_diffrn_radiation_wavelength.wt           1.0 
# 
_diffrn_source.current                     ? 
_diffrn_source.details                     ? 
_diffrn_source.diffrn_id                   1 
_diffrn_source.power                       ? 
_diffrn_source.size                        ? 
_diffrn_source.source                      'ROTATING ANODE' 
_diffrn_source.target                      ? 
_diffrn_source.type                        'RIGAKU MICROMAX-007 HF' 
_diffrn_source.voltage                     ? 
_diffrn_source.take-off_angle              ? 
_diffrn_source.pdbx_wavelength_list        1.5418 
_diffrn_source.pdbx_wavelength             ? 
_diffrn_source.pdbx_synchrotron_beamline   ? 
_diffrn_source.pdbx_synchrotron_site       ? 
# 
_reflns.B_iso_Wilson_estimate            ? 
_reflns.entry_id                         5DP8 
_reflns.data_reduction_details           ? 
_reflns.data_reduction_method            ? 
_reflns.d_resolution_high                2.4 
_reflns.d_resolution_low                 50 
_reflns.details                          ? 
_reflns.limit_h_max                      ? 
_reflns.limit_h_min                      ? 
_reflns.limit_k_max                      ? 
_reflns.limit_k_min                      ? 
_reflns.limit_l_max                      ? 
_reflns.limit_l_min                      ? 
_reflns.number_all                       ? 
_reflns.number_obs                       5870 
_reflns.observed_criterion               ? 
_reflns.observed_criterion_F_max         ? 
_reflns.observed_criterion_F_min         ? 
_reflns.observed_criterion_I_max         ? 
_reflns.observed_criterion_I_min         ? 
_reflns.observed_criterion_sigma_F       ? 
_reflns.observed_criterion_sigma_I       ? 
_reflns.percent_possible_obs             95.8 
_reflns.R_free_details                   ? 
_reflns.Rmerge_F_all                     ? 
_reflns.Rmerge_F_obs                     ? 
_reflns.Friedel_coverage                 ? 
_reflns.number_gt                        ? 
_reflns.threshold_expression             ? 
_reflns.pdbx_redundancy                  3.5 
_reflns.pdbx_Rmerge_I_obs                ? 
_reflns.pdbx_Rmerge_I_all                ? 
_reflns.pdbx_Rsym_value                  ? 
_reflns.pdbx_netI_over_av_sigmaI         ? 
_reflns.pdbx_netI_over_sigmaI            5.4 
_reflns.pdbx_res_netI_over_av_sigmaI_2   ? 
_reflns.pdbx_res_netI_over_sigmaI_2      ? 
_reflns.pdbx_chi_squared                 ? 
_reflns.pdbx_scaling_rejects             ? 
_reflns.pdbx_d_res_high_opt              ? 
_reflns.pdbx_d_res_low_opt               ? 
_reflns.pdbx_d_res_opt_method            ? 
_reflns.phase_calculation_details        ? 
_reflns.pdbx_Rrim_I_all                  ? 
_reflns.pdbx_Rpim_I_all                  ? 
_reflns.pdbx_d_opt                       ? 
_reflns.pdbx_number_measured_all         ? 
_reflns.pdbx_diffrn_id                   1 
_reflns.pdbx_ordinal                     1 
_reflns.pdbx_CC_half                     ? 
_reflns.pdbx_R_split                     ? 
# 
_reflns_shell.d_res_high                  2.4 
_reflns_shell.d_res_low                   2.4 
_reflns_shell.meanI_over_sigI_all         ? 
_reflns_shell.meanI_over_sigI_obs         ? 
_reflns_shell.number_measured_all         ? 
_reflns_shell.number_measured_obs         ? 
_reflns_shell.number_possible             ? 
_reflns_shell.number_unique_all           ? 
_reflns_shell.number_unique_obs           ? 
_reflns_shell.percent_possible_all        95.8 
_reflns_shell.percent_possible_obs        ? 
_reflns_shell.Rmerge_F_all                ? 
_reflns_shell.Rmerge_F_obs                ? 
_reflns_shell.Rmerge_I_all                ? 
_reflns_shell.Rmerge_I_obs                ? 
_reflns_shell.meanI_over_sigI_gt          ? 
_reflns_shell.meanI_over_uI_all           ? 
_reflns_shell.meanI_over_uI_gt            ? 
_reflns_shell.number_measured_gt          ? 
_reflns_shell.number_unique_gt            ? 
_reflns_shell.percent_possible_gt         ? 
_reflns_shell.Rmerge_F_gt                 ? 
_reflns_shell.Rmerge_I_gt                 ? 
_reflns_shell.pdbx_redundancy             ? 
_reflns_shell.pdbx_Rsym_value             ? 
_reflns_shell.pdbx_chi_squared            ? 
_reflns_shell.pdbx_netI_over_sigmaI_all   ? 
_reflns_shell.pdbx_netI_over_sigmaI_obs   ? 
_reflns_shell.pdbx_Rrim_I_all             ? 
_reflns_shell.pdbx_Rpim_I_all             ? 
_reflns_shell.pdbx_rejects                ? 
_reflns_shell.pdbx_ordinal                1 
_reflns_shell.pdbx_diffrn_id              1 
_reflns_shell.pdbx_CC_half                ? 
_reflns_shell.pdbx_R_split                ? 
# 
_refine.pdbx_refine_id                           'X-RAY DIFFRACTION' 
_refine.entry_id                                 5DP8 
_refine.pdbx_diffrn_id                           1 
_refine.pdbx_TLS_residual_ADP_flag               ? 
_refine.ls_number_reflns_obs                     5870 
_refine.ls_number_reflns_all                     ? 
_refine.pdbx_ls_sigma_I                          ? 
_refine.pdbx_ls_sigma_F                          ? 
_refine.pdbx_data_cutoff_high_absF               ? 
_refine.pdbx_data_cutoff_low_absF                ? 
_refine.pdbx_data_cutoff_high_rms_absF           ? 
_refine.ls_d_res_low                             39.03 
_refine.ls_d_res_high                            2.40 
_refine.ls_percent_reflns_obs                    96.07 
_refine.ls_R_factor_obs                          0.21137 
_refine.ls_R_factor_all                          ? 
_refine.ls_R_factor_R_work                       0.20830 
_refine.ls_R_factor_R_free                       0.27577 
_refine.ls_R_factor_R_free_error                 ? 
_refine.ls_R_factor_R_free_error_details         ? 
_refine.ls_percent_reflns_R_free                 4.7 
_refine.ls_number_reflns_R_free                  290 
_refine.ls_number_parameters                     ? 
_refine.ls_number_restraints                     ? 
_refine.occupancy_min                            ? 
_refine.occupancy_max                            ? 
_refine.correlation_coeff_Fo_to_Fc               0.935 
_refine.correlation_coeff_Fo_to_Fc_free          0.893 
_refine.B_iso_mean                               37.288 
_refine.aniso_B[1][1]                            -1.11 
_refine.aniso_B[2][2]                            3.69 
_refine.aniso_B[3][3]                            -2.58 
_refine.aniso_B[1][2]                            0.00 
_refine.aniso_B[1][3]                            0.00 
_refine.aniso_B[2][3]                            0.00 
_refine.solvent_model_details                    MASK 
_refine.solvent_model_param_ksol                 ? 
_refine.solvent_model_param_bsol                 ? 
_refine.pdbx_solvent_vdw_probe_radii             1.20 
_refine.pdbx_solvent_ion_probe_radii             0.80 
_refine.pdbx_solvent_shrinkage_radii             0.80 
_refine.pdbx_ls_cross_valid_method               THROUGHOUT 
_refine.details                                  
'HYDROGENS HAVE BEEN ADDED IN THE RIDING POSITIONS U VALUES      : REFINED INDIVIDUALLY' 
_refine.pdbx_starting_model                      4GHQ 
_refine.pdbx_method_to_determine_struct          'MOLECULAR REPLACEMENT' 
_refine.pdbx_isotropic_thermal_model             ? 
_refine.pdbx_stereochemistry_target_values       'MAXIMUM LIKELIHOOD' 
_refine.pdbx_stereochem_target_val_spec_case     ? 
_refine.pdbx_R_Free_selection_details            RANDOM 
_refine.pdbx_overall_ESU_R                       ? 
_refine.pdbx_overall_ESU_R_Free                  0.342 
_refine.overall_SU_ML                            0.253 
_refine.pdbx_overall_phase_error                 ? 
_refine.overall_SU_B                             11.189 
_refine.overall_SU_R_Cruickshank_DPI             ? 
_refine.pdbx_overall_SU_R_free_Cruickshank_DPI   ? 
_refine.pdbx_overall_SU_R_Blow_DPI               ? 
_refine.pdbx_overall_SU_R_free_Blow_DPI          ? 
# 
_refine_hist.pdbx_refine_id                   'X-RAY DIFFRACTION' 
_refine_hist.cycle_id                         LAST 
_refine_hist.pdbx_number_atoms_protein        1401 
_refine_hist.pdbx_number_atoms_nucleic_acid   0 
_refine_hist.pdbx_number_atoms_ligand         37 
_refine_hist.number_atoms_solvent             44 
_refine_hist.number_atoms_total               1482 
_refine_hist.d_res_high                       2.40 
_refine_hist.d_res_low                        39.03 
# 
loop_
_refine_ls_restr.type 
_refine_ls_restr.dev_ideal 
_refine_ls_restr.dev_ideal_target 
_refine_ls_restr.weight 
_refine_ls_restr.number 
_refine_ls_restr.pdbx_refine_id 
_refine_ls_restr.pdbx_restraint_function 
_refine_ls_restr.criterion 
_refine_ls_restr.rejects 
r_bond_refined_d             0.012  0.019  ? 1468 'X-RAY DIFFRACTION' ? ? ? 
r_bond_other_d               0.001  0.020  ? 1436 'X-RAY DIFFRACTION' ? ? ? 
r_angle_refined_deg          1.690  1.985  ? 1987 'X-RAY DIFFRACTION' ? ? ? 
r_angle_other_deg            0.970  3.000  ? 3296 'X-RAY DIFFRACTION' ? ? ? 
r_dihedral_angle_1_deg       6.551  5.000  ? 180  'X-RAY DIFFRACTION' ? ? ? 
r_dihedral_angle_2_deg       39.315 23.710 ? 62   'X-RAY DIFFRACTION' ? ? ? 
r_dihedral_angle_3_deg       16.790 15.000 ? 247  'X-RAY DIFFRACTION' ? ? ? 
r_dihedral_angle_4_deg       20.096 15.000 ? 10   'X-RAY DIFFRACTION' ? ? ? 
r_chiral_restr               0.084  0.200  ? 228  'X-RAY DIFFRACTION' ? ? ? 
r_gen_planes_refined         0.006  0.021  ? 1648 'X-RAY DIFFRACTION' ? ? ? 
r_gen_planes_other           0.001  0.020  ? 342  'X-RAY DIFFRACTION' ? ? ? 
r_nbd_refined                ?      ?      ? ?    'X-RAY DIFFRACTION' ? ? ? 
r_nbd_other                  ?      ?      ? ?    'X-RAY DIFFRACTION' ? ? ? 
r_nbtor_refined              ?      ?      ? ?    'X-RAY DIFFRACTION' ? ? ? 
r_nbtor_other                ?      ?      ? ?    'X-RAY DIFFRACTION' ? ? ? 
r_xyhbond_nbd_refined        ?      ?      ? ?    'X-RAY DIFFRACTION' ? ? ? 
r_xyhbond_nbd_other          ?      ?      ? ?    'X-RAY DIFFRACTION' ? ? ? 
r_metal_ion_refined          ?      ?      ? ?    'X-RAY DIFFRACTION' ? ? ? 
r_metal_ion_other            ?      ?      ? ?    'X-RAY DIFFRACTION' ? ? ? 
r_symmetry_vdw_refined       ?      ?      ? ?    'X-RAY DIFFRACTION' ? ? ? 
r_symmetry_vdw_other         ?      ?      ? ?    'X-RAY DIFFRACTION' ? ? ? 
r_symmetry_hbond_refined     ?      ?      ? ?    'X-RAY DIFFRACTION' ? ? ? 
r_symmetry_hbond_other       ?      ?      ? ?    'X-RAY DIFFRACTION' ? ? ? 
r_symmetry_metal_ion_refined ?      ?      ? ?    'X-RAY DIFFRACTION' ? ? ? 
r_symmetry_metal_ion_other   ?      ?      ? ?    'X-RAY DIFFRACTION' ? ? ? 
r_mcbond_it                  2.660  3.601  ? 723  'X-RAY DIFFRACTION' ? ? ? 
r_mcbond_other               2.661  3.599  ? 722  'X-RAY DIFFRACTION' ? ? ? 
r_mcangle_it                 4.222  5.389  ? 902  'X-RAY DIFFRACTION' ? ? ? 
r_mcangle_other              4.220  5.391  ? 903  'X-RAY DIFFRACTION' ? ? ? 
r_scbond_it                  2.770  3.909  ? 745  'X-RAY DIFFRACTION' ? ? ? 
r_scbond_other               2.769  3.912  ? 746  'X-RAY DIFFRACTION' ? ? ? 
r_scangle_it                 ?      ?      ? ?    'X-RAY DIFFRACTION' ? ? ? 
r_scangle_other              4.523  5.724  ? 1083 'X-RAY DIFFRACTION' ? ? ? 
r_long_range_B_refined       8.023  33.997 ? 6063 'X-RAY DIFFRACTION' ? ? ? 
r_long_range_B_other         8.025  34.002 ? 6058 'X-RAY DIFFRACTION' ? ? ? 
r_rigid_bond_restr           ?      ?      ? ?    'X-RAY DIFFRACTION' ? ? ? 
r_sphericity_free            ?      ?      ? ?    'X-RAY DIFFRACTION' ? ? ? 
r_sphericity_bonded          ?      ?      ? ?    'X-RAY DIFFRACTION' ? ? ? 
# 
_refine_ls_shell.pdbx_refine_id                   'X-RAY DIFFRACTION' 
_refine_ls_shell.pdbx_total_number_of_bins_used   20 
_refine_ls_shell.d_res_high                       2.400 
_refine_ls_shell.d_res_low                        2.462 
_refine_ls_shell.number_reflns_R_work             432 
_refine_ls_shell.R_factor_R_work                  0.313 
_refine_ls_shell.percent_reflns_obs               99.56 
_refine_ls_shell.R_factor_R_free                  0.390 
_refine_ls_shell.R_factor_R_free_error            ? 
_refine_ls_shell.percent_reflns_R_free            ? 
_refine_ls_shell.number_reflns_R_free             18 
_refine_ls_shell.number_reflns_all                ? 
_refine_ls_shell.R_factor_all                     ? 
_refine_ls_shell.R_factor_obs                     ? 
_refine_ls_shell.number_reflns_obs                ? 
# 
_struct.entry_id                     5DP8 
_struct.title                        'Crystal Structure of EV71 3C Proteinase in complex with compound 8' 
_struct.pdbx_model_details           ? 
_struct.pdbx_formula_weight          ? 
_struct.pdbx_formula_weight_method   ? 
_struct.pdbx_model_type_details      ? 
_struct.pdbx_CASP_flag               ? 
# 
_struct_keywords.entry_id        5DP8 
_struct_keywords.text            
'Hand, foot and mouth disease, 3C proteinase, peptidomimetics, drug design, rupintrivir, HYDROLASE-HYDROLASE INHIBITOR complex' 
_struct_keywords.pdbx_keywords   'HYDROLASE/HYDROLASE INHIBITOR' 
# 
loop_
_struct_asym.id 
_struct_asym.pdbx_blank_PDB_chainid_flag 
_struct_asym.pdbx_modified 
_struct_asym.entity_id 
_struct_asym.details 
A N N 1 ? 
B N N 2 ? 
C N N 3 ? 
# 
_struct_ref.id                         1 
_struct_ref.db_name                    UNP 
_struct_ref.db_code                    A9XG43_9ENTO 
_struct_ref.pdbx_db_accession          A9XG43 
_struct_ref.pdbx_db_isoform            ? 
_struct_ref.entity_id                  1 
_struct_ref.pdbx_seq_one_letter_code   
;GPSLDFALSLLRRNVRQVQTDQGHFTMLGVRDRLAVLPRHSQPGKTIWIEHKLVNILDAVELVDEQGVNLELTLITLDTN
EKFRDITKFIPENISTASDATLVINTEHMPSMFVPVGDVVQYGFLNLSGKPTHRTMMYNFPTKAGQCGGVVTSVGKVIGI
HIGGNGRQGFCAGLKRSYFASEQ
;
_struct_ref.pdbx_align_begin           1549 
# 
_struct_ref_seq.align_id                      1 
_struct_ref_seq.ref_id                        1 
_struct_ref_seq.pdbx_PDB_id_code              5DP8 
_struct_ref_seq.pdbx_strand_id                A 
_struct_ref_seq.seq_align_beg                 2 
_struct_ref_seq.pdbx_seq_align_beg_ins_code   ? 
_struct_ref_seq.seq_align_end                 184 
_struct_ref_seq.pdbx_seq_align_end_ins_code   ? 
_struct_ref_seq.pdbx_db_accession             A9XG43 
_struct_ref_seq.db_align_beg                  1549 
_struct_ref_seq.pdbx_db_align_beg_ins_code    ? 
_struct_ref_seq.db_align_end                  1731 
_struct_ref_seq.pdbx_db_align_end_ins_code    ? 
_struct_ref_seq.pdbx_auth_seq_align_beg       1 
_struct_ref_seq.pdbx_auth_seq_align_end       183 
# 
loop_
_struct_ref_seq_dif.align_id 
_struct_ref_seq_dif.pdbx_pdb_id_code 
_struct_ref_seq_dif.mon_id 
_struct_ref_seq_dif.pdbx_pdb_strand_id 
_struct_ref_seq_dif.seq_num 
_struct_ref_seq_dif.pdbx_pdb_ins_code 
_struct_ref_seq_dif.pdbx_seq_db_name 
_struct_ref_seq_dif.pdbx_seq_db_accession_code 
_struct_ref_seq_dif.db_mon_id 
_struct_ref_seq_dif.pdbx_seq_db_seq_num 
_struct_ref_seq_dif.details 
_struct_ref_seq_dif.pdbx_auth_seq_num 
_struct_ref_seq_dif.pdbx_ordinal 
1 5DP8 MET A 1   ? UNP A9XG43 ? ? 'expression tag' 0   1 
1 5DP8 LEU A 185 ? UNP A9XG43 ? ? 'expression tag' 184 2 
1 5DP8 GLU A 186 ? UNP A9XG43 ? ? 'expression tag' 185 3 
1 5DP8 HIS A 187 ? UNP A9XG43 ? ? 'expression tag' 186 4 
1 5DP8 HIS A 188 ? UNP A9XG43 ? ? 'expression tag' 187 5 
1 5DP8 HIS A 189 ? UNP A9XG43 ? ? 'expression tag' 188 6 
1 5DP8 HIS A 190 ? UNP A9XG43 ? ? 'expression tag' 189 7 
1 5DP8 HIS A 191 ? UNP A9XG43 ? ? 'expression tag' 190 8 
1 5DP8 HIS A 192 ? UNP A9XG43 ? ? 'expression tag' 191 9 
# 
_pdbx_struct_assembly.id                   1 
_pdbx_struct_assembly.details              author_defined_assembly 
_pdbx_struct_assembly.method_details       ? 
_pdbx_struct_assembly.oligomeric_details   monomeric 
_pdbx_struct_assembly.oligomeric_count     1 
# 
loop_
_pdbx_struct_assembly_prop.biol_id 
_pdbx_struct_assembly_prop.type 
_pdbx_struct_assembly_prop.value 
_pdbx_struct_assembly_prop.details 
1 'ABSA (A^2)' 0    ? 
1 MORE         0    ? 
1 'SSA (A^2)'  8360 ? 
# 
_pdbx_struct_assembly_gen.assembly_id       1 
_pdbx_struct_assembly_gen.oper_expression   1 
_pdbx_struct_assembly_gen.asym_id_list      A,B,C 
# 
_pdbx_struct_oper_list.id                   1 
_pdbx_struct_oper_list.type                 'identity operation' 
_pdbx_struct_oper_list.name                 1_555 
_pdbx_struct_oper_list.symmetry_operation   x,y,z 
_pdbx_struct_oper_list.matrix[1][1]         1.0000000000 
_pdbx_struct_oper_list.matrix[1][2]         0.0000000000 
_pdbx_struct_oper_list.matrix[1][3]         0.0000000000 
_pdbx_struct_oper_list.vector[1]            0.0000000000 
_pdbx_struct_oper_list.matrix[2][1]         0.0000000000 
_pdbx_struct_oper_list.matrix[2][2]         1.0000000000 
_pdbx_struct_oper_list.matrix[2][3]         0.0000000000 
_pdbx_struct_oper_list.vector[2]            0.0000000000 
_pdbx_struct_oper_list.matrix[3][1]         0.0000000000 
_pdbx_struct_oper_list.matrix[3][2]         0.0000000000 
_pdbx_struct_oper_list.matrix[3][3]         1.0000000000 
_pdbx_struct_oper_list.vector[3]            0.0000000000 
# 
loop_
_struct_conf.conf_type_id 
_struct_conf.id 
_struct_conf.pdbx_PDB_helix_id 
_struct_conf.beg_label_comp_id 
_struct_conf.beg_label_asym_id 
_struct_conf.beg_label_seq_id 
_struct_conf.pdbx_beg_PDB_ins_code 
_struct_conf.end_label_comp_id 
_struct_conf.end_label_asym_id 
_struct_conf.end_label_seq_id 
_struct_conf.pdbx_end_PDB_ins_code 
_struct_conf.beg_auth_comp_id 
_struct_conf.beg_auth_asym_id 
_struct_conf.beg_auth_seq_id 
_struct_conf.end_auth_comp_id 
_struct_conf.end_auth_asym_id 
_struct_conf.end_auth_seq_id 
_struct_conf.pdbx_PDB_helix_class 
_struct_conf.details 
_struct_conf.pdbx_PDB_helix_length 
HELX_P HELX_P1 AA1 GLY A 2   ? ASN A 15  ? GLY A 1   ASN A 14  1 ? 14 
HELX_P HELX_P2 AA2 HIS A 41  ? GLN A 43  ? HIS A 40  GLN A 42  5 ? 3  
HELX_P HELX_P3 AA3 ILE A 87  ? ILE A 91  ? ILE A 86  ILE A 90  5 ? 5  
HELX_P HELX_P4 AA4 LYS A 176 ? ALA A 181 ? LYS A 175 ALA A 180 5 ? 6  
# 
_struct_conf_type.id          HELX_P 
_struct_conf_type.criteria    ? 
_struct_conf_type.reference   ? 
# 
_struct_conn.id                            covale1 
_struct_conn.conn_type_id                  covale 
_struct_conn.pdbx_leaving_atom_flag        none 
_struct_conn.pdbx_PDB_id                   ? 
_struct_conn.ptnr1_label_asym_id           A 
_struct_conn.ptnr1_label_comp_id           CYS 
_struct_conn.ptnr1_label_seq_id            148 
_struct_conn.ptnr1_label_atom_id           SG 
_struct_conn.pdbx_ptnr1_label_alt_id       ? 
_struct_conn.pdbx_ptnr1_PDB_ins_code       ? 
_struct_conn.pdbx_ptnr1_standard_comp_id   ? 
_struct_conn.ptnr1_symmetry                1_555 
_struct_conn.ptnr2_label_asym_id           B 
_struct_conn.ptnr2_label_comp_id           5ED 
_struct_conn.ptnr2_label_seq_id            . 
_struct_conn.ptnr2_label_atom_id           C14 
_struct_conn.pdbx_ptnr2_label_alt_id       ? 
_struct_conn.pdbx_ptnr2_PDB_ins_code       ? 
_struct_conn.ptnr1_auth_asym_id            A 
_struct_conn.ptnr1_auth_comp_id            CYS 
_struct_conn.ptnr1_auth_seq_id             147 
_struct_conn.ptnr2_auth_asym_id            A 
_struct_conn.ptnr2_auth_comp_id            5ED 
_struct_conn.ptnr2_auth_seq_id             201 
_struct_conn.ptnr2_symmetry                1_555 
_struct_conn.pdbx_ptnr3_label_atom_id      ? 
_struct_conn.pdbx_ptnr3_label_seq_id       ? 
_struct_conn.pdbx_ptnr3_label_comp_id      ? 
_struct_conn.pdbx_ptnr3_label_asym_id      ? 
_struct_conn.pdbx_ptnr3_label_alt_id       ? 
_struct_conn.pdbx_ptnr3_PDB_ins_code       ? 
_struct_conn.details                       ? 
_struct_conn.pdbx_dist_value               1.823 
_struct_conn.pdbx_value_order              ? 
_struct_conn.pdbx_role                     ? 
# 
_struct_conn_type.id          covale 
_struct_conn_type.criteria    ? 
_struct_conn_type.reference   ? 
# 
_pdbx_modification_feature.ordinal                            1 
_pdbx_modification_feature.label_comp_id                      5ED 
_pdbx_modification_feature.label_asym_id                      B 
_pdbx_modification_feature.label_seq_id                       . 
_pdbx_modification_feature.label_alt_id                       ? 
_pdbx_modification_feature.modified_residue_label_comp_id     CYS 
_pdbx_modification_feature.modified_residue_label_asym_id     A 
_pdbx_modification_feature.modified_residue_label_seq_id      148 
_pdbx_modification_feature.modified_residue_label_alt_id      ? 
_pdbx_modification_feature.auth_comp_id                       5ED 
_pdbx_modification_feature.auth_asym_id                       A 
_pdbx_modification_feature.auth_seq_id                        201 
_pdbx_modification_feature.PDB_ins_code                       ? 
_pdbx_modification_feature.symmetry                           1_555 
_pdbx_modification_feature.modified_residue_auth_comp_id      CYS 
_pdbx_modification_feature.modified_residue_auth_asym_id      A 
_pdbx_modification_feature.modified_residue_auth_seq_id       147 
_pdbx_modification_feature.modified_residue_PDB_ins_code      ? 
_pdbx_modification_feature.modified_residue_symmetry          1_555 
_pdbx_modification_feature.comp_id_linking_atom               C14 
_pdbx_modification_feature.modified_residue_id_linking_atom   SG 
_pdbx_modification_feature.modified_residue_id                CYS 
_pdbx_modification_feature.ref_pcm_id                         1 
_pdbx_modification_feature.ref_comp_id                        5ED 
_pdbx_modification_feature.type                               None 
_pdbx_modification_feature.category                           'Covalent chemical modification' 
# 
loop_
_struct_sheet.id 
_struct_sheet.type 
_struct_sheet.number_strands 
_struct_sheet.details 
AA1 ? 7 ? 
AA2 ? 7 ? 
# 
loop_
_struct_sheet_order.sheet_id 
_struct_sheet_order.range_id_1 
_struct_sheet_order.range_id_2 
_struct_sheet_order.offset 
_struct_sheet_order.sense 
AA1 1 2 ? anti-parallel 
AA1 2 3 ? anti-parallel 
AA1 3 4 ? anti-parallel 
AA1 4 5 ? anti-parallel 
AA1 5 6 ? anti-parallel 
AA1 6 7 ? anti-parallel 
AA2 1 2 ? anti-parallel 
AA2 2 3 ? anti-parallel 
AA2 3 4 ? anti-parallel 
AA2 4 5 ? anti-parallel 
AA2 5 6 ? anti-parallel 
AA2 6 7 ? anti-parallel 
# 
loop_
_struct_sheet_range.sheet_id 
_struct_sheet_range.id 
_struct_sheet_range.beg_label_comp_id 
_struct_sheet_range.beg_label_asym_id 
_struct_sheet_range.beg_label_seq_id 
_struct_sheet_range.pdbx_beg_PDB_ins_code 
_struct_sheet_range.end_label_comp_id 
_struct_sheet_range.end_label_asym_id 
_struct_sheet_range.end_label_seq_id 
_struct_sheet_range.pdbx_end_PDB_ins_code 
_struct_sheet_range.beg_auth_comp_id 
_struct_sheet_range.beg_auth_asym_id 
_struct_sheet_range.beg_auth_seq_id 
_struct_sheet_range.end_auth_comp_id 
_struct_sheet_range.end_auth_asym_id 
_struct_sheet_range.end_auth_seq_id 
AA1 1 VAL A 16  ? THR A 21  ? VAL A 15  THR A 20  
AA1 2 GLY A 24  ? ARG A 32  ? GLY A 23  ARG A 31  
AA1 3 LEU A 35  ? PRO A 39  ? LEU A 34  PRO A 38  
AA1 4 ASN A 70  ? LEU A 78  ? ASN A 69  LEU A 77  
AA1 5 LYS A 53  ? VAL A 64  ? LYS A 52  VAL A 63  
AA1 6 THR A 47  ? ILE A 50  ? THR A 46  ILE A 49  
AA1 7 VAL A 16  ? THR A 21  ? VAL A 15  THR A 20  
AA2 1 ALA A 98  ? ILE A 105 ? ALA A 97  ILE A 104 
AA2 2 MET A 113 ? LEU A 128 ? MET A 112 LEU A 127 
AA2 3 LYS A 131 ? TYR A 139 ? LYS A 130 TYR A 138 
AA2 4 GLY A 170 ? GLY A 174 ? GLY A 169 GLY A 173 
AA2 5 LYS A 157 ? GLY A 165 ? LYS A 156 GLY A 164 
AA2 6 VAL A 151 ? SER A 154 ? VAL A 150 SER A 153 
AA2 7 ALA A 98  ? ILE A 105 ? ALA A 97  ILE A 104 
# 
loop_
_pdbx_struct_sheet_hbond.sheet_id 
_pdbx_struct_sheet_hbond.range_id_1 
_pdbx_struct_sheet_hbond.range_id_2 
_pdbx_struct_sheet_hbond.range_1_label_atom_id 
_pdbx_struct_sheet_hbond.range_1_label_comp_id 
_pdbx_struct_sheet_hbond.range_1_label_asym_id 
_pdbx_struct_sheet_hbond.range_1_label_seq_id 
_pdbx_struct_sheet_hbond.range_1_PDB_ins_code 
_pdbx_struct_sheet_hbond.range_1_auth_atom_id 
_pdbx_struct_sheet_hbond.range_1_auth_comp_id 
_pdbx_struct_sheet_hbond.range_1_auth_asym_id 
_pdbx_struct_sheet_hbond.range_1_auth_seq_id 
_pdbx_struct_sheet_hbond.range_2_label_atom_id 
_pdbx_struct_sheet_hbond.range_2_label_comp_id 
_pdbx_struct_sheet_hbond.range_2_label_asym_id 
_pdbx_struct_sheet_hbond.range_2_label_seq_id 
_pdbx_struct_sheet_hbond.range_2_PDB_ins_code 
_pdbx_struct_sheet_hbond.range_2_auth_atom_id 
_pdbx_struct_sheet_hbond.range_2_auth_comp_id 
_pdbx_struct_sheet_hbond.range_2_auth_asym_id 
_pdbx_struct_sheet_hbond.range_2_auth_seq_id 
AA1 1 2 N ARG A 17  ? N ARG A 16  O MET A 28  ? O MET A 27  
AA1 2 3 N LEU A 29  ? N LEU A 28  O VAL A 37  ? O VAL A 36  
AA1 3 4 N ALA A 36  ? N ALA A 35  O ILE A 76  ? O ILE A 75  
AA1 4 5 O THR A 77  ? O THR A 76  N LEU A 58  ? N LEU A 57  
AA1 5 6 O LYS A 53  ? O LYS A 52  N ILE A 50  ? N ILE A 49  
AA1 6 7 O TRP A 49  ? O TRP A 48  N GLN A 20  ? N GLN A 19  
AA2 1 2 N ILE A 105 ? N ILE A 104 O MET A 113 ? O MET A 112 
AA2 2 3 N LEU A 128 ? N LEU A 127 O LYS A 131 ? O LYS A 130 
AA2 3 4 N TYR A 139 ? N TYR A 138 O GLY A 170 ? O GLY A 169 
AA2 4 5 O PHE A 171 ? O PHE A 170 N GLY A 164 ? N GLY A 163 
AA2 5 6 O GLY A 160 ? O GLY A 159 N VAL A 152 ? N VAL A 151 
AA2 6 7 O THR A 153 ? O THR A 152 N THR A 102 ? N THR A 101 
# 
_struct_site.id                   AC1 
_struct_site.pdbx_evidence_code   Software 
_struct_site.pdbx_auth_asym_id    A 
_struct_site.pdbx_auth_comp_id    5ED 
_struct_site.pdbx_auth_seq_id     201 
_struct_site.pdbx_auth_ins_code   ? 
_struct_site.pdbx_num_residues    16 
_struct_site.details              'binding site for residue 5ED A 201' 
# 
loop_
_struct_site_gen.id 
_struct_site_gen.site_id 
_struct_site_gen.pdbx_num_res 
_struct_site_gen.label_comp_id 
_struct_site_gen.label_asym_id 
_struct_site_gen.label_seq_id 
_struct_site_gen.pdbx_auth_ins_code 
_struct_site_gen.auth_comp_id 
_struct_site_gen.auth_asym_id 
_struct_site_gen.auth_seq_id 
_struct_site_gen.label_atom_id 
_struct_site_gen.label_alt_id 
_struct_site_gen.symmetry 
_struct_site_gen.details 
1  AC1 16 ARG A 40  ? ARG A 39  . ? 1_555 ? 
2  AC1 16 HIS A 41  ? HIS A 40  . ? 1_555 ? 
3  AC1 16 GLU A 72  ? GLU A 71  . ? 1_555 ? 
4  AC1 16 ASN A 127 ? ASN A 126 . ? 1_555 ? 
5  AC1 16 LEU A 128 ? LEU A 127 . ? 1_555 ? 
6  AC1 16 SER A 129 ? SER A 128 . ? 1_555 ? 
7  AC1 16 THR A 143 ? THR A 142 . ? 1_555 ? 
8  AC1 16 LYS A 144 ? LYS A 143 . ? 1_555 ? 
9  AC1 16 ALA A 145 ? ALA A 144 . ? 1_555 ? 
10 AC1 16 GLY A 146 ? GLY A 145 . ? 1_555 ? 
11 AC1 16 CYS A 148 ? CYS A 147 . ? 1_555 ? 
12 AC1 16 HIS A 162 ? HIS A 161 . ? 1_555 ? 
13 AC1 16 ILE A 163 ? ILE A 162 . ? 1_555 ? 
14 AC1 16 GLY A 164 ? GLY A 163 . ? 1_555 ? 
15 AC1 16 GLY A 165 ? GLY A 164 . ? 1_555 ? 
16 AC1 16 HOH C .   ? HOH A 326 . ? 1_555 ? 
# 
_pdbx_entry_details.entry_id                   5DP8 
_pdbx_entry_details.compound_details           ? 
_pdbx_entry_details.source_details             ? 
_pdbx_entry_details.nonpolymer_details         ? 
_pdbx_entry_details.sequence_details           ? 
_pdbx_entry_details.has_ligand_of_interest     ? 
_pdbx_entry_details.has_protein_modification   Y 
# 
loop_
_pdbx_validate_torsion.id 
_pdbx_validate_torsion.PDB_model_num 
_pdbx_validate_torsion.auth_comp_id 
_pdbx_validate_torsion.auth_asym_id 
_pdbx_validate_torsion.auth_seq_id 
_pdbx_validate_torsion.PDB_ins_code 
_pdbx_validate_torsion.label_alt_id 
_pdbx_validate_torsion.phi 
_pdbx_validate_torsion.psi 
1 1 ASP A 32  ? ? 48.22   -123.68 
2 1 GLU A 50  ? ? 53.42   -69.35  
3 1 GLU A 71  ? ? 70.34   31.88   
4 1 SER A 111 ? ? 38.73   60.04   
5 1 TYR A 122 ? ? -131.67 -49.53  
6 1 SER A 153 ? ? -170.11 126.46  
# 
loop_
_pdbx_struct_special_symmetry.id 
_pdbx_struct_special_symmetry.PDB_model_num 
_pdbx_struct_special_symmetry.auth_asym_id 
_pdbx_struct_special_symmetry.auth_comp_id 
_pdbx_struct_special_symmetry.auth_seq_id 
_pdbx_struct_special_symmetry.PDB_ins_code 
_pdbx_struct_special_symmetry.label_asym_id 
_pdbx_struct_special_symmetry.label_comp_id 
_pdbx_struct_special_symmetry.label_seq_id 
1 1 A HOH 321 ? C HOH . 
2 1 A HOH 335 ? C HOH . 
3 1 A HOH 336 ? C HOH . 
# 
_pdbx_distant_solvent_atoms.id                                1 
_pdbx_distant_solvent_atoms.PDB_model_num                     1 
_pdbx_distant_solvent_atoms.auth_atom_id                      O 
_pdbx_distant_solvent_atoms.label_alt_id                      ? 
_pdbx_distant_solvent_atoms.auth_asym_id                      A 
_pdbx_distant_solvent_atoms.auth_comp_id                      HOH 
_pdbx_distant_solvent_atoms.auth_seq_id                       344 
_pdbx_distant_solvent_atoms.PDB_ins_code                      ? 
_pdbx_distant_solvent_atoms.neighbor_macromolecule_distance   5.93 
_pdbx_distant_solvent_atoms.neighbor_ligand_distance          . 
# 
loop_
_pdbx_unobs_or_zero_occ_residues.id 
_pdbx_unobs_or_zero_occ_residues.PDB_model_num 
_pdbx_unobs_or_zero_occ_residues.polymer_flag 
_pdbx_unobs_or_zero_occ_residues.occupancy_flag 
_pdbx_unobs_or_zero_occ_residues.auth_asym_id 
_pdbx_unobs_or_zero_occ_residues.auth_comp_id 
_pdbx_unobs_or_zero_occ_residues.auth_seq_id 
_pdbx_unobs_or_zero_occ_residues.PDB_ins_code 
_pdbx_unobs_or_zero_occ_residues.label_asym_id 
_pdbx_unobs_or_zero_occ_residues.label_comp_id 
_pdbx_unobs_or_zero_occ_residues.label_seq_id 
1  1 Y 1 A SER 181 ? A SER 182 
2  1 Y 1 A GLU 182 ? A GLU 183 
3  1 Y 1 A GLN 183 ? A GLN 184 
4  1 Y 1 A LEU 184 ? A LEU 185 
5  1 Y 1 A GLU 185 ? A GLU 186 
6  1 Y 1 A HIS 186 ? A HIS 187 
7  1 Y 1 A HIS 187 ? A HIS 188 
8  1 Y 1 A HIS 188 ? A HIS 189 
9  1 Y 1 A HIS 189 ? A HIS 190 
10 1 Y 1 A HIS 190 ? A HIS 191 
11 1 Y 1 A HIS 191 ? A HIS 192 
# 
loop_
_chem_comp_atom.comp_id 
_chem_comp_atom.atom_id 
_chem_comp_atom.type_symbol 
_chem_comp_atom.pdbx_aromatic_flag 
_chem_comp_atom.pdbx_stereo_config 
_chem_comp_atom.pdbx_ordinal 
5ED N1   N N N 1   
5ED C4   C Y N 2   
5ED C5   C Y N 3   
5ED C6   C Y N 4   
5ED C7   C Y N 5   
5ED C8   C Y N 6   
5ED C10  C N S 7   
5ED C13  C N N 8   
5ED C15  C N N 9   
5ED C17  C N N 10  
5ED C20  C N N 11  
5ED C22  C N N 12  
5ED C24  C N N 13  
5ED C26  C N N 14  
5ED C1   C N N 15  
5ED C2   C N S 16  
5ED C3   C N N 17  
5ED C9   C Y N 18  
5ED C11  C N N 19  
5ED C12  C N S 20  
5ED C14  C N N 21  
5ED C16  C N N 22  
5ED C18  C N N 23  
5ED C23  C N N 24  
5ED C25  C N N 25  
5ED O3   O N N 26  
5ED O2   O N N 27  
5ED C19  C N N 28  
5ED O1   O N N 29  
5ED N    N N N 30  
5ED O4   O N N 31  
5ED N2   N N N 32  
5ED O21  O N N 33  
5ED O5   O N N 34  
5ED N6   N N N 35  
5ED C21  C N N 36  
5ED C27  C N N 37  
5ED H1   H N N 38  
5ED H2   H N N 39  
5ED H3   H N N 40  
5ED H4   H N N 41  
5ED H5   H N N 42  
5ED H6   H N N 43  
5ED H7   H N N 44  
5ED H9   H N N 45  
5ED H10  H N N 46  
5ED H11  H N N 47  
5ED H12  H N N 48  
5ED H13  H N N 49  
5ED H14  H N N 50  
5ED H15  H N N 51  
5ED H16  H N N 52  
5ED H17  H N N 53  
5ED H18  H N N 54  
5ED H19  H N N 55  
5ED H20  H N N 56  
5ED H21  H N N 57  
5ED H23  H N N 58  
5ED H24  H N N 59  
5ED H25  H N N 60  
5ED H26  H N N 61  
5ED H27  H N N 62  
5ED H28  H N N 63  
5ED H29  H N N 64  
5ED H30  H N N 65  
5ED H31  H N N 66  
5ED H32  H N N 67  
5ED H33  H N N 68  
5ED H34  H N N 69  
5ED H35  H N N 70  
5ED H36  H N N 71  
5ED H37  H N N 72  
5ED H38  H N N 73  
ALA N    N N N 74  
ALA CA   C N S 75  
ALA C    C N N 76  
ALA O    O N N 77  
ALA CB   C N N 78  
ALA OXT  O N N 79  
ALA H    H N N 80  
ALA H2   H N N 81  
ALA HA   H N N 82  
ALA HB1  H N N 83  
ALA HB2  H N N 84  
ALA HB3  H N N 85  
ALA HXT  H N N 86  
ARG N    N N N 87  
ARG CA   C N S 88  
ARG C    C N N 89  
ARG O    O N N 90  
ARG CB   C N N 91  
ARG CG   C N N 92  
ARG CD   C N N 93  
ARG NE   N N N 94  
ARG CZ   C N N 95  
ARG NH1  N N N 96  
ARG NH2  N N N 97  
ARG OXT  O N N 98  
ARG H    H N N 99  
ARG H2   H N N 100 
ARG HA   H N N 101 
ARG HB2  H N N 102 
ARG HB3  H N N 103 
ARG HG2  H N N 104 
ARG HG3  H N N 105 
ARG HD2  H N N 106 
ARG HD3  H N N 107 
ARG HE   H N N 108 
ARG HH11 H N N 109 
ARG HH12 H N N 110 
ARG HH21 H N N 111 
ARG HH22 H N N 112 
ARG HXT  H N N 113 
ASN N    N N N 114 
ASN CA   C N S 115 
ASN C    C N N 116 
ASN O    O N N 117 
ASN CB   C N N 118 
ASN CG   C N N 119 
ASN OD1  O N N 120 
ASN ND2  N N N 121 
ASN OXT  O N N 122 
ASN H    H N N 123 
ASN H2   H N N 124 
ASN HA   H N N 125 
ASN HB2  H N N 126 
ASN HB3  H N N 127 
ASN HD21 H N N 128 
ASN HD22 H N N 129 
ASN HXT  H N N 130 
ASP N    N N N 131 
ASP CA   C N S 132 
ASP C    C N N 133 
ASP O    O N N 134 
ASP CB   C N N 135 
ASP CG   C N N 136 
ASP OD1  O N N 137 
ASP OD2  O N N 138 
ASP OXT  O N N 139 
ASP H    H N N 140 
ASP H2   H N N 141 
ASP HA   H N N 142 
ASP HB2  H N N 143 
ASP HB3  H N N 144 
ASP HD2  H N N 145 
ASP HXT  H N N 146 
CYS N    N N N 147 
CYS CA   C N R 148 
CYS C    C N N 149 
CYS O    O N N 150 
CYS CB   C N N 151 
CYS SG   S N N 152 
CYS OXT  O N N 153 
CYS H    H N N 154 
CYS H2   H N N 155 
CYS HA   H N N 156 
CYS HB2  H N N 157 
CYS HB3  H N N 158 
CYS HG   H N N 159 
CYS HXT  H N N 160 
GLN N    N N N 161 
GLN CA   C N S 162 
GLN C    C N N 163 
GLN O    O N N 164 
GLN CB   C N N 165 
GLN CG   C N N 166 
GLN CD   C N N 167 
GLN OE1  O N N 168 
GLN NE2  N N N 169 
GLN OXT  O N N 170 
GLN H    H N N 171 
GLN H2   H N N 172 
GLN HA   H N N 173 
GLN HB2  H N N 174 
GLN HB3  H N N 175 
GLN HG2  H N N 176 
GLN HG3  H N N 177 
GLN HE21 H N N 178 
GLN HE22 H N N 179 
GLN HXT  H N N 180 
GLU N    N N N 181 
GLU CA   C N S 182 
GLU C    C N N 183 
GLU O    O N N 184 
GLU CB   C N N 185 
GLU CG   C N N 186 
GLU CD   C N N 187 
GLU OE1  O N N 188 
GLU OE2  O N N 189 
GLU OXT  O N N 190 
GLU H    H N N 191 
GLU H2   H N N 192 
GLU HA   H N N 193 
GLU HB2  H N N 194 
GLU HB3  H N N 195 
GLU HG2  H N N 196 
GLU HG3  H N N 197 
GLU HE2  H N N 198 
GLU HXT  H N N 199 
GLY N    N N N 200 
GLY CA   C N N 201 
GLY C    C N N 202 
GLY O    O N N 203 
GLY OXT  O N N 204 
GLY H    H N N 205 
GLY H2   H N N 206 
GLY HA2  H N N 207 
GLY HA3  H N N 208 
GLY HXT  H N N 209 
HIS N    N N N 210 
HIS CA   C N S 211 
HIS C    C N N 212 
HIS O    O N N 213 
HIS CB   C N N 214 
HIS CG   C Y N 215 
HIS ND1  N Y N 216 
HIS CD2  C Y N 217 
HIS CE1  C Y N 218 
HIS NE2  N Y N 219 
HIS OXT  O N N 220 
HIS H    H N N 221 
HIS H2   H N N 222 
HIS HA   H N N 223 
HIS HB2  H N N 224 
HIS HB3  H N N 225 
HIS HD1  H N N 226 
HIS HD2  H N N 227 
HIS HE1  H N N 228 
HIS HE2  H N N 229 
HIS HXT  H N N 230 
HOH O    O N N 231 
HOH H1   H N N 232 
HOH H2   H N N 233 
ILE N    N N N 234 
ILE CA   C N S 235 
ILE C    C N N 236 
ILE O    O N N 237 
ILE CB   C N S 238 
ILE CG1  C N N 239 
ILE CG2  C N N 240 
ILE CD1  C N N 241 
ILE OXT  O N N 242 
ILE H    H N N 243 
ILE H2   H N N 244 
ILE HA   H N N 245 
ILE HB   H N N 246 
ILE HG12 H N N 247 
ILE HG13 H N N 248 
ILE HG21 H N N 249 
ILE HG22 H N N 250 
ILE HG23 H N N 251 
ILE HD11 H N N 252 
ILE HD12 H N N 253 
ILE HD13 H N N 254 
ILE HXT  H N N 255 
LEU N    N N N 256 
LEU CA   C N S 257 
LEU C    C N N 258 
LEU O    O N N 259 
LEU CB   C N N 260 
LEU CG   C N N 261 
LEU CD1  C N N 262 
LEU CD2  C N N 263 
LEU OXT  O N N 264 
LEU H    H N N 265 
LEU H2   H N N 266 
LEU HA   H N N 267 
LEU HB2  H N N 268 
LEU HB3  H N N 269 
LEU HG   H N N 270 
LEU HD11 H N N 271 
LEU HD12 H N N 272 
LEU HD13 H N N 273 
LEU HD21 H N N 274 
LEU HD22 H N N 275 
LEU HD23 H N N 276 
LEU HXT  H N N 277 
LYS N    N N N 278 
LYS CA   C N S 279 
LYS C    C N N 280 
LYS O    O N N 281 
LYS CB   C N N 282 
LYS CG   C N N 283 
LYS CD   C N N 284 
LYS CE   C N N 285 
LYS NZ   N N N 286 
LYS OXT  O N N 287 
LYS H    H N N 288 
LYS H2   H N N 289 
LYS HA   H N N 290 
LYS HB2  H N N 291 
LYS HB3  H N N 292 
LYS HG2  H N N 293 
LYS HG3  H N N 294 
LYS HD2  H N N 295 
LYS HD3  H N N 296 
LYS HE2  H N N 297 
LYS HE3  H N N 298 
LYS HZ1  H N N 299 
LYS HZ2  H N N 300 
LYS HZ3  H N N 301 
LYS HXT  H N N 302 
MET N    N N N 303 
MET CA   C N S 304 
MET C    C N N 305 
MET O    O N N 306 
MET CB   C N N 307 
MET CG   C N N 308 
MET SD   S N N 309 
MET CE   C N N 310 
MET OXT  O N N 311 
MET H    H N N 312 
MET H2   H N N 313 
MET HA   H N N 314 
MET HB2  H N N 315 
MET HB3  H N N 316 
MET HG2  H N N 317 
MET HG3  H N N 318 
MET HE1  H N N 319 
MET HE2  H N N 320 
MET HE3  H N N 321 
MET HXT  H N N 322 
PHE N    N N N 323 
PHE CA   C N S 324 
PHE C    C N N 325 
PHE O    O N N 326 
PHE CB   C N N 327 
PHE CG   C Y N 328 
PHE CD1  C Y N 329 
PHE CD2  C Y N 330 
PHE CE1  C Y N 331 
PHE CE2  C Y N 332 
PHE CZ   C Y N 333 
PHE OXT  O N N 334 
PHE H    H N N 335 
PHE H2   H N N 336 
PHE HA   H N N 337 
PHE HB2  H N N 338 
PHE HB3  H N N 339 
PHE HD1  H N N 340 
PHE HD2  H N N 341 
PHE HE1  H N N 342 
PHE HE2  H N N 343 
PHE HZ   H N N 344 
PHE HXT  H N N 345 
PRO N    N N N 346 
PRO CA   C N S 347 
PRO C    C N N 348 
PRO O    O N N 349 
PRO CB   C N N 350 
PRO CG   C N N 351 
PRO CD   C N N 352 
PRO OXT  O N N 353 
PRO H    H N N 354 
PRO HA   H N N 355 
PRO HB2  H N N 356 
PRO HB3  H N N 357 
PRO HG2  H N N 358 
PRO HG3  H N N 359 
PRO HD2  H N N 360 
PRO HD3  H N N 361 
PRO HXT  H N N 362 
SER N    N N N 363 
SER CA   C N S 364 
SER C    C N N 365 
SER O    O N N 366 
SER CB   C N N 367 
SER OG   O N N 368 
SER OXT  O N N 369 
SER H    H N N 370 
SER H2   H N N 371 
SER HA   H N N 372 
SER HB2  H N N 373 
SER HB3  H N N 374 
SER HG   H N N 375 
SER HXT  H N N 376 
THR N    N N N 377 
THR CA   C N S 378 
THR C    C N N 379 
THR O    O N N 380 
THR CB   C N R 381 
THR OG1  O N N 382 
THR CG2  C N N 383 
THR OXT  O N N 384 
THR H    H N N 385 
THR H2   H N N 386 
THR HA   H N N 387 
THR HB   H N N 388 
THR HG1  H N N 389 
THR HG21 H N N 390 
THR HG22 H N N 391 
THR HG23 H N N 392 
THR HXT  H N N 393 
TRP N    N N N 394 
TRP CA   C N S 395 
TRP C    C N N 396 
TRP O    O N N 397 
TRP CB   C N N 398 
TRP CG   C Y N 399 
TRP CD1  C Y N 400 
TRP CD2  C Y N 401 
TRP NE1  N Y N 402 
TRP CE2  C Y N 403 
TRP CE3  C Y N 404 
TRP CZ2  C Y N 405 
TRP CZ3  C Y N 406 
TRP CH2  C Y N 407 
TRP OXT  O N N 408 
TRP H    H N N 409 
TRP H2   H N N 410 
TRP HA   H N N 411 
TRP HB2  H N N 412 
TRP HB3  H N N 413 
TRP HD1  H N N 414 
TRP HE1  H N N 415 
TRP HE3  H N N 416 
TRP HZ2  H N N 417 
TRP HZ3  H N N 418 
TRP HH2  H N N 419 
TRP HXT  H N N 420 
TYR N    N N N 421 
TYR CA   C N S 422 
TYR C    C N N 423 
TYR O    O N N 424 
TYR CB   C N N 425 
TYR CG   C Y N 426 
TYR CD1  C Y N 427 
TYR CD2  C Y N 428 
TYR CE1  C Y N 429 
TYR CE2  C Y N 430 
TYR CZ   C Y N 431 
TYR OH   O N N 432 
TYR OXT  O N N 433 
TYR H    H N N 434 
TYR H2   H N N 435 
TYR HA   H N N 436 
TYR HB2  H N N 437 
TYR HB3  H N N 438 
TYR HD1  H N N 439 
TYR HD2  H N N 440 
TYR HE1  H N N 441 
TYR HE2  H N N 442 
TYR HH   H N N 443 
TYR HXT  H N N 444 
VAL N    N N N 445 
VAL CA   C N S 446 
VAL C    C N N 447 
VAL O    O N N 448 
VAL CB   C N N 449 
VAL CG1  C N N 450 
VAL CG2  C N N 451 
VAL OXT  O N N 452 
VAL H    H N N 453 
VAL H2   H N N 454 
VAL HA   H N N 455 
VAL HB   H N N 456 
VAL HG11 H N N 457 
VAL HG12 H N N 458 
VAL HG13 H N N 459 
VAL HG21 H N N 460 
VAL HG22 H N N 461 
VAL HG23 H N N 462 
VAL HXT  H N N 463 
# 
loop_
_chem_comp_bond.comp_id 
_chem_comp_bond.atom_id_1 
_chem_comp_bond.atom_id_2 
_chem_comp_bond.value_order 
_chem_comp_bond.pdbx_aromatic_flag 
_chem_comp_bond.pdbx_stereo_config 
_chem_comp_bond.pdbx_ordinal 
5ED O3  C16  doub N N 1   
5ED C16 O2   sing N N 2   
5ED C16 C15  sing N N 3   
5ED O2  C18  sing N N 4   
5ED C15 C14  doub N Z 5   
5ED C14 C10  sing N N 6   
5ED C18 C19  sing N N 7   
5ED C11 C10  sing N N 8   
5ED C11 C12  sing N N 9   
5ED C10 N    sing N N 10  
5ED O1  C13  doub N N 11  
5ED C13 C12  sing N N 12  
5ED C13 N1   sing N N 13  
5ED N   C17  sing N N 14  
5ED C12 C26  sing N N 15  
5ED C26 C25  sing N N 16  
5ED N1  C25  sing N N 17  
5ED O4  C17  doub N N 18  
5ED C17 C2   sing N N 19  
5ED C3  C2   sing N N 20  
5ED C3  C4   sing N N 21  
5ED C2  N2   sing N N 22  
5ED C4  C5   doub Y N 23  
5ED C4  C9   sing Y N 24  
5ED C5  C6   sing Y N 25  
5ED O21 C20  doub N N 26  
5ED N2  C20  sing N N 27  
5ED C9  C8   doub Y N 28  
5ED C20 C22  sing N N 29  
5ED C6  C7   doub Y N 30  
5ED C8  C7   sing Y N 31  
5ED C22 O5   doub N N 32  
5ED C22 N6   sing N N 33  
5ED C21 N6   sing N N 34  
5ED C21 C23  sing N N 35  
5ED C23 C1   sing N N 36  
5ED C27 C1   sing N N 37  
5ED C27 C24  sing N N 38  
5ED C1  C24  sing N N 39  
5ED N1  H1   sing N N 40  
5ED C5  H2   sing N N 41  
5ED C6  H3   sing N N 42  
5ED C7  H4   sing N N 43  
5ED C8  H5   sing N N 44  
5ED C10 H6   sing N N 45  
5ED C15 H7   sing N N 46  
5ED C24 H9   sing N N 47  
5ED C24 H10  sing N N 48  
5ED C26 H11  sing N N 49  
5ED C26 H12  sing N N 50  
5ED C1  H13  sing N N 51  
5ED C2  H14  sing N N 52  
5ED C3  H15  sing N N 53  
5ED C3  H16  sing N N 54  
5ED C9  H17  sing N N 55  
5ED C11 H18  sing N N 56  
5ED C11 H19  sing N N 57  
5ED C12 H20  sing N N 58  
5ED C14 H21  sing N N 59  
5ED C18 H23  sing N N 60  
5ED C18 H24  sing N N 61  
5ED C23 H25  sing N N 62  
5ED C23 H26  sing N N 63  
5ED C25 H27  sing N N 64  
5ED C25 H28  sing N N 65  
5ED C19 H29  sing N N 66  
5ED C19 H30  sing N N 67  
5ED C19 H31  sing N N 68  
5ED N   H32  sing N N 69  
5ED N2  H33  sing N N 70  
5ED N6  H34  sing N N 71  
5ED C21 H35  sing N N 72  
5ED C21 H36  sing N N 73  
5ED C27 H37  sing N N 74  
5ED C27 H38  sing N N 75  
ALA N   CA   sing N N 76  
ALA N   H    sing N N 77  
ALA N   H2   sing N N 78  
ALA CA  C    sing N N 79  
ALA CA  CB   sing N N 80  
ALA CA  HA   sing N N 81  
ALA C   O    doub N N 82  
ALA C   OXT  sing N N 83  
ALA CB  HB1  sing N N 84  
ALA CB  HB2  sing N N 85  
ALA CB  HB3  sing N N 86  
ALA OXT HXT  sing N N 87  
ARG N   CA   sing N N 88  
ARG N   H    sing N N 89  
ARG N   H2   sing N N 90  
ARG CA  C    sing N N 91  
ARG CA  CB   sing N N 92  
ARG CA  HA   sing N N 93  
ARG C   O    doub N N 94  
ARG C   OXT  sing N N 95  
ARG CB  CG   sing N N 96  
ARG CB  HB2  sing N N 97  
ARG CB  HB3  sing N N 98  
ARG CG  CD   sing N N 99  
ARG CG  HG2  sing N N 100 
ARG CG  HG3  sing N N 101 
ARG CD  NE   sing N N 102 
ARG CD  HD2  sing N N 103 
ARG CD  HD3  sing N N 104 
ARG NE  CZ   sing N N 105 
ARG NE  HE   sing N N 106 
ARG CZ  NH1  sing N N 107 
ARG CZ  NH2  doub N N 108 
ARG NH1 HH11 sing N N 109 
ARG NH1 HH12 sing N N 110 
ARG NH2 HH21 sing N N 111 
ARG NH2 HH22 sing N N 112 
ARG OXT HXT  sing N N 113 
ASN N   CA   sing N N 114 
ASN N   H    sing N N 115 
ASN N   H2   sing N N 116 
ASN CA  C    sing N N 117 
ASN CA  CB   sing N N 118 
ASN CA  HA   sing N N 119 
ASN C   O    doub N N 120 
ASN C   OXT  sing N N 121 
ASN CB  CG   sing N N 122 
ASN CB  HB2  sing N N 123 
ASN CB  HB3  sing N N 124 
ASN CG  OD1  doub N N 125 
ASN CG  ND2  sing N N 126 
ASN ND2 HD21 sing N N 127 
ASN ND2 HD22 sing N N 128 
ASN OXT HXT  sing N N 129 
ASP N   CA   sing N N 130 
ASP N   H    sing N N 131 
ASP N   H2   sing N N 132 
ASP CA  C    sing N N 133 
ASP CA  CB   sing N N 134 
ASP CA  HA   sing N N 135 
ASP C   O    doub N N 136 
ASP C   OXT  sing N N 137 
ASP CB  CG   sing N N 138 
ASP CB  HB2  sing N N 139 
ASP CB  HB3  sing N N 140 
ASP CG  OD1  doub N N 141 
ASP CG  OD2  sing N N 142 
ASP OD2 HD2  sing N N 143 
ASP OXT HXT  sing N N 144 
CYS N   CA   sing N N 145 
CYS N   H    sing N N 146 
CYS N   H2   sing N N 147 
CYS CA  C    sing N N 148 
CYS CA  CB   sing N N 149 
CYS CA  HA   sing N N 150 
CYS C   O    doub N N 151 
CYS C   OXT  sing N N 152 
CYS CB  SG   sing N N 153 
CYS CB  HB2  sing N N 154 
CYS CB  HB3  sing N N 155 
CYS SG  HG   sing N N 156 
CYS OXT HXT  sing N N 157 
GLN N   CA   sing N N 158 
GLN N   H    sing N N 159 
GLN N   H2   sing N N 160 
GLN CA  C    sing N N 161 
GLN CA  CB   sing N N 162 
GLN CA  HA   sing N N 163 
GLN C   O    doub N N 164 
GLN C   OXT  sing N N 165 
GLN CB  CG   sing N N 166 
GLN CB  HB2  sing N N 167 
GLN CB  HB3  sing N N 168 
GLN CG  CD   sing N N 169 
GLN CG  HG2  sing N N 170 
GLN CG  HG3  sing N N 171 
GLN CD  OE1  doub N N 172 
GLN CD  NE2  sing N N 173 
GLN NE2 HE21 sing N N 174 
GLN NE2 HE22 sing N N 175 
GLN OXT HXT  sing N N 176 
GLU N   CA   sing N N 177 
GLU N   H    sing N N 178 
GLU N   H2   sing N N 179 
GLU CA  C    sing N N 180 
GLU CA  CB   sing N N 181 
GLU CA  HA   sing N N 182 
GLU C   O    doub N N 183 
GLU C   OXT  sing N N 184 
GLU CB  CG   sing N N 185 
GLU CB  HB2  sing N N 186 
GLU CB  HB3  sing N N 187 
GLU CG  CD   sing N N 188 
GLU CG  HG2  sing N N 189 
GLU CG  HG3  sing N N 190 
GLU CD  OE1  doub N N 191 
GLU CD  OE2  sing N N 192 
GLU OE2 HE2  sing N N 193 
GLU OXT HXT  sing N N 194 
GLY N   CA   sing N N 195 
GLY N   H    sing N N 196 
GLY N   H2   sing N N 197 
GLY CA  C    sing N N 198 
GLY CA  HA2  sing N N 199 
GLY CA  HA3  sing N N 200 
GLY C   O    doub N N 201 
GLY C   OXT  sing N N 202 
GLY OXT HXT  sing N N 203 
HIS N   CA   sing N N 204 
HIS N   H    sing N N 205 
HIS N   H2   sing N N 206 
HIS CA  C    sing N N 207 
HIS CA  CB   sing N N 208 
HIS CA  HA   sing N N 209 
HIS C   O    doub N N 210 
HIS C   OXT  sing N N 211 
HIS CB  CG   sing N N 212 
HIS CB  HB2  sing N N 213 
HIS CB  HB3  sing N N 214 
HIS CG  ND1  sing Y N 215 
HIS CG  CD2  doub Y N 216 
HIS ND1 CE1  doub Y N 217 
HIS ND1 HD1  sing N N 218 
HIS CD2 NE2  sing Y N 219 
HIS CD2 HD2  sing N N 220 
HIS CE1 NE2  sing Y N 221 
HIS CE1 HE1  sing N N 222 
HIS NE2 HE2  sing N N 223 
HIS OXT HXT  sing N N 224 
HOH O   H1   sing N N 225 
HOH O   H2   sing N N 226 
ILE N   CA   sing N N 227 
ILE N   H    sing N N 228 
ILE N   H2   sing N N 229 
ILE CA  C    sing N N 230 
ILE CA  CB   sing N N 231 
ILE CA  HA   sing N N 232 
ILE C   O    doub N N 233 
ILE C   OXT  sing N N 234 
ILE CB  CG1  sing N N 235 
ILE CB  CG2  sing N N 236 
ILE CB  HB   sing N N 237 
ILE CG1 CD1  sing N N 238 
ILE CG1 HG12 sing N N 239 
ILE CG1 HG13 sing N N 240 
ILE CG2 HG21 sing N N 241 
ILE CG2 HG22 sing N N 242 
ILE CG2 HG23 sing N N 243 
ILE CD1 HD11 sing N N 244 
ILE CD1 HD12 sing N N 245 
ILE CD1 HD13 sing N N 246 
ILE OXT HXT  sing N N 247 
LEU N   CA   sing N N 248 
LEU N   H    sing N N 249 
LEU N   H2   sing N N 250 
LEU CA  C    sing N N 251 
LEU CA  CB   sing N N 252 
LEU CA  HA   sing N N 253 
LEU C   O    doub N N 254 
LEU C   OXT  sing N N 255 
LEU CB  CG   sing N N 256 
LEU CB  HB2  sing N N 257 
LEU CB  HB3  sing N N 258 
LEU CG  CD1  sing N N 259 
LEU CG  CD2  sing N N 260 
LEU CG  HG   sing N N 261 
LEU CD1 HD11 sing N N 262 
LEU CD1 HD12 sing N N 263 
LEU CD1 HD13 sing N N 264 
LEU CD2 HD21 sing N N 265 
LEU CD2 HD22 sing N N 266 
LEU CD2 HD23 sing N N 267 
LEU OXT HXT  sing N N 268 
LYS N   CA   sing N N 269 
LYS N   H    sing N N 270 
LYS N   H2   sing N N 271 
LYS CA  C    sing N N 272 
LYS CA  CB   sing N N 273 
LYS CA  HA   sing N N 274 
LYS C   O    doub N N 275 
LYS C   OXT  sing N N 276 
LYS CB  CG   sing N N 277 
LYS CB  HB2  sing N N 278 
LYS CB  HB3  sing N N 279 
LYS CG  CD   sing N N 280 
LYS CG  HG2  sing N N 281 
LYS CG  HG3  sing N N 282 
LYS CD  CE   sing N N 283 
LYS CD  HD2  sing N N 284 
LYS CD  HD3  sing N N 285 
LYS CE  NZ   sing N N 286 
LYS CE  HE2  sing N N 287 
LYS CE  HE3  sing N N 288 
LYS NZ  HZ1  sing N N 289 
LYS NZ  HZ2  sing N N 290 
LYS NZ  HZ3  sing N N 291 
LYS OXT HXT  sing N N 292 
MET N   CA   sing N N 293 
MET N   H    sing N N 294 
MET N   H2   sing N N 295 
MET CA  C    sing N N 296 
MET CA  CB   sing N N 297 
MET CA  HA   sing N N 298 
MET C   O    doub N N 299 
MET C   OXT  sing N N 300 
MET CB  CG   sing N N 301 
MET CB  HB2  sing N N 302 
MET CB  HB3  sing N N 303 
MET CG  SD   sing N N 304 
MET CG  HG2  sing N N 305 
MET CG  HG3  sing N N 306 
MET SD  CE   sing N N 307 
MET CE  HE1  sing N N 308 
MET CE  HE2  sing N N 309 
MET CE  HE3  sing N N 310 
MET OXT HXT  sing N N 311 
PHE N   CA   sing N N 312 
PHE N   H    sing N N 313 
PHE N   H2   sing N N 314 
PHE CA  C    sing N N 315 
PHE CA  CB   sing N N 316 
PHE CA  HA   sing N N 317 
PHE C   O    doub N N 318 
PHE C   OXT  sing N N 319 
PHE CB  CG   sing N N 320 
PHE CB  HB2  sing N N 321 
PHE CB  HB3  sing N N 322 
PHE CG  CD1  doub Y N 323 
PHE CG  CD2  sing Y N 324 
PHE CD1 CE1  sing Y N 325 
PHE CD1 HD1  sing N N 326 
PHE CD2 CE2  doub Y N 327 
PHE CD2 HD2  sing N N 328 
PHE CE1 CZ   doub Y N 329 
PHE CE1 HE1  sing N N 330 
PHE CE2 CZ   sing Y N 331 
PHE CE2 HE2  sing N N 332 
PHE CZ  HZ   sing N N 333 
PHE OXT HXT  sing N N 334 
PRO N   CA   sing N N 335 
PRO N   CD   sing N N 336 
PRO N   H    sing N N 337 
PRO CA  C    sing N N 338 
PRO CA  CB   sing N N 339 
PRO CA  HA   sing N N 340 
PRO C   O    doub N N 341 
PRO C   OXT  sing N N 342 
PRO CB  CG   sing N N 343 
PRO CB  HB2  sing N N 344 
PRO CB  HB3  sing N N 345 
PRO CG  CD   sing N N 346 
PRO CG  HG2  sing N N 347 
PRO CG  HG3  sing N N 348 
PRO CD  HD2  sing N N 349 
PRO CD  HD3  sing N N 350 
PRO OXT HXT  sing N N 351 
SER N   CA   sing N N 352 
SER N   H    sing N N 353 
SER N   H2   sing N N 354 
SER CA  C    sing N N 355 
SER CA  CB   sing N N 356 
SER CA  HA   sing N N 357 
SER C   O    doub N N 358 
SER C   OXT  sing N N 359 
SER CB  OG   sing N N 360 
SER CB  HB2  sing N N 361 
SER CB  HB3  sing N N 362 
SER OG  HG   sing N N 363 
SER OXT HXT  sing N N 364 
THR N   CA   sing N N 365 
THR N   H    sing N N 366 
THR N   H2   sing N N 367 
THR CA  C    sing N N 368 
THR CA  CB   sing N N 369 
THR CA  HA   sing N N 370 
THR C   O    doub N N 371 
THR C   OXT  sing N N 372 
THR CB  OG1  sing N N 373 
THR CB  CG2  sing N N 374 
THR CB  HB   sing N N 375 
THR OG1 HG1  sing N N 376 
THR CG2 HG21 sing N N 377 
THR CG2 HG22 sing N N 378 
THR CG2 HG23 sing N N 379 
THR OXT HXT  sing N N 380 
TRP N   CA   sing N N 381 
TRP N   H    sing N N 382 
TRP N   H2   sing N N 383 
TRP CA  C    sing N N 384 
TRP CA  CB   sing N N 385 
TRP CA  HA   sing N N 386 
TRP C   O    doub N N 387 
TRP C   OXT  sing N N 388 
TRP CB  CG   sing N N 389 
TRP CB  HB2  sing N N 390 
TRP CB  HB3  sing N N 391 
TRP CG  CD1  doub Y N 392 
TRP CG  CD2  sing Y N 393 
TRP CD1 NE1  sing Y N 394 
TRP CD1 HD1  sing N N 395 
TRP CD2 CE2  doub Y N 396 
TRP CD2 CE3  sing Y N 397 
TRP NE1 CE2  sing Y N 398 
TRP NE1 HE1  sing N N 399 
TRP CE2 CZ2  sing Y N 400 
TRP CE3 CZ3  doub Y N 401 
TRP CE3 HE3  sing N N 402 
TRP CZ2 CH2  doub Y N 403 
TRP CZ2 HZ2  sing N N 404 
TRP CZ3 CH2  sing Y N 405 
TRP CZ3 HZ3  sing N N 406 
TRP CH2 HH2  sing N N 407 
TRP OXT HXT  sing N N 408 
TYR N   CA   sing N N 409 
TYR N   H    sing N N 410 
TYR N   H2   sing N N 411 
TYR CA  C    sing N N 412 
TYR CA  CB   sing N N 413 
TYR CA  HA   sing N N 414 
TYR C   O    doub N N 415 
TYR C   OXT  sing N N 416 
TYR CB  CG   sing N N 417 
TYR CB  HB2  sing N N 418 
TYR CB  HB3  sing N N 419 
TYR CG  CD1  doub Y N 420 
TYR CG  CD2  sing Y N 421 
TYR CD1 CE1  sing Y N 422 
TYR CD1 HD1  sing N N 423 
TYR CD2 CE2  doub Y N 424 
TYR CD2 HD2  sing N N 425 
TYR CE1 CZ   doub Y N 426 
TYR CE1 HE1  sing N N 427 
TYR CE2 CZ   sing Y N 428 
TYR CE2 HE2  sing N N 429 
TYR CZ  OH   sing N N 430 
TYR OH  HH   sing N N 431 
TYR OXT HXT  sing N N 432 
VAL N   CA   sing N N 433 
VAL N   H    sing N N 434 
VAL N   H2   sing N N 435 
VAL CA  C    sing N N 436 
VAL CA  CB   sing N N 437 
VAL CA  HA   sing N N 438 
VAL C   O    doub N N 439 
VAL C   OXT  sing N N 440 
VAL CB  CG1  sing N N 441 
VAL CB  CG2  sing N N 442 
VAL CB  HB   sing N N 443 
VAL CG1 HG11 sing N N 444 
VAL CG1 HG12 sing N N 445 
VAL CG1 HG13 sing N N 446 
VAL CG2 HG21 sing N N 447 
VAL CG2 HG22 sing N N 448 
VAL CG2 HG23 sing N N 449 
VAL OXT HXT  sing N N 450 
# 
_pdbx_initial_refinement_model.id               1 
_pdbx_initial_refinement_model.entity_id_list   ? 
_pdbx_initial_refinement_model.type             'experimental model' 
_pdbx_initial_refinement_model.source_name      PDB 
_pdbx_initial_refinement_model.accession_code   4GHQ 
_pdbx_initial_refinement_model.details          ? 
# 
_atom_sites.entry_id                    5DP8 
_atom_sites.fract_transf_matrix[1][1]   -0.01492516 
_atom_sites.fract_transf_matrix[1][2]   -0.00057517 
_atom_sites.fract_transf_matrix[1][3]   -0.00463203 
_atom_sites.fract_transf_matrix[2][1]   0.00125082 
_atom_sites.fract_transf_matrix[2][2]   0.01420275 
_atom_sites.fract_transf_matrix[2][3]   -0.00579392 
_atom_sites.fract_transf_matrix[3][1]   0.00379851 
_atom_sites.fract_transf_matrix[3][2]   -0.00507066 
_atom_sites.fract_transf_matrix[3][3]   -0.01160977 
_atom_sites.fract_transf_vector[1]      -0.197475 
_atom_sites.fract_transf_vector[2]      -0.254624 
_atom_sites.fract_transf_vector[3]      -0.121264 
# 
loop_
_atom_type.symbol 
C 
N 
O 
S 
# 
loop_
_atom_site.group_PDB 
_atom_site.id 
_atom_site.type_symbol 
_atom_site.label_atom_id 
_atom_site.label_alt_id 
_atom_site.label_comp_id 
_atom_site.label_asym_id 
_atom_site.label_entity_id 
_atom_site.label_seq_id 
_atom_site.pdbx_PDB_ins_code 
_atom_site.Cartn_x 
_atom_site.Cartn_y 
_atom_site.Cartn_z 
_atom_site.occupancy 
_atom_site.B_iso_or_equiv 
_atom_site.pdbx_formal_charge 
_atom_site.auth_seq_id 
_atom_site.auth_comp_id 
_atom_site.auth_asym_id 
_atom_site.auth_atom_id 
_atom_site.pdbx_PDB_model_num 
ATOM   1    N N   . MET A 1 1   ? -18.466 -7.836  17.578  1.00 51.91 ? 0   MET A N   1 
ATOM   2    C CA  . MET A 1 1   ? -17.884 -7.650  16.210  1.00 52.23 ? 0   MET A CA  1 
ATOM   3    C C   . MET A 1 1   ? -17.001 -8.823  15.775  1.00 53.17 ? 0   MET A C   1 
ATOM   4    O O   . MET A 1 1   ? -16.271 -9.399  16.577  1.00 60.01 ? 0   MET A O   1 
ATOM   5    C CB  . MET A 1 1   ? -17.084 -6.345  16.164  1.00 54.12 ? 0   MET A CB  1 
ATOM   6    C CG  . MET A 1 1   ? -16.138 -6.188  14.971  1.00 52.31 ? 0   MET A CG  1 
ATOM   7    S SD  . MET A 1 1   ? -15.152 -4.689  15.101  1.00 47.84 ? 0   MET A SD  1 
ATOM   8    C CE  . MET A 1 1   ? -16.322 -3.458  15.700  1.00 50.07 ? 0   MET A CE  1 
ATOM   9    N N   . GLY A 1 2   ? -17.041 -9.142  14.492  1.00 49.40 ? 1   GLY A N   1 
ATOM   10   C CA  . GLY A 1 2   ? -16.342 -10.300 13.969  1.00 52.67 ? 1   GLY A CA  1 
ATOM   11   C C   . GLY A 1 2   ? -14.917 -10.004 13.508  1.00 57.83 ? 1   GLY A C   1 
ATOM   12   O O   . GLY A 1 2   ? -14.484 -8.838  13.441  1.00 61.47 ? 1   GLY A O   1 
ATOM   13   N N   . PRO A 1 3   ? -14.194 -11.065 13.132  1.00 57.21 ? 2   PRO A N   1 
ATOM   14   C CA  . PRO A 1 3   ? -12.737 -11.067 12.966  1.00 54.62 ? 2   PRO A CA  1 
ATOM   15   C C   . PRO A 1 3   ? -12.190 -10.222 11.829  1.00 47.54 ? 2   PRO A C   1 
ATOM   16   O O   . PRO A 1 3   ? -11.107 -9.636  11.974  1.00 44.63 ? 2   PRO A O   1 
ATOM   17   C CB  . PRO A 1 3   ? -12.432 -12.534 12.655  1.00 56.27 ? 2   PRO A CB  1 
ATOM   18   C CG  . PRO A 1 3   ? -13.668 -13.054 11.998  1.00 56.05 ? 2   PRO A CG  1 
ATOM   19   C CD  . PRO A 1 3   ? -14.806 -12.327 12.662  1.00 56.79 ? 2   PRO A CD  1 
ATOM   20   N N   . SER A 1 4   ? -12.896 -10.220 10.700  1.00 40.64 ? 3   SER A N   1 
ATOM   21   C CA  . SER A 1 4   ? -12.414 -9.559  9.484   1.00 38.73 ? 3   SER A CA  1 
ATOM   22   C C   . SER A 1 4   ? -12.574 -8.042  9.630   1.00 34.26 ? 3   SER A C   1 
ATOM   23   O O   . SER A 1 4   ? -11.641 -7.282  9.362   1.00 28.48 ? 3   SER A O   1 
ATOM   24   C CB  . SER A 1 4   ? -13.137 -10.092 8.235   1.00 42.18 ? 3   SER A CB  1 
ATOM   25   O OG  . SER A 1 4   ? -12.339 -11.039 7.488   1.00 37.56 ? 3   SER A OG  1 
ATOM   26   N N   . LEU A 1 5   ? -13.732 -7.620  10.132  1.00 32.57 ? 4   LEU A N   1 
ATOM   27   C CA  . LEU A 1 5   ? -13.953 -6.209  10.424  1.00 32.99 ? 4   LEU A CA  1 
ATOM   28   C C   . LEU A 1 5   ? -13.004 -5.674  11.531  1.00 35.55 ? 4   LEU A C   1 
ATOM   29   O O   . LEU A 1 5   ? -12.436 -4.583  11.426  1.00 35.84 ? 4   LEU A O   1 
ATOM   30   C CB  . LEU A 1 5   ? -15.416 -5.958  10.803  1.00 29.50 ? 4   LEU A CB  1 
ATOM   31   C CG  . LEU A 1 5   ? -15.775 -4.474  11.009  1.00 27.67 ? 4   LEU A CG  1 
ATOM   32   C CD1 . LEU A 1 5   ? -15.513 -3.637  9.766   1.00 25.69 ? 4   LEU A CD1 1 
ATOM   33   C CD2 . LEU A 1 5   ? -17.232 -4.294  11.442  1.00 27.85 ? 4   LEU A CD2 1 
ATOM   34   N N   . ASP A 1 6   ? -12.869 -6.437  12.602  1.00 34.99 ? 5   ASP A N   1 
ATOM   35   C CA  . ASP A 1 6   ? -11.963 -6.096  13.684  1.00 35.85 ? 5   ASP A CA  1 
ATOM   36   C C   . ASP A 1 6   ? -10.511 -5.881  13.195  1.00 35.93 ? 5   ASP A C   1 
ATOM   37   O O   . ASP A 1 6   ? -9.814  -4.937  13.645  1.00 35.16 ? 5   ASP A O   1 
ATOM   38   C CB  . ASP A 1 6   ? -11.980 -7.248  14.690  1.00 37.09 ? 5   ASP A CB  1 
ATOM   39   C CG  . ASP A 1 6   ? -11.102 -6.995  15.849  1.00 37.07 ? 5   ASP A CG  1 
ATOM   40   O OD1 . ASP A 1 6   ? -11.494 -6.149  16.664  1.00 37.94 ? 5   ASP A OD1 1 
ATOM   41   O OD2 . ASP A 1 6   ? -10.018 -7.618  15.921  1.00 37.24 ? 5   ASP A OD2 1 
ATOM   42   N N   . PHE A 1 7   ? -10.059 -6.772  12.306  1.00 32.09 ? 6   PHE A N   1 
ATOM   43   C CA  . PHE A 1 7   ? -8.707  -6.711  11.747  1.00 34.00 ? 6   PHE A CA  1 
ATOM   44   C C   . PHE A 1 7   ? -8.464  -5.445  10.876  1.00 35.17 ? 6   PHE A C   1 
ATOM   45   O O   . PHE A 1 7   ? -7.428  -4.763  11.003  1.00 33.46 ? 6   PHE A O   1 
ATOM   46   C CB  . PHE A 1 7   ? -8.416  -7.970  10.944  1.00 33.15 ? 6   PHE A CB  1 
ATOM   47   C CG  . PHE A 1 7   ? -7.020  -8.001  10.339  1.00 34.60 ? 6   PHE A CG  1 
ATOM   48   C CD1 . PHE A 1 7   ? -5.891  -8.223  11.140  1.00 33.49 ? 6   PHE A CD1 1 
ATOM   49   C CD2 . PHE A 1 7   ? -6.840  -7.827  8.972   1.00 33.41 ? 6   PHE A CD2 1 
ATOM   50   C CE1 . PHE A 1 7   ? -4.632  -8.260  10.587  1.00 33.16 ? 6   PHE A CE1 1 
ATOM   51   C CE2 . PHE A 1 7   ? -5.584  -7.865  8.422   1.00 32.77 ? 6   PHE A CE2 1 
ATOM   52   C CZ  . PHE A 1 7   ? -4.480  -8.088  9.227   1.00 33.08 ? 6   PHE A CZ  1 
ATOM   53   N N   . ALA A 1 8   ? -9.432  -5.128  10.019  1.00 36.62 ? 7   ALA A N   1 
ATOM   54   C CA  . ALA A 1 8   ? -9.327  -3.993  9.110   1.00 35.15 ? 7   ALA A CA  1 
ATOM   55   C C   . ALA A 1 8   ? -9.414  -2.668  9.871   1.00 34.30 ? 7   ALA A C   1 
ATOM   56   O O   . ALA A 1 8   ? -8.643  -1.727  9.605   1.00 33.75 ? 7   ALA A O   1 
ATOM   57   C CB  . ALA A 1 8   ? -10.402 -4.087  8.045   1.00 34.46 ? 7   ALA A CB  1 
ATOM   58   N N   . LEU A 1 9   ? -10.331 -2.603  10.836  1.00 33.05 ? 8   LEU A N   1 
ATOM   59   C CA  . LEU A 1 9   ? -10.417 -1.430  11.722  1.00 32.01 ? 8   LEU A CA  1 
ATOM   60   C C   . LEU A 1 9   ? -9.128  -1.235  12.543  1.00 32.15 ? 8   LEU A C   1 
ATOM   61   O O   . LEU A 1 9   ? -8.651  -0.106  12.723  1.00 34.40 ? 8   LEU A O   1 
ATOM   62   C CB  . LEU A 1 9   ? -11.635 -1.517  12.654  1.00 29.81 ? 8   LEU A CB  1 
ATOM   63   C CG  . LEU A 1 9   ? -13.018 -1.380  11.987  1.00 30.56 ? 8   LEU A CG  1 
ATOM   64   C CD1 . LEU A 1 9   ? -14.093 -1.824  12.968  1.00 30.01 ? 8   LEU A CD1 1 
ATOM   65   C CD2 . LEU A 1 9   ? -13.304 0.037   11.491  1.00 30.09 ? 8   LEU A CD2 1 
ATOM   66   N N   . SER A 1 10  ? -8.598  -2.324  13.075  1.00 31.07 ? 9   SER A N   1 
ATOM   67   C CA  . SER A 1 10  ? -7.372  -2.258  13.842  1.00 34.01 ? 9   SER A CA  1 
ATOM   68   C C   . SER A 1 10  ? -6.193  -1.817  12.982  1.00 33.70 ? 9   SER A C   1 
ATOM   69   O O   . SER A 1 10  ? -5.351  -1.036  13.436  1.00 34.94 ? 9   SER A O   1 
ATOM   70   C CB  . SER A 1 10  ? -7.065  -3.608  14.477  1.00 37.13 ? 9   SER A CB  1 
ATOM   71   O OG  . SER A 1 10  ? -5.721  -3.624  14.934  1.00 39.76 ? 9   SER A OG  1 
ATOM   72   N N   . LEU A 1 11  ? -6.129  -2.326  11.752  1.00 31.66 ? 10  LEU A N   1 
ATOM   73   C CA  . LEU A 1 11  ? -5.189  -1.827  10.782  1.00 33.51 ? 10  LEU A CA  1 
ATOM   74   C C   . LEU A 1 11  ? -5.302  -0.291  10.570  1.00 33.71 ? 10  LEU A C   1 
ATOM   75   O O   . LEU A 1 11  ? -4.311  0.422   10.563  1.00 32.84 ? 10  LEU A O   1 
ATOM   76   C CB  . LEU A 1 11  ? -5.410  -2.534  9.438   1.00 34.64 ? 10  LEU A CB  1 
ATOM   77   C CG  . LEU A 1 11  ? -4.541  -3.713  9.004   1.00 35.58 ? 10  LEU A CG  1 
ATOM   78   C CD1 . LEU A 1 11  ? -5.030  -4.114  7.601   1.00 37.43 ? 10  LEU A CD1 1 
ATOM   79   C CD2 . LEU A 1 11  ? -3.022  -3.443  9.004   1.00 33.80 ? 10  LEU A CD2 1 
ATOM   80   N N   . LEU A 1 12  ? -6.512  0.186   10.347  1.00 33.09 ? 11  LEU A N   1 
ATOM   81   C CA  . LEU A 1 12  ? -6.773  1.611   10.178  1.00 34.44 ? 11  LEU A CA  1 
ATOM   82   C C   . LEU A 1 12  ? -6.296  2.437   11.345  1.00 38.11 ? 11  LEU A C   1 
ATOM   83   O O   . LEU A 1 12  ? -5.777  3.539   11.201  1.00 40.57 ? 11  LEU A O   1 
ATOM   84   C CB  . LEU A 1 12  ? -8.277  1.834   10.082  1.00 34.12 ? 11  LEU A CB  1 
ATOM   85   C CG  . LEU A 1 12  ? -8.906  1.810   8.684   1.00 34.90 ? 11  LEU A CG  1 
ATOM   86   C CD1 . LEU A 1 12  ? -10.419 2.018   8.848   1.00 35.03 ? 11  LEU A CD1 1 
ATOM   87   C CD2 . LEU A 1 12  ? -8.294  2.892   7.795   1.00 31.80 ? 11  LEU A CD2 1 
ATOM   88   N N   . ARG A 1 13  ? -6.541  1.897   12.523  1.00 40.18 ? 12  ARG A N   1 
ATOM   89   C CA  . ARG A 1 13  ? -6.242  2.563   13.770  1.00 40.91 ? 12  ARG A CA  1 
ATOM   90   C C   . ARG A 1 13  ? -4.708  2.625   13.998  1.00 37.73 ? 12  ARG A C   1 
ATOM   91   O O   . ARG A 1 13  ? -4.191  3.686   14.361  1.00 32.84 ? 12  ARG A O   1 
ATOM   92   C CB  . ARG A 1 13  ? -6.968  1.799   14.898  1.00 42.74 ? 12  ARG A CB  1 
ATOM   93   C CG  . ARG A 1 13  ? -7.270  2.573   16.162  1.00 44.59 ? 12  ARG A CG  1 
ATOM   94   C CD  . ARG A 1 13  ? -7.964  1.687   17.194  1.00 48.19 ? 12  ARG A CD  1 
ATOM   95   N NE  . ARG A 1 13  ? -7.094  0.573   17.624  1.00 50.67 ? 12  ARG A NE  1 
ATOM   96   C CZ  . ARG A 1 13  ? -7.344  -0.731  17.456  1.00 48.27 ? 12  ARG A CZ  1 
ATOM   97   N NH1 . ARG A 1 13  ? -8.470  -1.145  16.880  1.00 50.85 ? 12  ARG A NH1 1 
ATOM   98   N NH2 . ARG A 1 13  ? -6.458  -1.636  17.870  1.00 42.52 ? 12  ARG A NH2 1 
ATOM   99   N N   . ARG A 1 14  ? -4.010  1.507   13.757  1.00 36.67 ? 13  ARG A N   1 
ATOM   100  C CA  . ARG A 1 14  ? -2.578  1.352   14.107  1.00 38.54 ? 13  ARG A CA  1 
ATOM   101  C C   . ARG A 1 14  ? -1.553  1.570   12.952  1.00 35.68 ? 13  ARG A C   1 
ATOM   102  O O   . ARG A 1 14  ? -0.414  2.018   13.177  1.00 36.53 ? 13  ARG A O   1 
ATOM   103  C CB  . ARG A 1 14  ? -2.339  -0.078  14.632  1.00 42.12 ? 13  ARG A CB  1 
ATOM   104  C CG  . ARG A 1 14  ? -3.183  -0.515  15.822  1.00 44.52 ? 13  ARG A CG  1 
ATOM   105  C CD  . ARG A 1 14  ? -2.613  0.001   17.115  1.00 49.93 ? 13  ARG A CD  1 
ATOM   106  N NE  . ARG A 1 14  ? -1.622  -0.896  17.725  1.00 52.35 ? 13  ARG A NE  1 
ATOM   107  C CZ  . ARG A 1 14  ? -1.914  -2.014  18.397  1.00 52.30 ? 13  ARG A CZ  1 
ATOM   108  N NH1 . ARG A 1 14  ? -3.178  -2.428  18.518  1.00 51.03 ? 13  ARG A NH1 1 
ATOM   109  N NH2 . ARG A 1 14  ? -0.935  -2.729  18.949  1.00 48.75 ? 13  ARG A NH2 1 
ATOM   110  N N   . ASN A 1 15  ? -1.925  1.194   11.735  1.00 29.48 ? 14  ASN A N   1 
ATOM   111  C CA  . ASN A 1 15  ? -0.964  1.069   10.644  1.00 26.98 ? 14  ASN A CA  1 
ATOM   112  C C   . ASN A 1 15  ? -1.244  1.820   9.338   1.00 25.96 ? 14  ASN A C   1 
ATOM   113  O O   . ASN A 1 15  ? -0.312  1.984   8.551   1.00 25.11 ? 14  ASN A O   1 
ATOM   114  C CB  . ASN A 1 15  ? -0.726  -0.420  10.329  1.00 26.07 ? 14  ASN A CB  1 
ATOM   115  C CG  . ASN A 1 15  ? -0.048  -1.148  11.480  1.00 24.46 ? 14  ASN A CG  1 
ATOM   116  O OD1 . ASN A 1 15  ? -0.716  -1.786  12.273  1.00 26.91 ? 14  ASN A OD1 1 
ATOM   117  N ND2 . ASN A 1 15  ? 1.258   -0.988  11.620  1.00 22.44 ? 14  ASN A ND2 1 
ATOM   118  N N   . VAL A 1 16  ? -2.471  2.303   9.107   1.00 24.15 ? 15  VAL A N   1 
ATOM   119  C CA  . VAL A 1 16  ? -2.813  2.865   7.797   1.00 24.61 ? 15  VAL A CA  1 
ATOM   120  C C   . VAL A 1 16  ? -3.136  4.335   7.949   1.00 24.21 ? 15  VAL A C   1 
ATOM   121  O O   . VAL A 1 16  ? -4.106  4.667   8.576   1.00 27.18 ? 15  VAL A O   1 
ATOM   122  C CB  . VAL A 1 16  ? -4.017  2.147   7.136   1.00 25.30 ? 15  VAL A CB  1 
ATOM   123  C CG1 . VAL A 1 16  ? -4.340  2.809   5.790   1.00 25.74 ? 15  VAL A CG1 1 
ATOM   124  C CG2 . VAL A 1 16  ? -3.733  0.649   6.966   1.00 25.53 ? 15  VAL A CG2 1 
ATOM   125  N N   . ARG A 1 17  ? -2.362  5.194   7.311   1.00 25.23 ? 16  ARG A N   1 
ATOM   126  C CA  . ARG A 1 17  ? -2.364  6.625   7.591   1.00 24.76 ? 16  ARG A CA  1 
ATOM   127  C C   . ARG A 1 17  ? -2.714  7.484   6.393   1.00 24.32 ? 16  ARG A C   1 
ATOM   128  O O   . ARG A 1 17  ? -2.390  7.172   5.235   1.00 22.52 ? 16  ARG A O   1 
ATOM   129  C CB  . ARG A 1 17  ? -0.949  7.042   8.016   1.00 26.90 ? 16  ARG A CB  1 
ATOM   130  C CG  . ARG A 1 17  ? -0.422  6.301   9.209   1.00 28.09 ? 16  ARG A CG  1 
ATOM   131  C CD  . ARG A 1 17  ? -1.217  6.717   10.413  1.00 31.93 ? 16  ARG A CD  1 
ATOM   132  N NE  . ARG A 1 17  ? -0.501  6.371   11.616  1.00 36.22 ? 16  ARG A NE  1 
ATOM   133  C CZ  . ARG A 1 17  ? -0.919  5.504   12.528  1.00 39.41 ? 16  ARG A CZ  1 
ATOM   134  N NH1 . ARG A 1 17  ? -2.096  4.915   12.417  1.00 39.29 ? 16  ARG A NH1 1 
ATOM   135  N NH2 . ARG A 1 17  ? -0.159  5.268   13.589  1.00 44.77 ? 16  ARG A NH2 1 
ATOM   136  N N   . GLN A 1 18  ? -3.315  8.621   6.704   1.00 25.24 ? 17  GLN A N   1 
ATOM   137  C CA  . GLN A 1 18  ? -3.625  9.629   5.714   1.00 25.09 ? 17  GLN A CA  1 
ATOM   138  C C   . GLN A 1 18  ? -2.386  10.425  5.477   1.00 26.37 ? 17  GLN A C   1 
ATOM   139  O O   . GLN A 1 18  ? -1.803  10.952  6.440   1.00 27.25 ? 17  GLN A O   1 
ATOM   140  C CB  . GLN A 1 18  ? -4.742  10.527  6.220   1.00 25.57 ? 17  GLN A CB  1 
ATOM   141  C CG  . GLN A 1 18  ? -5.997  9.766   6.660   1.00 24.55 ? 17  GLN A CG  1 
ATOM   142  C CD  . GLN A 1 18  ? -7.118  10.660  7.108   1.00 24.10 ? 17  GLN A CD  1 
ATOM   143  O OE1 . GLN A 1 18  ? -6.952  11.864  7.272   1.00 23.26 ? 17  GLN A OE1 1 
ATOM   144  N NE2 . GLN A 1 18  ? -8.271  10.064  7.332   1.00 24.18 ? 17  GLN A NE2 1 
ATOM   145  N N   . VAL A 1 19  ? -1.944  10.473  4.215   1.00 26.99 ? 18  VAL A N   1 
ATOM   146  C CA  . VAL A 1 19  ? -0.781  11.305  3.865   1.00 27.59 ? 18  VAL A CA  1 
ATOM   147  C C   . VAL A 1 19  ? -0.982  12.138  2.577   1.00 28.69 ? 18  VAL A C   1 
ATOM   148  O O   . VAL A 1 19  ? -1.910  11.905  1.789   1.00 28.70 ? 18  VAL A O   1 
ATOM   149  C CB  . VAL A 1 19  ? 0.531   10.450  3.786   1.00 27.38 ? 18  VAL A CB  1 
ATOM   150  C CG1 . VAL A 1 19  ? 0.645   9.501   4.960   1.00 25.00 ? 18  VAL A CG1 1 
ATOM   151  C CG2 . VAL A 1 19  ? 0.613   9.679   2.460   1.00 27.91 ? 18  VAL A CG2 1 
ATOM   152  N N   . GLN A 1 20  ? -0.096  13.119  2.410   1.00 30.66 ? 19  GLN A N   1 
ATOM   153  C CA  . GLN A 1 20  ? -0.064  14.036  1.265   1.00 31.78 ? 19  GLN A CA  1 
ATOM   154  C C   . GLN A 1 20  ? 1.378   14.314  0.849   1.00 29.01 ? 19  GLN A C   1 
ATOM   155  O O   . GLN A 1 20  ? 2.170   14.687  1.691   1.00 28.35 ? 19  GLN A O   1 
ATOM   156  C CB  . GLN A 1 20  ? -0.655  15.389  1.644   1.00 32.28 ? 19  GLN A CB  1 
ATOM   157  C CG  . GLN A 1 20  ? -2.123  15.544  1.404   1.00 34.78 ? 19  GLN A CG  1 
ATOM   158  C CD  . GLN A 1 20  ? -2.550  17.003  1.559   1.00 38.02 ? 19  GLN A CD  1 
ATOM   159  O OE1 . GLN A 1 20  ? -2.295  17.855  0.675   1.00 33.01 ? 19  GLN A OE1 1 
ATOM   160  N NE2 . GLN A 1 20  ? -3.207  17.305  2.706   1.00 38.19 ? 19  GLN A NE2 1 
ATOM   161  N N   . THR A 1 21  ? 1.688   14.143  -0.432  1.00 28.95 ? 20  THR A N   1 
ATOM   162  C CA  . THR A 1 21  ? 2.959   14.563  -1.013  1.00 31.91 ? 20  THR A CA  1 
ATOM   163  C C   . THR A 1 21  ? 2.692   15.712  -2.002  1.00 36.02 ? 20  THR A C   1 
ATOM   164  O O   . THR A 1 21  ? 1.549   16.137  -2.164  1.00 36.85 ? 20  THR A O   1 
ATOM   165  C CB  . THR A 1 21  ? 3.646   13.414  -1.750  1.00 28.54 ? 20  THR A CB  1 
ATOM   166  O OG1 . THR A 1 21  ? 2.823   12.969  -2.837  1.00 30.29 ? 20  THR A OG1 1 
ATOM   167  C CG2 . THR A 1 21  ? 3.875   12.271  -0.820  1.00 28.84 ? 20  THR A CG2 1 
ATOM   168  N N   . ASP A 1 22  ? 3.734   16.205  -2.668  1.00 39.23 ? 21  ASP A N   1 
ATOM   169  C CA  . ASP A 1 22  ? 3.529   17.159  -3.787  1.00 41.38 ? 21  ASP A CA  1 
ATOM   170  C C   . ASP A 1 22  ? 2.626   16.599  -4.907  1.00 38.86 ? 21  ASP A C   1 
ATOM   171  O O   . ASP A 1 22  ? 2.086   17.366  -5.717  1.00 38.23 ? 21  ASP A O   1 
ATOM   172  C CB  . ASP A 1 22  ? 4.875   17.619  -4.378  1.00 40.78 ? 21  ASP A CB  1 
ATOM   173  C CG  . ASP A 1 22  ? 5.614   18.587  -3.468  1.00 39.14 ? 21  ASP A CG  1 
ATOM   174  O OD1 . ASP A 1 22  ? 4.953   19.339  -2.740  1.00 44.17 ? 21  ASP A OD1 1 
ATOM   175  O OD2 . ASP A 1 22  ? 6.855   18.616  -3.486  1.00 40.20 ? 21  ASP A OD2 1 
ATOM   176  N N   . GLN A 1 23  ? 2.472   15.269  -4.963  1.00 38.19 ? 22  GLN A N   1 
ATOM   177  C CA  . GLN A 1 23  ? 1.562   14.615  -5.943  1.00 34.55 ? 22  GLN A CA  1 
ATOM   178  C C   . GLN A 1 23  ? 0.114   14.523  -5.438  1.00 32.57 ? 22  GLN A C   1 
ATOM   179  O O   . GLN A 1 23  ? -0.746  14.057  -6.163  1.00 28.98 ? 22  GLN A O   1 
ATOM   180  C CB  . GLN A 1 23  ? 2.061   13.210  -6.284  1.00 34.48 ? 22  GLN A CB  1 
ATOM   181  C CG  . GLN A 1 23  ? 3.456   13.188  -6.864  1.00 36.97 ? 22  GLN A CG  1 
ATOM   182  C CD  . GLN A 1 23  ? 3.620   14.192  -7.986  1.00 39.03 ? 22  GLN A CD  1 
ATOM   183  O OE1 . GLN A 1 23  ? 4.421   15.131  -7.889  1.00 42.59 ? 22  GLN A OE1 1 
ATOM   184  N NE2 . GLN A 1 23  ? 2.858   14.008  -9.059  1.00 39.05 ? 22  GLN A NE2 1 
ATOM   185  N N   . GLY A 1 24  ? -0.151  14.962  -4.197  1.00 34.75 ? 23  GLY A N   1 
ATOM   186  C CA  . GLY A 1 24  ? -1.516  14.935  -3.623  1.00 32.58 ? 23  GLY A CA  1 
ATOM   187  C C   . GLY A 1 24  ? -1.673  13.820  -2.600  1.00 30.71 ? 23  GLY A C   1 
ATOM   188  O O   . GLY A 1 24  ? -0.723  13.497  -1.888  1.00 30.85 ? 23  GLY A O   1 
ATOM   189  N N   . HIS A 1 25  ? -2.849  13.199  -2.578  1.00 28.28 ? 24  HIS A N   1 
ATOM   190  C CA  . HIS A 1 25  ? -3.303  12.331  -1.468  1.00 26.85 ? 24  HIS A CA  1 
ATOM   191  C C   . HIS A 1 25  ? -3.143  10.857  -1.695  1.00 24.22 ? 24  HIS A C   1 
ATOM   192  O O   . HIS A 1 25  ? -3.528  10.326  -2.743  1.00 24.73 ? 24  HIS A O   1 
ATOM   193  C CB  . HIS A 1 25  ? -4.804  12.570  -1.179  1.00 29.23 ? 24  HIS A CB  1 
ATOM   194  C CG  . HIS A 1 25  ? -5.078  13.901  -0.576  1.00 31.10 ? 24  HIS A CG  1 
ATOM   195  N ND1 . HIS A 1 25  ? -5.274  15.038  -1.339  1.00 33.52 ? 24  HIS A ND1 1 
ATOM   196  C CD2 . HIS A 1 25  ? -5.090  14.299  0.717   1.00 30.10 ? 24  HIS A CD2 1 
ATOM   197  C CE1 . HIS A 1 25  ? -5.439  16.076  -0.532  1.00 34.84 ? 24  HIS A CE1 1 
ATOM   198  N NE2 . HIS A 1 25  ? -5.318  15.655  0.720   1.00 33.16 ? 24  HIS A NE2 1 
ATOM   199  N N   . PHE A 1 26  ? -2.643  10.199  -0.658  1.00 23.35 ? 25  PHE A N   1 
ATOM   200  C CA  . PHE A 1 26  ? -2.293  8.785   -0.676  1.00 25.57 ? 25  PHE A CA  1 
ATOM   201  C C   . PHE A 1 26  ? -2.569  8.163   0.682   1.00 26.92 ? 25  PHE A C   1 
ATOM   202  O O   . PHE A 1 26  ? -2.682  8.865   1.706   1.00 29.16 ? 25  PHE A O   1 
ATOM   203  C CB  . PHE A 1 26  ? -0.812  8.573   -1.034  1.00 26.93 ? 25  PHE A CB  1 
ATOM   204  C CG  . PHE A 1 26  ? -0.480  9.002   -2.428  1.00 28.04 ? 25  PHE A CG  1 
ATOM   205  C CD1 . PHE A 1 26  ? -0.184  10.324  -2.694  1.00 28.82 ? 25  PHE A CD1 1 
ATOM   206  C CD2 . PHE A 1 26  ? -0.536  8.110   -3.471  1.00 29.53 ? 25  PHE A CD2 1 
ATOM   207  C CE1 . PHE A 1 26  ? 0.093   10.752  -3.977  1.00 29.61 ? 25  PHE A CE1 1 
ATOM   208  C CE2 . PHE A 1 26  ? -0.245  8.515   -4.761  1.00 32.41 ? 25  PHE A CE2 1 
ATOM   209  C CZ  . PHE A 1 26  ? 0.072   9.848   -5.017  1.00 30.44 ? 25  PHE A CZ  1 
ATOM   210  N N   . THR A 1 27  ? -2.707  6.838   0.656   1.00 26.62 ? 26  THR A N   1 
ATOM   211  C CA  . THR A 1 27  ? -2.808  6.025   1.842   1.00 25.62 ? 26  THR A CA  1 
ATOM   212  C C   . THR A 1 27  ? -1.407  5.470   2.071   1.00 25.19 ? 26  THR A C   1 
ATOM   213  O O   . THR A 1 27  ? -0.769  4.977   1.135   1.00 27.54 ? 26  THR A O   1 
ATOM   214  C CB  . THR A 1 27  ? -3.813  4.865   1.627   1.00 26.98 ? 26  THR A CB  1 
ATOM   215  O OG1 . THR A 1 27  ? -5.177  5.355   1.448   1.00 26.24 ? 26  THR A OG1 1 
ATOM   216  C CG2 . THR A 1 27  ? -3.749  3.912   2.821   1.00 27.03 ? 26  THR A CG2 1 
ATOM   217  N N   . MET A 1 28  ? -0.905  5.544   3.298   1.00 24.20 ? 27  MET A N   1 
ATOM   218  C CA  . MET A 1 28  ? 0.405   5.012   3.603   1.00 24.57 ? 27  MET A CA  1 
ATOM   219  C C   . MET A 1 28  ? 0.264   3.876   4.596   1.00 25.47 ? 27  MET A C   1 
ATOM   220  O O   . MET A 1 28  ? -0.532  3.993   5.532   1.00 28.33 ? 27  MET A O   1 
ATOM   221  C CB  . MET A 1 28  ? 1.266   6.112   4.230   1.00 25.55 ? 27  MET A CB  1 
ATOM   222  C CG  . MET A 1 28  ? 2.680   5.658   4.629   1.00 24.68 ? 27  MET A CG  1 
ATOM   223  S SD  . MET A 1 28  ? 3.628   6.926   5.459   1.00 23.14 ? 27  MET A SD  1 
ATOM   224  C CE  . MET A 1 28  ? 2.895   6.784   7.074   1.00 21.83 ? 27  MET A CE  1 
ATOM   225  N N   . LEU A 1 29  ? 1.078   2.825   4.439   1.00 24.43 ? 28  LEU A N   1 
ATOM   226  C CA  . LEU A 1 29  ? 1.074   1.668   5.365   1.00 23.19 ? 28  LEU A CA  1 
ATOM   227  C C   . LEU A 1 29  ? 2.376   1.660   6.190   1.00 24.31 ? 28  LEU A C   1 
ATOM   228  O O   . LEU A 1 29  ? 3.492   1.535   5.626   1.00 25.13 ? 28  LEU A O   1 
ATOM   229  C CB  . LEU A 1 29  ? 0.982   0.366   4.590   1.00 22.71 ? 28  LEU A CB  1 
ATOM   230  C CG  . LEU A 1 29  ? 1.022   -0.943  5.356   1.00 24.45 ? 28  LEU A CG  1 
ATOM   231  C CD1 . LEU A 1 29  ? -0.211  -1.050  6.219   1.00 26.78 ? 28  LEU A CD1 1 
ATOM   232  C CD2 . LEU A 1 29  ? 1.076   -2.142  4.402   1.00 26.31 ? 28  LEU A CD2 1 
ATOM   233  N N   . GLY A 1 30  ? 2.234   1.801   7.499   1.00 22.21 ? 29  GLY A N   1 
ATOM   234  C CA  . GLY A 1 30  ? 3.323   1.598   8.419   1.00 24.04 ? 29  GLY A CA  1 
ATOM   235  C C   . GLY A 1 30  ? 3.485   0.115   8.761   1.00 26.29 ? 29  GLY A C   1 
ATOM   236  O O   . GLY A 1 30  ? 2.537   -0.567  9.159   1.00 26.32 ? 29  GLY A O   1 
ATOM   237  N N   . VAL A 1 31  ? 4.698   -0.390  8.623   1.00 27.40 ? 30  VAL A N   1 
ATOM   238  C CA  . VAL A 1 31  ? 4.908   -1.828  8.706   1.00 29.06 ? 30  VAL A CA  1 
ATOM   239  C C   . VAL A 1 31  ? 5.499   -2.269  10.050  1.00 26.95 ? 30  VAL A C   1 
ATOM   240  O O   . VAL A 1 31  ? 4.935   -3.144  10.725  1.00 27.05 ? 30  VAL A O   1 
ATOM   241  C CB  . VAL A 1 31  ? 5.748   -2.319  7.509   1.00 28.93 ? 30  VAL A CB  1 
ATOM   242  C CG1 . VAL A 1 31  ? 6.151   -3.788  7.699   1.00 30.78 ? 30  VAL A CG1 1 
ATOM   243  C CG2 . VAL A 1 31  ? 4.951   -2.115  6.220   1.00 27.65 ? 30  VAL A CG2 1 
ATOM   244  N N   . ARG A 1 32  ? 6.636   -1.694  10.402  1.00 26.41 ? 31  ARG A N   1 
ATOM   245  C CA  . ARG A 1 32  ? 7.219   -1.874  11.728  1.00 28.51 ? 31  ARG A CA  1 
ATOM   246  C C   . ARG A 1 32  ? 8.147   -0.730  12.009  1.00 28.03 ? 31  ARG A C   1 
ATOM   247  O O   . ARG A 1 32  ? 8.592   -0.087  11.084  1.00 27.53 ? 31  ARG A O   1 
ATOM   248  C CB  . ARG A 1 32  ? 7.991   -3.187  11.823  1.00 29.95 ? 31  ARG A CB  1 
ATOM   249  C CG  . ARG A 1 32  ? 9.168   -3.276  10.863  1.00 33.22 ? 31  ARG A CG  1 
ATOM   250  C CD  . ARG A 1 32  ? 10.130  -4.407  11.198  1.00 35.24 ? 31  ARG A CD  1 
ATOM   251  N NE  . ARG A 1 32  ? 11.156  -4.481  10.152  1.00 40.95 ? 31  ARG A NE  1 
ATOM   252  C CZ  . ARG A 1 32  ? 12.154  -3.595  9.962   1.00 39.70 ? 31  ARG A CZ  1 
ATOM   253  N NH1 . ARG A 1 32  ? 12.339  -2.550  10.762  1.00 38.17 ? 31  ARG A NH1 1 
ATOM   254  N NH2 . ARG A 1 32  ? 13.002  -3.780  8.964   1.00 40.23 ? 31  ARG A NH2 1 
ATOM   255  N N   . ASP A 1 33  ? 8.441   -0.501  13.284  1.00 30.61 ? 32  ASP A N   1 
ATOM   256  C CA  . ASP A 1 33  ? 9.411   0.496   13.690  1.00 34.80 ? 32  ASP A CA  1 
ATOM   257  C C   . ASP A 1 33  ? 9.135   1.809   12.963  1.00 32.70 ? 32  ASP A C   1 
ATOM   258  O O   . ASP A 1 33  ? 8.064   2.335   13.085  1.00 31.90 ? 32  ASP A O   1 
ATOM   259  C CB  . ASP A 1 33  ? 10.852  0.003   13.430  1.00 39.45 ? 32  ASP A CB  1 
ATOM   260  C CG  . ASP A 1 33  ? 11.134  -1.322  14.085  1.00 42.52 ? 32  ASP A CG  1 
ATOM   261  O OD1 . ASP A 1 33  ? 11.069  -1.360  15.333  1.00 45.11 ? 32  ASP A OD1 1 
ATOM   262  O OD2 . ASP A 1 33  ? 11.421  -2.305  13.348  1.00 43.70 ? 32  ASP A OD2 1 
ATOM   263  N N   . ARG A 1 34  ? 10.101  2.364   12.237  1.00 35.15 ? 33  ARG A N   1 
ATOM   264  C CA  . ARG A 1 34  ? 9.872   3.668   11.562  1.00 38.20 ? 33  ARG A CA  1 
ATOM   265  C C   . ARG A 1 34  ? 9.714   3.492   10.055  1.00 32.86 ? 33  ARG A C   1 
ATOM   266  O O   . ARG A 1 34  ? 9.745   4.454   9.301   1.00 31.44 ? 33  ARG A O   1 
ATOM   267  C CB  . ARG A 1 34  ? 10.999  4.674   11.877  1.00 42.36 ? 33  ARG A CB  1 
ATOM   268  C CG  . ARG A 1 34  ? 10.756  5.496   13.134  1.00 49.42 ? 33  ARG A CG  1 
ATOM   269  C CD  . ARG A 1 34  ? 11.805  5.253   14.208  1.00 56.86 ? 33  ARG A CD  1 
ATOM   270  N NE  . ARG A 1 34  ? 11.358  5.812   15.488  1.00 65.78 ? 33  ARG A NE  1 
ATOM   271  C CZ  . ARG A 1 34  ? 11.560  5.262   16.692  1.00 71.24 ? 33  ARG A CZ  1 
ATOM   272  N NH1 . ARG A 1 34  ? 12.215  4.103   16.830  1.00 72.76 ? 33  ARG A NH1 1 
ATOM   273  N NH2 . ARG A 1 34  ? 11.078  5.872   17.776  1.00 67.85 ? 33  ARG A NH2 1 
ATOM   274  N N   . LEU A 1 35  ? 9.530   2.245   9.648   1.00 30.77 ? 34  LEU A N   1 
ATOM   275  C CA  . LEU A 1 35  ? 9.424   1.854   8.267   1.00 29.05 ? 34  LEU A CA  1 
ATOM   276  C C   . LEU A 1 35  ? 7.989   1.831   7.815   1.00 26.01 ? 34  LEU A C   1 
ATOM   277  O O   . LEU A 1 35  ? 7.164   1.076   8.365   1.00 22.83 ? 34  LEU A O   1 
ATOM   278  C CB  . LEU A 1 35  ? 9.992   0.438   8.132   1.00 32.33 ? 34  LEU A CB  1 
ATOM   279  C CG  . LEU A 1 35  ? 10.103  -0.121  6.722   1.00 31.31 ? 34  LEU A CG  1 
ATOM   280  C CD1 . LEU A 1 35  ? 11.086  0.683   5.911   1.00 33.24 ? 34  LEU A CD1 1 
ATOM   281  C CD2 . LEU A 1 35  ? 10.578  -1.557  6.810   1.00 31.41 ? 34  LEU A CD2 1 
ATOM   282  N N   . ALA A 1 36  ? 7.693   2.651   6.800   1.00 26.31 ? 35  ALA A N   1 
ATOM   283  C CA  . ALA A 1 36  ? 6.425   2.575   6.048   1.00 22.95 ? 35  ALA A CA  1 
ATOM   284  C C   . ALA A 1 36  ? 6.647   2.309   4.561   1.00 23.00 ? 35  ALA A C   1 
ATOM   285  O O   . ALA A 1 36  ? 7.772   2.333   4.080   1.00 21.10 ? 35  ALA A O   1 
ATOM   286  C CB  . ALA A 1 36  ? 5.639   3.857   6.229   1.00 24.47 ? 35  ALA A CB  1 
ATOM   287  N N   . VAL A 1 37  ? 5.560   2.067   3.824   1.00 24.61 ? 36  VAL A N   1 
ATOM   288  C CA  . VAL A 1 37  ? 5.622   1.891   2.367   1.00 24.07 ? 36  VAL A CA  1 
ATOM   289  C C   . VAL A 1 37  ? 4.525   2.721   1.635   1.00 26.03 ? 36  VAL A C   1 
ATOM   290  O O   . VAL A 1 37  ? 3.352   2.835   2.080   1.00 26.42 ? 36  VAL A O   1 
ATOM   291  C CB  . VAL A 1 37  ? 5.533   0.399   2.007   1.00 24.47 ? 36  VAL A CB  1 
ATOM   292  C CG1 . VAL A 1 37  ? 4.177   -0.169  2.342   1.00 24.48 ? 36  VAL A CG1 1 
ATOM   293  C CG2 . VAL A 1 37  ? 5.855   0.145   0.533   1.00 25.57 ? 36  VAL A CG2 1 
ATOM   294  N N   . LEU A 1 38  ? 4.939   3.327   0.527   1.00 25.04 ? 37  LEU A N   1 
ATOM   295  C CA  . LEU A 1 38  ? 4.053   4.106   -0.342  1.00 24.89 ? 37  LEU A CA  1 
ATOM   296  C C   . LEU A 1 38  ? 4.248   3.666   -1.806  1.00 25.13 ? 37  LEU A C   1 
ATOM   297  O O   . LEU A 1 38  ? 5.296   3.125   -2.158  1.00 26.07 ? 37  LEU A O   1 
ATOM   298  C CB  . LEU A 1 38  ? 4.419   5.584   -0.256  1.00 22.97 ? 37  LEU A CB  1 
ATOM   299  C CG  . LEU A 1 38  ? 3.978   6.423   0.939   1.00 22.72 ? 37  LEU A CG  1 
ATOM   300  C CD1 . LEU A 1 38  ? 4.702   7.770   0.890   1.00 23.51 ? 37  LEU A CD1 1 
ATOM   301  C CD2 . LEU A 1 38  ? 2.485   6.695   0.939   1.00 21.30 ? 37  LEU A CD2 1 
ATOM   302  N N   . PRO A 1 39  ? 3.264   3.944   -2.665  1.00 23.83 ? 38  PRO A N   1 
ATOM   303  C CA  . PRO A 1 39  ? 3.437   3.810   -4.107  1.00 23.28 ? 38  PRO A CA  1 
ATOM   304  C C   . PRO A 1 39  ? 4.559   4.695   -4.614  1.00 26.27 ? 38  PRO A C   1 
ATOM   305  O O   . PRO A 1 39  ? 4.602   5.875   -4.257  1.00 28.86 ? 38  PRO A O   1 
ATOM   306  C CB  . PRO A 1 39  ? 2.129   4.378   -4.662  1.00 22.85 ? 38  PRO A CB  1 
ATOM   307  C CG  . PRO A 1 39  ? 1.159   4.385   -3.526  1.00 22.51 ? 38  PRO A CG  1 
ATOM   308  C CD  . PRO A 1 39  ? 1.995   4.611   -2.313  1.00 22.86 ? 38  PRO A CD  1 
ATOM   309  N N   . ARG A 1 40  ? 5.423   4.191   -5.498  1.00 28.45 ? 39  ARG A N   1 
ATOM   310  C CA  . ARG A 1 40  ? 6.552   5.004   -5.971  1.00 30.01 ? 39  ARG A CA  1 
ATOM   311  C C   . ARG A 1 40  ? 6.170   6.370   -6.620  1.00 31.40 ? 39  ARG A C   1 
ATOM   312  O O   . ARG A 1 40  ? 6.839   7.391   -6.408  1.00 33.27 ? 39  ARG A O   1 
ATOM   313  C CB  . ARG A 1 40  ? 7.395   4.179   -6.914  1.00 32.39 ? 39  ARG A CB  1 
ATOM   314  C CG  . ARG A 1 40  ? 8.704   4.836   -7.272  1.00 34.94 ? 39  ARG A CG  1 
ATOM   315  C CD  . ARG A 1 40  ? 9.200   4.325   -8.613  1.00 40.12 ? 39  ARG A CD  1 
ATOM   316  N NE  . ARG A 1 40  ? 8.167   4.450   -9.642  1.00 42.11 ? 39  ARG A NE  1 
ATOM   317  C CZ  . ARG A 1 40  ? 7.862   5.574   -10.293 1.00 44.02 ? 39  ARG A CZ  1 
ATOM   318  N NH1 . ARG A 1 40  ? 8.537   6.707   -10.049 1.00 43.29 ? 39  ARG A NH1 1 
ATOM   319  N NH2 . ARG A 1 40  ? 6.869   5.560   -11.195 1.00 41.53 ? 39  ARG A NH2 1 
ATOM   320  N N   . HIS A 1 41  ? 5.088   6.405   -7.394  1.00 32.83 ? 40  HIS A N   1 
ATOM   321  C CA  . HIS A 1 41  ? 4.724   7.640   -8.117  1.00 32.35 ? 40  HIS A CA  1 
ATOM   322  C C   . HIS A 1 41  ? 4.282   8.778   -7.168  1.00 34.61 ? 40  HIS A C   1 
ATOM   323  O O   . HIS A 1 41  ? 4.153   9.939   -7.588  1.00 37.65 ? 40  HIS A O   1 
ATOM   324  C CB  . HIS A 1 41  ? 3.655   7.365   -9.174  1.00 31.47 ? 40  HIS A CB  1 
ATOM   325  C CG  . HIS A 1 41  ? 2.333   6.931   -8.605  1.00 33.61 ? 40  HIS A CG  1 
ATOM   326  N ND1 . HIS A 1 41  ? 2.037   5.610   -8.320  1.00 31.76 ? 40  HIS A ND1 1 
ATOM   327  C CD2 . HIS A 1 41  ? 1.222   7.644   -8.294  1.00 32.07 ? 40  HIS A CD2 1 
ATOM   328  C CE1 . HIS A 1 41  ? 0.806   5.530   -7.852  1.00 32.70 ? 40  HIS A CE1 1 
ATOM   329  N NE2 . HIS A 1 41  ? 0.294   6.748   -7.818  1.00 32.99 ? 40  HIS A NE2 1 
ATOM   330  N N   . SER A 1 42  ? 4.069   8.461   -5.886  1.00 33.05 ? 41  SER A N   1 
ATOM   331  C CA  . SER A 1 42  ? 3.746   9.509   -4.906  1.00 30.17 ? 41  SER A CA  1 
ATOM   332  C C   . SER A 1 42  ? 4.915   10.488  -4.640  1.00 31.74 ? 41  SER A C   1 
ATOM   333  O O   . SER A 1 42  ? 4.699   11.530  -4.036  1.00 26.42 ? 41  SER A O   1 
ATOM   334  C CB  . SER A 1 42  ? 3.195   8.895   -3.600  1.00 28.74 ? 41  SER A CB  1 
ATOM   335  O OG  . SER A 1 42  ? 4.198   8.297   -2.788  1.00 25.22 ? 41  SER A OG  1 
ATOM   336  N N   . GLN A 1 43  ? 6.135   10.140  -5.089  1.00 35.64 ? 42  GLN A N   1 
ATOM   337  C CA  . GLN A 1 43  ? 7.327   10.998  -4.958  1.00 36.67 ? 42  GLN A CA  1 
ATOM   338  C C   . GLN A 1 43  ? 7.439   11.734  -3.612  1.00 33.79 ? 42  GLN A C   1 
ATOM   339  O O   . GLN A 1 43  ? 7.448   12.977  -3.569  1.00 29.93 ? 42  GLN A O   1 
ATOM   340  C CB  . GLN A 1 43  ? 7.410   12.010  -6.100  1.00 40.31 ? 42  GLN A CB  1 
ATOM   341  C CG  . GLN A 1 43  ? 7.187   11.428  -7.490  1.00 48.92 ? 42  GLN A CG  1 
ATOM   342  C CD  . GLN A 1 43  ? 8.388   10.650  -8.029  1.00 58.03 ? 42  GLN A CD  1 
ATOM   343  O OE1 . GLN A 1 43  ? 9.181   10.078  -7.278  1.00 68.20 ? 42  GLN A OE1 1 
ATOM   344  N NE2 . GLN A 1 43  ? 8.510   10.610  -9.353  1.00 66.41 ? 42  GLN A NE2 1 
ATOM   345  N N   . PRO A 1 44  ? 7.547   10.967  -2.510  1.00 32.87 ? 43  PRO A N   1 
ATOM   346  C CA  . PRO A 1 44  ? 7.783   11.626  -1.235  1.00 34.69 ? 43  PRO A CA  1 
ATOM   347  C C   . PRO A 1 44  ? 9.133   12.319  -1.285  1.00 34.97 ? 43  PRO A C   1 
ATOM   348  O O   . PRO A 1 44  ? 10.087  11.749  -1.791  1.00 33.17 ? 43  PRO A O   1 
ATOM   349  C CB  . PRO A 1 44  ? 7.763   10.482  -0.215  1.00 34.94 ? 43  PRO A CB  1 
ATOM   350  C CG  . PRO A 1 44  ? 7.891   9.226   -0.994  1.00 33.74 ? 43  PRO A CG  1 
ATOM   351  C CD  . PRO A 1 44  ? 7.491   9.498   -2.397  1.00 33.27 ? 43  PRO A CD  1 
ATOM   352  N N   . GLY A 1 45  ? 9.172   13.565  -0.814  1.00 37.05 ? 44  GLY A N   1 
ATOM   353  C CA  . GLY A 1 45  ? 10.369  14.396  -0.825  1.00 34.03 ? 44  GLY A CA  1 
ATOM   354  C C   . GLY A 1 45  ? 11.078  14.229  0.500   1.00 33.69 ? 44  GLY A C   1 
ATOM   355  O O   . GLY A 1 45  ? 11.239  13.105  0.990   1.00 34.34 ? 44  GLY A O   1 
ATOM   356  N N   . LYS A 1 46  ? 11.521  15.341  1.066   1.00 34.73 ? 45  LYS A N   1 
ATOM   357  C CA  . LYS A 1 46  ? 12.269  15.335  2.339   1.00 37.15 ? 45  LYS A CA  1 
ATOM   358  C C   . LYS A 1 46  ? 11.327  15.266  3.514   1.00 34.61 ? 45  LYS A C   1 
ATOM   359  O O   . LYS A 1 46  ? 11.705  14.855  4.619   1.00 33.10 ? 45  LYS A O   1 
ATOM   360  C CB  . LYS A 1 46  ? 13.126  16.597  2.485   1.00 40.12 ? 45  LYS A CB  1 
ATOM   361  C CG  . LYS A 1 46  ? 14.068  16.872  1.312   1.00 44.40 ? 45  LYS A CG  1 
ATOM   362  C CD  . LYS A 1 46  ? 14.971  15.706  0.917   1.00 47.02 ? 45  LYS A CD  1 
ATOM   363  C CE  . LYS A 1 46  ? 15.756  16.086  -0.348  1.00 52.05 ? 45  LYS A CE  1 
ATOM   364  N NZ  . LYS A 1 46  ? 16.377  14.929  -1.060  1.00 53.27 ? 45  LYS A NZ  1 
ATOM   365  N N   . THR A 1 47  ? 10.103  15.715  3.267   1.00 35.10 ? 46  THR A N   1 
ATOM   366  C CA  . THR A 1 47  ? 9.042   15.706  4.262   1.00 33.65 ? 46  THR A CA  1 
ATOM   367  C C   . THR A 1 47  ? 7.798   15.133  3.633   1.00 30.26 ? 46  THR A C   1 
ATOM   368  O O   . THR A 1 47  ? 7.653   15.084  2.411   1.00 29.64 ? 46  THR A O   1 
ATOM   369  C CB  . THR A 1 47  ? 8.673   17.119  4.740   1.00 33.84 ? 46  THR A CB  1 
ATOM   370  O OG1 . THR A 1 47  ? 8.175   17.877  3.624   1.00 35.40 ? 46  THR A OG1 1 
ATOM   371  C CG2 . THR A 1 47  ? 9.868   17.813  5.389   1.00 32.80 ? 46  THR A CG2 1 
ATOM   372  N N   . ILE A 1 48  ? 6.900   14.706  4.493   1.00 27.12 ? 47  ILE A N   1 
ATOM   373  C CA  . ILE A 1 48  ? 5.611   14.230  4.056   1.00 25.93 ? 47  ILE A CA  1 
ATOM   374  C C   . ILE A 1 48  ? 4.608   14.620  5.132   1.00 25.61 ? 47  ILE A C   1 
ATOM   375  O O   . ILE A 1 48  ? 4.890   14.498  6.311   1.00 26.64 ? 47  ILE A O   1 
ATOM   376  C CB  . ILE A 1 48  ? 5.653   12.722  3.817   1.00 24.07 ? 47  ILE A CB  1 
ATOM   377  C CG1 . ILE A 1 48  ? 4.327   12.243  3.203   1.00 23.87 ? 47  ILE A CG1 1 
ATOM   378  C CG2 . ILE A 1 48  ? 5.971   12.010  5.107   1.00 23.77 ? 47  ILE A CG2 1 
ATOM   379  C CD1 . ILE A 1 48  ? 4.254   10.752  2.933   1.00 23.45 ? 47  ILE A CD1 1 
ATOM   380  N N   . TRP A 1 49  ? 3.462   15.143  4.734   1.00 26.36 ? 48  TRP A N   1 
ATOM   381  C CA  . TRP A 1 49  ? 2.398   15.409  5.705   1.00 27.91 ? 48  TRP A CA  1 
ATOM   382  C C   . TRP A 1 49  ? 1.784   14.070  6.144   1.00 27.37 ? 48  TRP A C   1 
ATOM   383  O O   . TRP A 1 49  ? 1.310   13.312  5.314   1.00 29.68 ? 48  TRP A O   1 
ATOM   384  C CB  . TRP A 1 49  ? 1.341   16.321  5.078   1.00 28.23 ? 48  TRP A CB  1 
ATOM   385  C CG  . TRP A 1 49  ? 0.212   16.717  6.014   1.00 30.78 ? 48  TRP A CG  1 
ATOM   386  C CD1 . TRP A 1 49  ? -1.040  16.210  6.017   1.00 32.86 ? 48  TRP A CD1 1 
ATOM   387  C CD2 . TRP A 1 49  ? 0.246   17.715  7.056   1.00 32.04 ? 48  TRP A CD2 1 
ATOM   388  N NE1 . TRP A 1 49  ? -1.812  16.825  6.992   1.00 34.52 ? 48  TRP A NE1 1 
ATOM   389  C CE2 . TRP A 1 49  ? -1.046  17.755  7.643   1.00 35.29 ? 48  TRP A CE2 1 
ATOM   390  C CE3 . TRP A 1 49  ? 1.237   18.594  7.537   1.00 33.03 ? 48  TRP A CE3 1 
ATOM   391  C CZ2 . TRP A 1 49  ? -1.381  18.639  8.706   1.00 34.62 ? 48  TRP A CZ2 1 
ATOM   392  C CZ3 . TRP A 1 49  ? 0.915   19.463  8.602   1.00 35.11 ? 48  TRP A CZ3 1 
ATOM   393  C CH2 . TRP A 1 49  ? -0.393  19.483  9.164   1.00 35.64 ? 48  TRP A CH2 1 
ATOM   394  N N   . ILE A 1 50  ? 1.816   13.765  7.435   1.00 27.70 ? 49  ILE A N   1 
ATOM   395  C CA  . ILE A 1 50  ? 1.133   12.568  7.937   1.00 28.03 ? 49  ILE A CA  1 
ATOM   396  C C   . ILE A 1 50  ? 0.065   12.999  8.929   1.00 31.74 ? 49  ILE A C   1 
ATOM   397  O O   . ILE A 1 50  ? 0.381   13.514  10.021  1.00 26.29 ? 49  ILE A O   1 
ATOM   398  C CB  . ILE A 1 50  ? 2.097   11.550  8.584   1.00 28.60 ? 49  ILE A CB  1 
ATOM   399  C CG1 . ILE A 1 50  ? 3.222   11.185  7.594   1.00 30.02 ? 49  ILE A CG1 1 
ATOM   400  C CG2 . ILE A 1 50  ? 1.384   10.269  8.972   1.00 26.80 ? 49  ILE A CG2 1 
ATOM   401  C CD1 . ILE A 1 50  ? 4.324   10.335  8.180   1.00 29.16 ? 49  ILE A CD1 1 
ATOM   402  N N   . GLU A 1 51  ? -1.191  12.768  8.499   1.00 34.64 ? 50  GLU A N   1 
ATOM   403  C CA  . GLU A 1 51  ? -2.431  13.106  9.228   1.00 37.67 ? 50  GLU A CA  1 
ATOM   404  C C   . GLU A 1 51  ? -2.571  14.558  9.692   1.00 40.23 ? 50  GLU A C   1 
ATOM   405  O O   . GLU A 1 51  ? -3.463  15.280  9.238   1.00 35.74 ? 50  GLU A O   1 
ATOM   406  C CB  . GLU A 1 51  ? -2.654  12.170  10.433  1.00 37.67 ? 50  GLU A CB  1 
ATOM   407  C CG  . GLU A 1 51  ? -3.889  11.291  10.311  1.00 41.74 ? 50  GLU A CG  1 
ATOM   408  C CD  . GLU A 1 51  ? -3.531  9.857   10.153  1.00 45.94 ? 50  GLU A CD  1 
ATOM   409  O OE1 . GLU A 1 51  ? -2.431  9.531   10.627  1.00 55.97 ? 50  GLU A OE1 1 
ATOM   410  O OE2 . GLU A 1 51  ? -4.308  9.079   9.557   1.00 44.44 ? 50  GLU A OE2 1 
ATOM   411  N N   . HIS A 1 52  ? -1.749  14.943  10.670  1.00 44.40 ? 51  HIS A N   1 
ATOM   412  C CA  . HIS A 1 52  ? -1.870  16.262  11.311  1.00 51.44 ? 51  HIS A CA  1 
ATOM   413  C C   . HIS A 1 52  ? -0.502  16.953  11.527  1.00 46.21 ? 51  HIS A C   1 
ATOM   414  O O   . HIS A 1 52  ? -0.389  17.893  12.310  1.00 43.88 ? 51  HIS A O   1 
ATOM   415  C CB  . HIS A 1 52  ? -2.659  16.148  12.654  1.00 58.23 ? 51  HIS A CB  1 
ATOM   416  C CG  . HIS A 1 52  ? -3.984  15.432  12.540  1.00 67.32 ? 51  HIS A CG  1 
ATOM   417  N ND1 . HIS A 1 52  ? -5.043  15.918  11.795  1.00 70.30 ? 51  HIS A ND1 1 
ATOM   418  C CD2 . HIS A 1 52  ? -4.419  14.268  13.089  1.00 68.40 ? 51  HIS A CD2 1 
ATOM   419  C CE1 . HIS A 1 52  ? -6.064  15.082  11.881  1.00 71.24 ? 51  HIS A CE1 1 
ATOM   420  N NE2 . HIS A 1 52  ? -5.712  14.073  12.657  1.00 69.60 ? 51  HIS A NE2 1 
ATOM   421  N N   . LYS A 1 53  ? 0.535   16.496  10.837  1.00 43.03 ? 52  LYS A N   1 
ATOM   422  C CA  . LYS A 1 53  ? 1.823   17.125  10.970  1.00 44.97 ? 52  LYS A CA  1 
ATOM   423  C C   . LYS A 1 53  ? 2.798   16.715  9.885   1.00 42.67 ? 52  LYS A C   1 
ATOM   424  O O   . LYS A 1 53  ? 2.709   15.631  9.306   1.00 46.73 ? 52  LYS A O   1 
ATOM   425  C CB  . LYS A 1 53  ? 2.441   16.891  12.361  1.00 48.75 ? 52  LYS A CB  1 
ATOM   426  C CG  . LYS A 1 53  ? 2.886   15.469  12.677  1.00 48.12 ? 52  LYS A CG  1 
ATOM   427  C CD  . LYS A 1 53  ? 4.307   15.464  13.254  1.00 51.87 ? 52  LYS A CD  1 
ATOM   428  C CE  . LYS A 1 53  ? 4.356   15.742  14.746  1.00 56.64 ? 52  LYS A CE  1 
ATOM   429  N NZ  . LYS A 1 53  ? 4.008   14.520  15.541  1.00 56.95 ? 52  LYS A NZ  1 
ATOM   430  N N   . LEU A 1 54  ? 3.724   17.627  9.622   1.00 36.47 ? 53  LEU A N   1 
ATOM   431  C CA  . LEU A 1 54  ? 4.757   17.428  8.644   1.00 35.07 ? 53  LEU A CA  1 
ATOM   432  C C   . LEU A 1 54  ? 5.845   16.581  9.270   1.00 34.72 ? 53  LEU A C   1 
ATOM   433  O O   . LEU A 1 54  ? 6.433   16.960  10.311  1.00 35.49 ? 53  LEU A O   1 
ATOM   434  C CB  . LEU A 1 54  ? 5.328   18.784  8.201   1.00 33.01 ? 53  LEU A CB  1 
ATOM   435  C CG  . LEU A 1 54  ? 6.165   18.738  6.931   1.00 33.24 ? 53  LEU A CG  1 
ATOM   436  C CD1 . LEU A 1 54  ? 5.340   18.228  5.747   1.00 34.10 ? 53  LEU A CD1 1 
ATOM   437  C CD2 . LEU A 1 54  ? 6.738   20.110  6.650   1.00 33.25 ? 53  LEU A CD2 1 
ATOM   438  N N   . VAL A 1 55  ? 6.123   15.440  8.654   1.00 30.08 ? 54  VAL A N   1 
ATOM   439  C CA  . VAL A 1 55  ? 7.099   14.490  9.204   1.00 27.40 ? 54  VAL A CA  1 
ATOM   440  C C   . VAL A 1 55  ? 8.282   14.377  8.223   1.00 28.71 ? 54  VAL A C   1 
ATOM   441  O O   . VAL A 1 55  ? 8.090   14.387  6.999   1.00 28.86 ? 54  VAL A O   1 
ATOM   442  C CB  . VAL A 1 55  ? 6.448   13.089  9.502   1.00 26.81 ? 54  VAL A CB  1 
ATOM   443  C CG1 . VAL A 1 55  ? 7.443   12.129  10.125  1.00 24.20 ? 54  VAL A CG1 1 
ATOM   444  C CG2 . VAL A 1 55  ? 5.222   13.223  10.416  1.00 25.86 ? 54  VAL A CG2 1 
ATOM   445  N N   . ASN A 1 56  ? 9.503   14.288  8.758   1.00 28.60 ? 55  ASN A N   1 
ATOM   446  C CA  . ASN A 1 56  ? 10.695  14.270  7.943   1.00 31.02 ? 55  ASN A CA  1 
ATOM   447  C C   . ASN A 1 56  ? 11.007  12.840  7.557   1.00 27.92 ? 55  ASN A C   1 
ATOM   448  O O   . ASN A 1 56  ? 10.889  11.922  8.366   1.00 26.25 ? 55  ASN A O   1 
ATOM   449  C CB  . ASN A 1 56  ? 11.885  14.874  8.705   1.00 36.81 ? 55  ASN A CB  1 
ATOM   450  C CG  . ASN A 1 56  ? 11.588  16.283  9.250   1.00 45.69 ? 55  ASN A CG  1 
ATOM   451  O OD1 . ASN A 1 56  ? 10.856  17.098  8.622   1.00 49.27 ? 55  ASN A OD1 1 
ATOM   452  N ND2 . ASN A 1 56  ? 12.176  16.594  10.421  1.00 50.59 ? 55  ASN A ND2 1 
ATOM   453  N N   . ILE A 1 57  ? 11.419  12.659  6.316   1.00 26.28 ? 56  ILE A N   1 
ATOM   454  C CA  . ILE A 1 57  ? 11.784  11.348  5.793   1.00 26.90 ? 56  ILE A CA  1 
ATOM   455  C C   . ILE A 1 57  ? 13.296  11.182  5.843   1.00 26.92 ? 56  ILE A C   1 
ATOM   456  O O   . ILE A 1 57  ? 14.012  12.012  5.287   1.00 29.91 ? 56  ILE A O   1 
ATOM   457  C CB  . ILE A 1 57  ? 11.258  11.196  4.343   1.00 27.14 ? 56  ILE A CB  1 
ATOM   458  C CG1 . ILE A 1 57  ? 9.732   11.035  4.394   1.00 25.20 ? 56  ILE A CG1 1 
ATOM   459  C CG2 . ILE A 1 57  ? 11.925  10.000  3.654   1.00 29.48 ? 56  ILE A CG2 1 
ATOM   460  C CD1 . ILE A 1 57  ? 9.066   11.107  3.051   1.00 26.03 ? 56  ILE A CD1 1 
ATOM   461  N N   . LEU A 1 58  ? 13.801  10.137  6.501   1.00 25.64 ? 57  LEU A N   1 
ATOM   462  C CA  . LEU A 1 58  ? 15.265  10.006  6.668   1.00 26.93 ? 57  LEU A CA  1 
ATOM   463  C C   . LEU A 1 58  ? 15.885  9.248   5.501   1.00 29.40 ? 57  LEU A C   1 
ATOM   464  O O   . LEU A 1 58  ? 17.081  9.342   5.224   1.00 26.88 ? 57  LEU A O   1 
ATOM   465  C CB  . LEU A 1 58  ? 15.599  9.296   7.975   1.00 26.50 ? 57  LEU A CB  1 
ATOM   466  C CG  . LEU A 1 58  ? 15.065  9.964   9.242   1.00 25.58 ? 57  LEU A CG  1 
ATOM   467  C CD1 . LEU A 1 58  ? 15.238  9.035   10.439  1.00 25.52 ? 57  LEU A CD1 1 
ATOM   468  C CD2 . LEU A 1 58  ? 15.784  11.279  9.502   1.00 26.72 ? 57  LEU A CD2 1 
ATOM   469  N N   . ASP A 1 59  ? 15.045  8.518   4.784   1.00 32.47 ? 58  ASP A N   1 
ATOM   470  C CA  . ASP A 1 59  ? 15.528  7.589   3.806   1.00 36.26 ? 58  ASP A CA  1 
ATOM   471  C C   . ASP A 1 59  ? 14.352  7.096   2.983   1.00 33.18 ? 58  ASP A C   1 
ATOM   472  O O   . ASP A 1 59  ? 13.255  6.874   3.529   1.00 31.65 ? 58  ASP A O   1 
ATOM   473  C CB  . ASP A 1 59  ? 16.169  6.393   4.531   1.00 42.30 ? 58  ASP A CB  1 
ATOM   474  C CG  . ASP A 1 59  ? 17.053  5.564   3.618   1.00 48.84 ? 58  ASP A CG  1 
ATOM   475  O OD1 . ASP A 1 59  ? 17.914  6.169   2.941   1.00 54.02 ? 58  ASP A OD1 1 
ATOM   476  O OD2 . ASP A 1 59  ? 16.903  4.319   3.594   1.00 53.19 ? 58  ASP A OD2 1 
ATOM   477  N N   . ALA A 1 60  ? 14.595  6.934   1.683   1.00 30.05 ? 59  ALA A N   1 
ATOM   478  C CA  . ALA A 1 60  ? 13.616  6.410   0.736   1.00 31.86 ? 59  ALA A CA  1 
ATOM   479  C C   . ALA A 1 60  ? 14.363  5.445   -0.157  1.00 34.07 ? 59  ALA A C   1 
ATOM   480  O O   . ALA A 1 60  ? 15.516  5.697   -0.513  1.00 35.20 ? 59  ALA A O   1 
ATOM   481  C CB  . ALA A 1 60  ? 12.978  7.523   -0.087  1.00 30.50 ? 59  ALA A CB  1 
ATOM   482  N N   . VAL A 1 61  ? 13.708  4.332   -0.463  1.00 32.29 ? 60  VAL A N   1 
ATOM   483  C CA  . VAL A 1 61  ? 14.275  3.274   -1.252  1.00 32.50 ? 60  VAL A CA  1 
ATOM   484  C C   . VAL A 1 61  ? 13.194  2.829   -2.200  1.00 33.84 ? 60  VAL A C   1 
ATOM   485  O O   . VAL A 1 61  ? 12.125  2.373   -1.741  1.00 32.43 ? 60  VAL A O   1 
ATOM   486  C CB  . VAL A 1 61  ? 14.686  2.089   -0.363  1.00 31.78 ? 60  VAL A CB  1 
ATOM   487  C CG1 . VAL A 1 61  ? 15.039  0.856   -1.205  1.00 31.72 ? 60  VAL A CG1 1 
ATOM   488  C CG2 . VAL A 1 61  ? 15.842  2.500   0.537   1.00 30.38 ? 60  VAL A CG2 1 
ATOM   489  N N   . GLU A 1 62  ? 13.461  2.994   -3.502  1.00 34.42 ? 61  GLU A N   1 
ATOM   490  C CA  . GLU A 1 62  ? 12.550  2.525   -4.558  1.00 37.86 ? 61  GLU A CA  1 
ATOM   491  C C   . GLU A 1 62  ? 12.908  1.060   -4.865  1.00 38.52 ? 61  GLU A C   1 
ATOM   492  O O   . GLU A 1 62  ? 14.081  0.711   -5.069  1.00 45.76 ? 61  GLU A O   1 
ATOM   493  C CB  . GLU A 1 62  ? 12.600  3.460   -5.791  1.00 39.87 ? 61  GLU A CB  1 
ATOM   494  C CG  . GLU A 1 62  ? 12.394  4.947   -5.399  1.00 40.95 ? 61  GLU A CG  1 
ATOM   495  C CD  . GLU A 1 62  ? 12.144  5.935   -6.549  1.00 40.38 ? 61  GLU A CD  1 
ATOM   496  O OE1 . GLU A 1 62  ? 12.449  5.651   -7.727  1.00 42.16 ? 61  GLU A OE1 1 
ATOM   497  O OE2 . GLU A 1 62  ? 11.644  7.041   -6.259  1.00 39.46 ? 61  GLU A OE2 1 
ATOM   498  N N   . LEU A 1 63  ? 11.916  0.180   -4.813  1.00 36.59 ? 62  LEU A N   1 
ATOM   499  C CA  . LEU A 1 63  ? 12.181  -1.249  -5.014  1.00 35.45 ? 62  LEU A CA  1 
ATOM   500  C C   . LEU A 1 63  ? 12.196  -1.621  -6.486  1.00 34.85 ? 62  LEU A C   1 
ATOM   501  O O   . LEU A 1 63  ? 11.265  -1.332  -7.212  1.00 33.62 ? 62  LEU A O   1 
ATOM   502  C CB  . LEU A 1 63  ? 11.160  -2.110  -4.278  1.00 34.67 ? 62  LEU A CB  1 
ATOM   503  C CG  . LEU A 1 63  ? 11.172  -1.972  -2.764  1.00 34.95 ? 62  LEU A CG  1 
ATOM   504  C CD1 . LEU A 1 63  ? 10.075  -2.839  -2.170  1.00 34.82 ? 62  LEU A CD1 1 
ATOM   505  C CD2 . LEU A 1 63  ? 12.545  -2.310  -2.161  1.00 34.58 ? 62  LEU A CD2 1 
ATOM   506  N N   . VAL A 1 64  ? 13.280  -2.243  -6.934  1.00 35.29 ? 63  VAL A N   1 
ATOM   507  C CA  . VAL A 1 64  ? 13.292  -2.831  -8.264  1.00 34.72 ? 63  VAL A CA  1 
ATOM   508  C C   . VAL A 1 64  ? 13.526  -4.319  -8.118  1.00 38.03 ? 63  VAL A C   1 
ATOM   509  O O   . VAL A 1 64  ? 14.027  -4.803  -7.085  1.00 37.35 ? 63  VAL A O   1 
ATOM   510  C CB  . VAL A 1 64  ? 14.357  -2.218  -9.190  1.00 35.41 ? 63  VAL A CB  1 
ATOM   511  C CG1 . VAL A 1 64  ? 14.017  -0.768  -9.504  1.00 36.60 ? 63  VAL A CG1 1 
ATOM   512  C CG2 . VAL A 1 64  ? 15.779  -2.346  -8.612  1.00 35.45 ? 63  VAL A CG2 1 
ATOM   513  N N   . ASP A 1 65  ? 13.157  -5.056  -9.145  1.00 36.77 ? 64  ASP A N   1 
ATOM   514  C CA  . ASP A 1 65  ? 13.413  -6.463  -9.103  1.00 41.55 ? 64  ASP A CA  1 
ATOM   515  C C   . ASP A 1 65  ? 14.822  -6.725  -9.639  1.00 45.98 ? 64  ASP A C   1 
ATOM   516  O O   . ASP A 1 65  ? 15.605  -5.791  -9.765  1.00 46.25 ? 64  ASP A O   1 
ATOM   517  C CB  . ASP A 1 65  ? 12.299  -7.239  -9.825  1.00 40.04 ? 64  ASP A CB  1 
ATOM   518  C CG  . ASP A 1 65  ? 12.338  -7.103  -11.329 1.00 34.62 ? 64  ASP A CG  1 
ATOM   519  O OD1 . ASP A 1 65  ? 13.215  -6.447  -11.880 1.00 29.56 ? 64  ASP A OD1 1 
ATOM   520  O OD2 . ASP A 1 65  ? 11.461  -7.700  -11.958 1.00 36.97 ? 64  ASP A OD2 1 
ATOM   521  N N   . GLU A 1 66  ? 15.123  -7.992  -9.923  1.00 51.46 ? 65  GLU A N   1 
ATOM   522  C CA  . GLU A 1 66  ? 16.427  -8.445  -10.384 1.00 54.54 ? 65  GLU A CA  1 
ATOM   523  C C   . GLU A 1 66  ? 16.740  -7.900  -11.771 1.00 51.48 ? 65  GLU A C   1 
ATOM   524  O O   . GLU A 1 66  ? 17.891  -7.627  -12.083 1.00 45.81 ? 65  GLU A O   1 
ATOM   525  C CB  . GLU A 1 66  ? 16.479  -9.996  -10.387 1.00 63.54 ? 65  GLU A CB  1 
ATOM   526  C CG  . GLU A 1 66  ? 16.046  -10.706 -11.696 1.00 69.60 ? 65  GLU A CG  1 
ATOM   527  C CD  . GLU A 1 66  ? 14.533  -10.960 -11.878 1.00 72.94 ? 65  GLU A CD  1 
ATOM   528  O OE1 . GLU A 1 66  ? 13.735  -10.918 -10.900 1.00 69.60 ? 65  GLU A OE1 1 
ATOM   529  O OE2 . GLU A 1 66  ? 14.140  -11.265 -13.031 1.00 77.11 ? 65  GLU A OE2 1 
ATOM   530  N N   . GLN A 1 67  ? 15.710  -7.754  -12.600 1.00 50.60 ? 66  GLN A N   1 
ATOM   531  C CA  . GLN A 1 67  ? 15.858  -7.143  -13.936 1.00 53.14 ? 66  GLN A CA  1 
ATOM   532  C C   . GLN A 1 67  ? 16.001  -5.601  -13.913 1.00 45.75 ? 66  GLN A C   1 
ATOM   533  O O   . GLN A 1 67  ? 16.082  -4.972  -14.966 1.00 49.88 ? 66  GLN A O   1 
ATOM   534  C CB  . GLN A 1 67  ? 14.637  -7.483  -14.799 1.00 56.94 ? 66  GLN A CB  1 
ATOM   535  C CG  . GLN A 1 67  ? 14.411  -8.968  -14.985 1.00 66.27 ? 66  GLN A CG  1 
ATOM   536  C CD  . GLN A 1 67  ? 12.980  -9.304  -15.394 1.00 69.23 ? 66  GLN A CD  1 
ATOM   537  O OE1 . GLN A 1 67  ? 12.527  -8.941  -16.499 1.00 64.94 ? 66  GLN A OE1 1 
ATOM   538  N NE2 . GLN A 1 67  ? 12.261  -10.021 -14.512 1.00 69.26 ? 66  GLN A NE2 1 
ATOM   539  N N   . GLY A 1 68  ? 16.006  -4.999  -12.729 1.00 42.25 ? 67  GLY A N   1 
ATOM   540  C CA  . GLY A 1 68  ? 15.965  -3.536  -12.585 1.00 39.35 ? 67  GLY A CA  1 
ATOM   541  C C   . GLY A 1 68  ? 14.617  -2.941  -12.961 1.00 35.55 ? 67  GLY A C   1 
ATOM   542  O O   . GLY A 1 68  ? 14.520  -1.738  -13.242 1.00 33.59 ? 67  GLY A O   1 
ATOM   543  N N   . VAL A 1 69  ? 13.577  -3.775  -12.992 1.00 31.69 ? 68  VAL A N   1 
ATOM   544  C CA  . VAL A 1 69  ? 12.247  -3.307  -13.313 1.00 33.88 ? 68  VAL A CA  1 
ATOM   545  C C   . VAL A 1 69  ? 11.513  -2.838  -12.043 1.00 37.39 ? 68  VAL A C   1 
ATOM   546  O O   . VAL A 1 69  ? 11.503  -3.496  -10.989 1.00 37.60 ? 68  VAL A O   1 
ATOM   547  C CB  . VAL A 1 69  ? 11.414  -4.315  -14.141 1.00 33.15 ? 68  VAL A CB  1 
ATOM   548  C CG1 . VAL A 1 69  ? 10.011  -3.770  -14.445 1.00 31.64 ? 68  VAL A CG1 1 
ATOM   549  C CG2 . VAL A 1 69  ? 12.112  -4.579  -15.469 1.00 33.43 ? 68  VAL A CG2 1 
ATOM   550  N N   . ASN A 1 70  ? 10.949  -1.645  -12.186 1.00 36.16 ? 69  ASN A N   1 
ATOM   551  C CA  . ASN A 1 70  ? 10.132  -0.993  -11.201 1.00 35.98 ? 69  ASN A CA  1 
ATOM   552  C C   . ASN A 1 70  ? 9.125   -1.936  -10.540 1.00 37.52 ? 69  ASN A C   1 
ATOM   553  O O   . ASN A 1 70  ? 8.398   -2.678  -11.226 1.00 36.90 ? 69  ASN A O   1 
ATOM   554  C CB  . ASN A 1 70  ? 9.393   0.129   -11.916 1.00 34.46 ? 69  ASN A CB  1 
ATOM   555  C CG  . ASN A 1 70  ? 8.451   0.850   -11.032 1.00 32.71 ? 69  ASN A CG  1 
ATOM   556  O OD1 . ASN A 1 70  ? 8.819   1.250   -9.936  1.00 33.73 ? 69  ASN A OD1 1 
ATOM   557  N ND2 . ASN A 1 70  ? 7.220   1.044   -11.502 1.00 33.45 ? 69  ASN A ND2 1 
ATOM   558  N N   . LEU A 1 71  ? 9.093   -1.900  -9.204  1.00 34.79 ? 70  LEU A N   1 
ATOM   559  C CA  . LEU A 1 71  ? 8.052   -2.609  -8.446  1.00 33.14 ? 70  LEU A CA  1 
ATOM   560  C C   . LEU A 1 71  ? 7.011   -1.650  -7.887  1.00 31.75 ? 70  LEU A C   1 
ATOM   561  O O   . LEU A 1 71  ? 5.975   -2.090  -7.390  1.00 28.89 ? 70  LEU A O   1 
ATOM   562  C CB  . LEU A 1 71  ? 8.665   -3.458  -7.334  1.00 31.84 ? 70  LEU A CB  1 
ATOM   563  C CG  . LEU A 1 71  ? 9.590   -4.565  -7.831  1.00 29.66 ? 70  LEU A CG  1 
ATOM   564  C CD1 . LEU A 1 71  ? 10.292  -5.300  -6.696  1.00 28.68 ? 70  LEU A CD1 1 
ATOM   565  C CD2 . LEU A 1 71  ? 8.797   -5.526  -8.711  1.00 31.35 ? 70  LEU A CD2 1 
ATOM   566  N N   . GLU A 1 72  ? 7.276   -0.348  -8.016  1.00 30.52 ? 71  GLU A N   1 
ATOM   567  C CA  . GLU A 1 72  ? 6.290   0.697   -7.736  1.00 29.05 ? 71  GLU A CA  1 
ATOM   568  C C   . GLU A 1 72  ? 6.013   0.788   -6.241  1.00 28.26 ? 71  GLU A C   1 
ATOM   569  O O   . GLU A 1 72  ? 4.923   1.188   -5.802  1.00 26.94 ? 71  GLU A O   1 
ATOM   570  C CB  . GLU A 1 72  ? 5.007   0.518   -8.559  1.00 29.91 ? 71  GLU A CB  1 
ATOM   571  C CG  . GLU A 1 72  ? 4.038   1.720   -8.543  1.00 31.68 ? 71  GLU A CG  1 
ATOM   572  C CD  . GLU A 1 72  ? 4.675   3.042   -8.976  1.00 32.89 ? 71  GLU A CD  1 
ATOM   573  O OE1 . GLU A 1 72  ? 5.574   3.011   -9.855  1.00 32.38 ? 71  GLU A OE1 1 
ATOM   574  O OE2 . GLU A 1 72  ? 4.283   4.119   -8.441  1.00 33.65 ? 71  GLU A OE2 1 
ATOM   575  N N   . LEU A 1 73  ? 7.056   0.488   -5.456  1.00 27.85 ? 72  LEU A N   1 
ATOM   576  C CA  . LEU A 1 73  ? 6.993   0.660   -4.020  1.00 25.18 ? 72  LEU A CA  1 
ATOM   577  C C   . LEU A 1 73  ? 8.214   1.385   -3.554  1.00 25.57 ? 72  LEU A C   1 
ATOM   578  O O   . LEU A 1 73  ? 9.334   1.143   -4.022  1.00 24.07 ? 72  LEU A O   1 
ATOM   579  C CB  . LEU A 1 73  ? 6.919   -0.686  -3.310  1.00 25.11 ? 72  LEU A CB  1 
ATOM   580  C CG  . LEU A 1 73  ? 5.766   -1.631  -3.635  1.00 25.79 ? 72  LEU A CG  1 
ATOM   581  C CD1 . LEU A 1 73  ? 6.154   -3.053  -3.236  1.00 27.44 ? 72  LEU A CD1 1 
ATOM   582  C CD2 . LEU A 1 73  ? 4.482   -1.241  -2.921  1.00 26.55 ? 72  LEU A CD2 1 
ATOM   583  N N   . THR A 1 74  ? 7.985   2.252   -2.580  1.00 25.87 ? 73  THR A N   1 
ATOM   584  C CA  . THR A 1 74  ? 9.041   3.001   -1.960  1.00 27.20 ? 73  THR A CA  1 
ATOM   585  C C   . THR A 1 74  ? 8.972   2.806   -0.454  1.00 28.04 ? 73  THR A C   1 
ATOM   586  O O   . THR A 1 74  ? 7.965   3.067   0.198   1.00 27.36 ? 73  THR A O   1 
ATOM   587  C CB  . THR A 1 74  ? 8.936   4.477   -2.359  1.00 25.23 ? 73  THR A CB  1 
ATOM   588  O OG1 . THR A 1 74  ? 9.024   4.550   -3.785  1.00 25.95 ? 73  THR A OG1 1 
ATOM   589  C CG2 . THR A 1 74  ? 10.026  5.287   -1.747  1.00 23.86 ? 73  THR A CG2 1 
ATOM   590  N N   . LEU A 1 75  ? 10.075  2.326   0.079   1.00 30.26 ? 74  LEU A N   1 
ATOM   591  C CA  . LEU A 1 75  ? 10.221  2.167   1.493   1.00 30.52 ? 74  LEU A CA  1 
ATOM   592  C C   . LEU A 1 75  ? 10.674  3.490   2.056   1.00 31.26 ? 74  LEU A C   1 
ATOM   593  O O   . LEU A 1 75  ? 11.715  4.020   1.611   1.00 32.80 ? 74  LEU A O   1 
ATOM   594  C CB  . LEU A 1 75  ? 11.288  1.129   1.773   1.00 32.14 ? 74  LEU A CB  1 
ATOM   595  C CG  . LEU A 1 75  ? 10.857  -0.309  1.923   1.00 34.23 ? 74  LEU A CG  1 
ATOM   596  C CD1 . LEU A 1 75  ? 9.760   -0.719  0.949   1.00 34.49 ? 74  LEU A CD1 1 
ATOM   597  C CD2 . LEU A 1 75  ? 12.122  -1.160  1.804   1.00 35.33 ? 74  LEU A CD2 1 
ATOM   598  N N   . ILE A 1 76  ? 9.931   4.025   3.034   1.00 29.29 ? 75  ILE A N   1 
ATOM   599  C CA  . ILE A 1 76  ? 10.402  5.206   3.735   1.00 27.32 ? 75  ILE A CA  1 
ATOM   600  C C   . ILE A 1 76  ? 10.617  4.993   5.232   1.00 26.58 ? 75  ILE A C   1 
ATOM   601  O O   . ILE A 1 76  ? 9.869   4.266   5.890   1.00 26.73 ? 75  ILE A O   1 
ATOM   602  C CB  . ILE A 1 76  ? 9.511   6.431   3.488   1.00 28.96 ? 75  ILE A CB  1 
ATOM   603  C CG1 . ILE A 1 76  ? 8.094   6.166   3.961   1.00 30.58 ? 75  ILE A CG1 1 
ATOM   604  C CG2 . ILE A 1 76  ? 9.578   6.835   2.007   1.00 28.68 ? 75  ILE A CG2 1 
ATOM   605  C CD1 . ILE A 1 76  ? 7.242   7.424   3.924   1.00 32.93 ? 75  ILE A CD1 1 
ATOM   606  N N   . THR A 1 77  ? 11.653  5.658   5.751   1.00 25.34 ? 76  THR A N   1 
ATOM   607  C CA  . THR A 1 77  ? 11.999  5.606   7.162   1.00 24.20 ? 76  THR A CA  1 
ATOM   608  C C   . THR A 1 77  ? 11.764  6.992   7.703   1.00 24.35 ? 76  THR A C   1 
ATOM   609  O O   . THR A 1 77  ? 12.329  7.953   7.203   1.00 23.99 ? 76  THR A O   1 
ATOM   610  C CB  . THR A 1 77  ? 13.455  5.159   7.355   1.00 24.97 ? 76  THR A CB  1 
ATOM   611  O OG1 . THR A 1 77  ? 13.641  3.886   6.701   1.00 23.28 ? 76  THR A OG1 1 
ATOM   612  C CG2 . THR A 1 77  ? 13.785  5.016   8.813   1.00 26.34 ? 76  THR A CG2 1 
ATOM   613  N N   . LEU A 1 78  ? 10.892  7.071   8.711   1.00 24.79 ? 77  LEU A N   1 
ATOM   614  C CA  . LEU A 1 78  ? 10.420  8.312   9.263   1.00 26.13 ? 77  LEU A CA  1 
ATOM   615  C C   . LEU A 1 78  ? 11.158  8.744   10.518  1.00 27.85 ? 77  LEU A C   1 
ATOM   616  O O   . LEU A 1 78  ? 11.574  7.936   11.346  1.00 28.25 ? 77  LEU A O   1 
ATOM   617  C CB  . LEU A 1 78  ? 8.934   8.167   9.621   1.00 27.01 ? 77  LEU A CB  1 
ATOM   618  C CG  . LEU A 1 78  ? 8.048   7.626   8.498   1.00 26.82 ? 77  LEU A CG  1 
ATOM   619  C CD1 . LEU A 1 78  ? 6.650   7.371   9.049   1.00 27.36 ? 77  LEU A CD1 1 
ATOM   620  C CD2 . LEU A 1 78  ? 8.038   8.628   7.355   1.00 25.58 ? 77  LEU A CD2 1 
ATOM   621  N N   . ASP A 1 79  ? 11.265  10.054  10.674  1.00 29.48 ? 78  ASP A N   1 
ATOM   622  C CA  . ASP A 1 79  ? 11.778  10.631  11.890  1.00 30.90 ? 78  ASP A CA  1 
ATOM   623  C C   . ASP A 1 79  ? 10.585  10.858  12.833  1.00 31.30 ? 78  ASP A C   1 
ATOM   624  O O   . ASP A 1 79  ? 9.967   11.910  12.821  1.00 28.73 ? 78  ASP A O   1 
ATOM   625  C CB  . ASP A 1 79  ? 12.529  11.942  11.584  1.00 29.70 ? 78  ASP A CB  1 
ATOM   626  C CG  . ASP A 1 79  ? 13.049  12.609  12.840  1.00 29.30 ? 78  ASP A CG  1 
ATOM   627  O OD1 . ASP A 1 79  ? 13.148  11.910  13.898  1.00 26.81 ? 78  ASP A OD1 1 
ATOM   628  O OD2 . ASP A 1 79  ? 13.341  13.823  12.748  1.00 29.93 ? 78  ASP A OD2 1 
ATOM   629  N N   . THR A 1 80  ? 10.247  9.829   13.604  1.00 36.52 ? 79  THR A N   1 
ATOM   630  C CA  . THR A 1 80  ? 9.147   9.905   14.558  1.00 39.40 ? 79  THR A CA  1 
ATOM   631  C C   . THR A 1 80  ? 9.461   9.243   15.870  1.00 41.25 ? 79  THR A C   1 
ATOM   632  O O   . THR A 1 80  ? 10.428  8.492   15.995  1.00 40.93 ? 79  THR A O   1 
ATOM   633  C CB  . THR A 1 80  ? 7.860   9.258   14.009  1.00 40.22 ? 79  THR A CB  1 
ATOM   634  O OG1 . THR A 1 80  ? 8.145   7.949   13.517  1.00 37.23 ? 79  THR A OG1 1 
ATOM   635  C CG2 . THR A 1 80  ? 7.273   10.114  12.923  1.00 42.25 ? 79  THR A CG2 1 
ATOM   636  N N   . ASN A 1 81  ? 8.604   9.520   16.844  1.00 46.43 ? 80  ASN A N   1 
ATOM   637  C CA  . ASN A 1 81  ? 8.628   8.816   18.119  1.00 50.63 ? 80  ASN A CA  1 
ATOM   638  C C   . ASN A 1 81  ? 7.903   7.496   18.019  1.00 54.12 ? 80  ASN A C   1 
ATOM   639  O O   . ASN A 1 81  ? 8.304   6.513   18.648  1.00 61.16 ? 80  ASN A O   1 
ATOM   640  C CB  . ASN A 1 81  ? 8.007   9.685   19.198  1.00 48.69 ? 80  ASN A CB  1 
ATOM   641  C CG  . ASN A 1 81  ? 8.792   10.953  19.409  1.00 49.42 ? 80  ASN A CG  1 
ATOM   642  O OD1 . ASN A 1 81  ? 8.239   12.049  19.400  1.00 48.48 ? 80  ASN A OD1 1 
ATOM   643  N ND2 . ASN A 1 81  ? 10.113  10.811  19.556  1.00 50.33 ? 80  ASN A ND2 1 
ATOM   644  N N   . GLU A 1 82  ? 6.839   7.475   17.224  1.00 55.02 ? 81  GLU A N   1 
ATOM   645  C CA  . GLU A 1 82  ? 6.129   6.225   16.935  1.00 55.96 ? 81  GLU A CA  1 
ATOM   646  C C   . GLU A 1 82  ? 7.012   5.047   16.446  1.00 55.25 ? 81  GLU A C   1 
ATOM   647  O O   . GLU A 1 82  ? 7.901   5.221   15.606  1.00 55.87 ? 81  GLU A O   1 
ATOM   648  C CB  . GLU A 1 82  ? 5.018   6.477   15.903  1.00 56.79 ? 81  GLU A CB  1 
ATOM   649  C CG  . GLU A 1 82  ? 4.285   5.190   15.496  1.00 58.19 ? 81  GLU A CG  1 
ATOM   650  C CD  . GLU A 1 82  ? 2.861   5.405   15.019  1.00 57.80 ? 81  GLU A CD  1 
ATOM   651  O OE1 . GLU A 1 82  ? 1.999   4.516   15.277  1.00 52.56 ? 81  GLU A OE1 1 
ATOM   652  O OE2 . GLU A 1 82  ? 2.609   6.457   14.376  1.00 59.23 ? 81  GLU A OE2 1 
ATOM   653  N N   . LYS A 1 83  ? 6.767   3.869   17.025  1.00 52.54 ? 82  LYS A N   1 
ATOM   654  C CA  . LYS A 1 83  ? 7.045   2.599   16.392  1.00 46.80 ? 82  LYS A CA  1 
ATOM   655  C C   . LYS A 1 83  ? 5.706   2.055   15.937  1.00 43.97 ? 82  LYS A C   1 
ATOM   656  O O   . LYS A 1 83  ? 4.784   1.942   16.753  1.00 44.11 ? 82  LYS A O   1 
ATOM   657  C CB  . LYS A 1 83  ? 7.659   1.622   17.386  1.00 52.70 ? 82  LYS A CB  1 
ATOM   658  C CG  . LYS A 1 83  ? 9.125   1.913   17.679  1.00 62.25 ? 82  LYS A CG  1 
ATOM   659  C CD  . LYS A 1 83  ? 10.009  0.664   17.582  1.00 66.32 ? 82  LYS A CD  1 
ATOM   660  C CE  . LYS A 1 83  ? 10.505  0.188   18.946  1.00 71.63 ? 82  LYS A CE  1 
ATOM   661  N NZ  . LYS A 1 83  ? 11.589  1.068   19.497  1.00 71.73 ? 82  LYS A NZ  1 
ATOM   662  N N   . PHE A 1 84  ? 5.581   1.739   14.645  1.00 37.80 ? 83  PHE A N   1 
ATOM   663  C CA  . PHE A 1 84  ? 4.356   1.133   14.141  1.00 34.71 ? 83  PHE A CA  1 
ATOM   664  C C   . PHE A 1 84  ? 4.206   -0.219  14.774  1.00 32.69 ? 83  PHE A C   1 
ATOM   665  O O   . PHE A 1 84  ? 5.203   -0.905  15.029  1.00 30.68 ? 83  PHE A O   1 
ATOM   666  C CB  . PHE A 1 84  ? 4.403   0.945   12.622  1.00 33.66 ? 83  PHE A CB  1 
ATOM   667  C CG  . PHE A 1 84  ? 4.408   2.238   11.842  1.00 29.87 ? 83  PHE A CG  1 
ATOM   668  C CD1 . PHE A 1 84  ? 3.308   3.103   11.888  1.00 27.20 ? 83  PHE A CD1 1 
ATOM   669  C CD2 . PHE A 1 84  ? 5.504   2.586   11.060  1.00 26.02 ? 83  PHE A CD2 1 
ATOM   670  C CE1 . PHE A 1 84  ? 3.323   4.288   11.168  1.00 25.60 ? 83  PHE A CE1 1 
ATOM   671  C CE2 . PHE A 1 84  ? 5.515   3.761   10.339  1.00 25.76 ? 83  PHE A CE2 1 
ATOM   672  C CZ  . PHE A 1 84  ? 4.426   4.606   10.377  1.00 25.16 ? 83  PHE A CZ  1 
ATOM   673  N N   . ARG A 1 85  ? 2.960   -0.612  15.011  1.00 33.49 ? 84  ARG A N   1 
ATOM   674  C CA  . ARG A 1 85  ? 2.711   -1.976  15.403  1.00 32.08 ? 84  ARG A CA  1 
ATOM   675  C C   . ARG A 1 85  ? 3.340   -2.831  14.322  1.00 36.00 ? 84  ARG A C   1 
ATOM   676  O O   . ARG A 1 85  ? 3.141   -2.589  13.134  1.00 34.49 ? 84  ARG A O   1 
ATOM   677  C CB  . ARG A 1 85  ? 1.229   -2.311  15.487  1.00 32.53 ? 84  ARG A CB  1 
ATOM   678  C CG  . ARG A 1 85  ? 1.054   -3.808  15.746  1.00 32.79 ? 84  ARG A CG  1 
ATOM   679  C CD  . ARG A 1 85  ? -0.336  -4.314  15.591  1.00 34.04 ? 84  ARG A CD  1 
ATOM   680  N NE  . ARG A 1 85  ? -1.049  -3.790  14.433  1.00 35.48 ? 84  ARG A NE  1 
ATOM   681  C CZ  . ARG A 1 85  ? -2.279  -4.181  14.091  1.00 34.65 ? 84  ARG A CZ  1 
ATOM   682  N NH1 . ARG A 1 85  ? -2.903  -5.126  14.786  1.00 32.20 ? 84  ARG A NH1 1 
ATOM   683  N NH2 . ARG A 1 85  ? -2.879  -3.624  13.044  1.00 35.46 ? 84  ARG A NH2 1 
ATOM   684  N N   . ASP A 1 86  ? 4.089   -3.845  14.724  1.00 37.53 ? 85  ASP A N   1 
ATOM   685  C CA  . ASP A 1 86  ? 4.758   -4.684  13.739  1.00 37.97 ? 85  ASP A CA  1 
ATOM   686  C C   . ASP A 1 86  ? 3.735   -5.630  13.125  1.00 33.84 ? 85  ASP A C   1 
ATOM   687  O O   . ASP A 1 86  ? 3.194   -6.492  13.812  1.00 38.20 ? 85  ASP A O   1 
ATOM   688  C CB  . ASP A 1 86  ? 5.919   -5.455  14.398  1.00 37.18 ? 85  ASP A CB  1 
ATOM   689  C CG  . ASP A 1 86  ? 6.695   -6.325  13.410  1.00 38.21 ? 85  ASP A CG  1 
ATOM   690  O OD1 . ASP A 1 86  ? 6.195   -6.587  12.288  1.00 32.79 ? 85  ASP A OD1 1 
ATOM   691  O OD2 . ASP A 1 86  ? 7.809   -6.763  13.786  1.00 41.24 ? 85  ASP A OD2 1 
ATOM   692  N N   . ILE A 1 87  ? 3.486   -5.459  11.830  1.00 31.55 ? 86  ILE A N   1 
ATOM   693  C CA  . ILE A 1 87  ? 2.548   -6.313  11.072  1.00 26.52 ? 86  ILE A CA  1 
ATOM   694  C C   . ILE A 1 87  ? 3.240   -7.176  10.014  1.00 23.71 ? 86  ILE A C   1 
ATOM   695  O O   . ILE A 1 87  ? 2.570   -7.765  9.172   1.00 25.39 ? 86  ILE A O   1 
ATOM   696  C CB  . ILE A 1 87  ? 1.439   -5.480  10.381  1.00 25.98 ? 86  ILE A CB  1 
ATOM   697  C CG1 . ILE A 1 87  ? 2.049   -4.480  9.386   1.00 26.67 ? 86  ILE A CG1 1 
ATOM   698  C CG2 . ILE A 1 87  ? 0.581   -4.796  11.431  1.00 24.99 ? 86  ILE A CG2 1 
ATOM   699  C CD1 . ILE A 1 87  ? 1.029   -3.739  8.543   1.00 27.67 ? 86  ILE A CD1 1 
ATOM   700  N N   . THR A 1 88  ? 4.556   -7.300  10.063  1.00 22.70 ? 87  THR A N   1 
ATOM   701  C CA  . THR A 1 88  ? 5.278   -8.106  9.061   1.00 24.99 ? 87  THR A CA  1 
ATOM   702  C C   . THR A 1 88  ? 4.833   -9.601  9.005   1.00 26.98 ? 87  THR A C   1 
ATOM   703  O O   . THR A 1 88  ? 4.891   -10.238 7.953   1.00 24.71 ? 87  THR A O   1 
ATOM   704  C CB  . THR A 1 88  ? 6.797   -8.037  9.277   1.00 23.55 ? 87  THR A CB  1 
ATOM   705  O OG1 . THR A 1 88  ? 7.103   -8.450  10.591  1.00 20.89 ? 87  THR A OG1 1 
ATOM   706  C CG2 . THR A 1 88  ? 7.316   -6.622  9.114   1.00 25.19 ? 87  THR A CG2 1 
ATOM   707  N N   . LYS A 1 89  ? 4.368   -10.143 10.128  1.00 31.78 ? 88  LYS A N   1 
ATOM   708  C CA  . LYS A 1 89  ? 3.851   -11.520 10.165  1.00 34.19 ? 88  LYS A CA  1 
ATOM   709  C C   . LYS A 1 89  ? 2.505   -11.696 9.451   1.00 33.94 ? 88  LYS A C   1 
ATOM   710  O O   . LYS A 1 89  ? 2.112   -12.835 9.193   1.00 35.83 ? 88  LYS A O   1 
ATOM   711  C CB  . LYS A 1 89  ? 3.687   -11.968 11.602  1.00 35.38 ? 88  LYS A CB  1 
ATOM   712  C CG  . LYS A 1 89  ? 2.450   -11.366 12.238  1.00 39.42 ? 88  LYS A CG  1 
ATOM   713  C CD  . LYS A 1 89  ? 2.390   -11.722 13.711  1.00 42.46 ? 88  LYS A CD  1 
ATOM   714  C CE  . LYS A 1 89  ? 1.516   -10.735 14.454  1.00 42.21 ? 88  LYS A CE  1 
ATOM   715  N NZ  . LYS A 1 89  ? 1.936   -10.687 15.866  1.00 43.65 ? 88  LYS A NZ  1 
ATOM   716  N N   . PHE A 1 90  ? 1.798   -10.596 9.153   1.00 31.94 ? 89  PHE A N   1 
ATOM   717  C CA  . PHE A 1 90  ? 0.583   -10.669 8.327   1.00 34.85 ? 89  PHE A CA  1 
ATOM   718  C C   . PHE A 1 90  ? 0.840   -10.630 6.828   1.00 35.52 ? 89  PHE A C   1 
ATOM   719  O O   . PHE A 1 90  ? -0.057  -10.957 6.018   1.00 43.27 ? 89  PHE A O   1 
ATOM   720  C CB  . PHE A 1 90  ? -0.389  -9.554  8.672   1.00 36.57 ? 89  PHE A CB  1 
ATOM   721  C CG  . PHE A 1 90  ? -0.804  -9.543  10.112  1.00 38.17 ? 89  PHE A CG  1 
ATOM   722  C CD1 . PHE A 1 90  ? -1.181  -10.729 10.753  1.00 36.05 ? 89  PHE A CD1 1 
ATOM   723  C CD2 . PHE A 1 90  ? -0.838  -8.356  10.819  1.00 37.41 ? 89  PHE A CD2 1 
ATOM   724  C CE1 . PHE A 1 90  ? -1.573  -10.727 12.075  1.00 37.80 ? 89  PHE A CE1 1 
ATOM   725  C CE2 . PHE A 1 90  ? -1.216  -8.353  12.150  1.00 39.75 ? 89  PHE A CE2 1 
ATOM   726  C CZ  . PHE A 1 90  ? -1.587  -9.537  12.781  1.00 40.03 ? 89  PHE A CZ  1 
ATOM   727  N N   . ILE A 1 91  ? 2.062   -10.268 6.463   1.00 33.90 ? 90  ILE A N   1 
ATOM   728  C CA  . ILE A 1 91  ? 2.514   -10.218 5.083   1.00 30.37 ? 90  ILE A CA  1 
ATOM   729  C C   . ILE A 1 91  ? 3.142   -11.559 4.712   1.00 33.33 ? 90  ILE A C   1 
ATOM   730  O O   . ILE A 1 91  ? 4.123   -11.992 5.336   1.00 36.31 ? 90  ILE A O   1 
ATOM   731  C CB  . ILE A 1 91  ? 3.550   -9.102  4.927   1.00 29.37 ? 90  ILE A CB  1 
ATOM   732  C CG1 . ILE A 1 91  ? 2.923   -7.750  5.311   1.00 31.64 ? 90  ILE A CG1 1 
ATOM   733  C CG2 . ILE A 1 91  ? 4.106   -9.065  3.523   1.00 28.73 ? 90  ILE A CG2 1 
ATOM   734  C CD1 . ILE A 1 91  ? 3.914   -6.607  5.388   1.00 31.38 ? 90  ILE A CD1 1 
ATOM   735  N N   . PRO A 1 92  ? 2.611   -12.209 3.661   1.00 35.76 ? 91  PRO A N   1 
ATOM   736  C CA  . PRO A 1 92  ? 3.126   -13.526 3.272   1.00 39.15 ? 91  PRO A CA  1 
ATOM   737  C C   . PRO A 1 92  ? 4.596   -13.475 2.790   1.00 41.10 ? 91  PRO A C   1 
ATOM   738  O O   . PRO A 1 92  ? 5.048   -12.417 2.307   1.00 37.72 ? 91  PRO A O   1 
ATOM   739  C CB  . PRO A 1 92  ? 2.177   -13.946 2.141   1.00 35.97 ? 91  PRO A CB  1 
ATOM   740  C CG  . PRO A 1 92  ? 1.726   -12.663 1.556   1.00 34.92 ? 91  PRO A CG  1 
ATOM   741  C CD  . PRO A 1 92  ? 1.596   -11.724 2.705   1.00 34.97 ? 91  PRO A CD  1 
ATOM   742  N N   . GLU A 1 93  ? 5.317   -14.592 2.953   1.00 40.21 ? 92  GLU A N   1 
ATOM   743  C CA  . GLU A 1 93  ? 6.719   -14.654 2.573   1.00 44.45 ? 92  GLU A CA  1 
ATOM   744  C C   . GLU A 1 93  ? 6.859   -14.494 1.041   1.00 45.24 ? 92  GLU A C   1 
ATOM   745  O O   . GLU A 1 93  ? 7.890   -13.953 0.567   1.00 34.58 ? 92  GLU A O   1 
ATOM   746  C CB  . GLU A 1 93  ? 7.397   -15.937 3.069   1.00 49.03 ? 92  GLU A CB  1 
ATOM   747  C CG  . GLU A 1 93  ? 7.279   -16.207 4.568   1.00 56.60 ? 92  GLU A CG  1 
ATOM   748  C CD  . GLU A 1 93  ? 8.357   -17.181 5.084   1.00 63.34 ? 92  GLU A CD  1 
ATOM   749  O OE1 . GLU A 1 93  ? 9.470   -16.707 5.407   1.00 67.96 ? 92  GLU A OE1 1 
ATOM   750  O OE2 . GLU A 1 93  ? 8.107   -18.414 5.182   1.00 59.85 ? 92  GLU A OE2 1 
ATOM   751  N N   . ASN A 1 94  ? 5.813   -14.919 0.299   1.00 43.53 ? 93  ASN A N   1 
ATOM   752  C CA  . ASN A 1 94  ? 5.708   -14.687 -1.151  1.00 42.02 ? 93  ASN A CA  1 
ATOM   753  C C   . ASN A 1 94  ? 4.378   -14.080 -1.570  1.00 40.80 ? 93  ASN A C   1 
ATOM   754  O O   . ASN A 1 94  ? 3.359   -14.218 -0.891  1.00 36.26 ? 93  ASN A O   1 
ATOM   755  C CB  . ASN A 1 94  ? 5.874   -15.983 -1.915  1.00 46.71 ? 93  ASN A CB  1 
ATOM   756  C CG  . ASN A 1 94  ? 7.285   -16.494 -1.867  1.00 48.63 ? 93  ASN A CG  1 
ATOM   757  O OD1 . ASN A 1 94  ? 7.572   -17.468 -1.164  1.00 48.01 ? 93  ASN A OD1 1 
ATOM   758  N ND2 . ASN A 1 94  ? 8.182   -15.832 -2.586  1.00 48.00 ? 93  ASN A ND2 1 
ATOM   759  N N   . ILE A 1 95  ? 4.395   -13.442 -2.729  1.00 37.36 ? 94  ILE A N   1 
ATOM   760  C CA  . ILE A 1 95  ? 3.240   -12.714 -3.186  1.00 42.51 ? 94  ILE A CA  1 
ATOM   761  C C   . ILE A 1 95  ? 2.089   -13.701 -3.422  1.00 41.61 ? 94  ILE A C   1 
ATOM   762  O O   . ILE A 1 95  ? 2.175   -14.616 -4.241  1.00 38.71 ? 94  ILE A O   1 
ATOM   763  C CB  . ILE A 1 95  ? 3.568   -11.842 -4.428  1.00 46.72 ? 94  ILE A CB  1 
ATOM   764  C CG1 . ILE A 1 95  ? 4.588   -10.775 -4.035  1.00 48.20 ? 94  ILE A CG1 1 
ATOM   765  C CG2 . ILE A 1 95  ? 2.321   -11.148 -4.973  1.00 48.27 ? 94  ILE A CG2 1 
ATOM   766  C CD1 . ILE A 1 95  ? 5.187   -10.035 -5.194  1.00 48.96 ? 94  ILE A CD1 1 
ATOM   767  N N   . SER A 1 96  ? 1.013   -13.508 -2.670  1.00 42.02 ? 95  SER A N   1 
ATOM   768  C CA  . SER A 1 96  ? -0.073  -14.448 -2.635  1.00 43.57 ? 95  SER A CA  1 
ATOM   769  C C   . SER A 1 96  ? -1.331  -13.796 -3.170  1.00 46.88 ? 95  SER A C   1 
ATOM   770  O O   . SER A 1 96  ? -1.545  -12.589 -3.012  1.00 54.70 ? 95  SER A O   1 
ATOM   771  C CB  . SER A 1 96  ? -0.312  -14.921 -1.205  1.00 44.24 ? 95  SER A CB  1 
ATOM   772  O OG  . SER A 1 96  ? 0.825   -15.579 -0.690  1.00 46.14 ? 95  SER A OG  1 
ATOM   773  N N   . THR A 1 97  ? -2.164  -14.620 -3.786  1.00 42.86 ? 96  THR A N   1 
ATOM   774  C CA  . THR A 1 97  ? -3.462  -14.228 -4.269  1.00 38.54 ? 96  THR A CA  1 
ATOM   775  C C   . THR A 1 97  ? -4.402  -14.364 -3.072  1.00 38.53 ? 96  THR A C   1 
ATOM   776  O O   . THR A 1 97  ? -3.960  -14.725 -1.990  1.00 37.49 ? 96  THR A O   1 
ATOM   777  C CB  . THR A 1 97  ? -3.907  -15.152 -5.413  1.00 36.94 ? 96  THR A CB  1 
ATOM   778  O OG1 . THR A 1 97  ? -4.233  -16.441 -4.879  1.00 37.95 ? 96  THR A OG1 1 
ATOM   779  C CG2 . THR A 1 97  ? -2.796  -15.301 -6.445  1.00 36.30 ? 96  THR A CG2 1 
ATOM   780  N N   . ALA A 1 98  ? -5.693  -14.087 -3.280  1.00 37.25 ? 97  ALA A N   1 
ATOM   781  C CA  . ALA A 1 98  ? -6.682  -14.154 -2.221  1.00 38.40 ? 97  ALA A CA  1 
ATOM   782  C C   . ALA A 1 98  ? -8.047  -14.147 -2.832  1.00 35.48 ? 97  ALA A C   1 
ATOM   783  O O   . ALA A 1 98  ? -8.195  -13.780 -3.971  1.00 36.31 ? 97  ALA A O   1 
ATOM   784  C CB  . ALA A 1 98  ? -6.549  -12.971 -1.244  1.00 39.01 ? 97  ALA A CB  1 
ATOM   785  N N   . SER A 1 99  ? -9.033  -14.561 -2.057  1.00 35.86 ? 98  SER A N   1 
ATOM   786  C CA  . SER A 1 99  ? -10.397 -14.588 -2.507  1.00 40.24 ? 98  SER A CA  1 
ATOM   787  C C   . SER A 1 99  ? -11.137 -13.538 -1.698  1.00 41.97 ? 98  SER A C   1 
ATOM   788  O O   . SER A 1 99  ? -10.959 -13.418 -0.479  1.00 41.90 ? 98  SER A O   1 
ATOM   789  C CB  . SER A 1 99  ? -11.016 -15.987 -2.330  1.00 40.21 ? 98  SER A CB  1 
ATOM   790  O OG  . SER A 1 99  ? -10.535 -16.889 -3.335  1.00 43.55 ? 98  SER A OG  1 
ATOM   791  N N   . ASP A 1 100 ? -11.971 -12.767 -2.373  1.00 42.08 ? 99  ASP A N   1 
ATOM   792  C CA  . ASP A 1 100 ? -12.758 -11.737 -1.688  1.00 45.70 ? 99  ASP A CA  1 
ATOM   793  C C   . ASP A 1 100 ? -11.936 -10.820 -0.770  1.00 39.68 ? 99  ASP A C   1 
ATOM   794  O O   . ASP A 1 100 ? -12.237 -10.640 0.413   1.00 33.38 ? 99  ASP A O   1 
ATOM   795  C CB  . ASP A 1 100 ? -13.916 -12.366 -0.938  1.00 49.83 ? 99  ASP A CB  1 
ATOM   796  C CG  . ASP A 1 100 ? -15.192 -12.203 -1.669  1.00 57.82 ? 99  ASP A CG  1 
ATOM   797  O OD1 . ASP A 1 100 ? -15.408 -12.963 -2.639  1.00 62.40 ? 99  ASP A OD1 1 
ATOM   798  O OD2 . ASP A 1 100 ? -15.952 -11.278 -1.302  1.00 68.86 ? 99  ASP A OD2 1 
ATOM   799  N N   . ALA A 1 101 ? -10.896 -10.237 -1.363  1.00 34.64 ? 100 ALA A N   1 
ATOM   800  C CA  . ALA A 1 101 ? -10.102 -9.243  -0.693  1.00 34.08 ? 100 ALA A CA  1 
ATOM   801  C C   . ALA A 1 101 ? -10.879 -7.936  -0.477  1.00 34.47 ? 100 ALA A C   1 
ATOM   802  O O   . ALA A 1 101 ? -11.912 -7.669  -1.079  1.00 31.27 ? 100 ALA A O   1 
ATOM   803  C CB  . ALA A 1 101 ? -8.829  -8.982  -1.466  1.00 33.26 ? 100 ALA A CB  1 
ATOM   804  N N   . THR A 1 102 ? -10.368 -7.144  0.451   1.00 37.17 ? 101 THR A N   1 
ATOM   805  C CA  . THR A 1 102 ? -10.885 -5.818  0.712   1.00 35.83 ? 101 THR A CA  1 
ATOM   806  C C   . THR A 1 102 ? -9.721  -4.839  0.569   1.00 33.28 ? 101 THR A C   1 
ATOM   807  O O   . THR A 1 102 ? -8.615  -5.073  1.066   1.00 31.37 ? 101 THR A O   1 
ATOM   808  C CB  . THR A 1 102 ? -11.497 -5.714  2.119   1.00 35.64 ? 101 THR A CB  1 
ATOM   809  O OG1 . THR A 1 102 ? -12.515 -6.706  2.264   1.00 35.32 ? 101 THR A OG1 1 
ATOM   810  C CG2 . THR A 1 102 ? -12.124 -4.374  2.317   1.00 37.22 ? 101 THR A CG2 1 
ATOM   811  N N   . LEU A 1 103 ? -10.001 -3.747  -0.131  1.00 32.72 ? 102 LEU A N   1 
ATOM   812  C CA  . LEU A 1 103 ? -9.098  -2.616  -0.241  1.00 31.05 ? 102 LEU A CA  1 
ATOM   813  C C   . LEU A 1 103 ? -9.437  -1.587  0.837   1.00 30.79 ? 102 LEU A C   1 
ATOM   814  O O   . LEU A 1 103 ? -10.570 -1.042  0.889   1.00 28.85 ? 102 LEU A O   1 
ATOM   815  C CB  . LEU A 1 103 ? -9.234  -1.979  -1.617  1.00 30.74 ? 102 LEU A CB  1 
ATOM   816  C CG  . LEU A 1 103 ? -8.287  -0.840  -1.952  1.00 30.25 ? 102 LEU A CG  1 
ATOM   817  C CD1 . LEU A 1 103 ? -6.849  -1.319  -1.884  1.00 29.49 ? 102 LEU A CD1 1 
ATOM   818  C CD2 . LEU A 1 103 ? -8.622  -0.292  -3.324  1.00 31.24 ? 102 LEU A CD2 1 
ATOM   819  N N   . VAL A 1 104 ? -8.449  -1.314  1.694   1.00 30.41 ? 103 VAL A N   1 
ATOM   820  C CA  . VAL A 1 104 ? -8.632  -0.370  2.800   1.00 27.81 ? 103 VAL A CA  1 
ATOM   821  C C   . VAL A 1 104 ? -7.926  0.923   2.430   1.00 25.51 ? 103 VAL A C   1 
ATOM   822  O O   . VAL A 1 104 ? -6.722  0.965   2.258   1.00 25.61 ? 103 VAL A O   1 
ATOM   823  C CB  . VAL A 1 104 ? -8.134  -0.962  4.130   1.00 27.68 ? 103 VAL A CB  1 
ATOM   824  C CG1 . VAL A 1 104 ? -8.086  0.084   5.234   1.00 28.99 ? 103 VAL A CG1 1 
ATOM   825  C CG2 . VAL A 1 104 ? -9.040  -2.116  4.555   1.00 28.05 ? 103 VAL A CG2 1 
ATOM   826  N N   . ILE A 1 105 ? -8.704  1.981   2.300   1.00 24.99 ? 104 ILE A N   1 
ATOM   827  C CA  . ILE A 1 105 ? -8.179  3.282   1.943   1.00 24.15 ? 104 ILE A CA  1 
ATOM   828  C C   . ILE A 1 105 ? -8.300  4.156   3.170   1.00 24.59 ? 104 ILE A C   1 
ATOM   829  O O   . ILE A 1 105 ? -9.234  3.986   3.955   1.00 22.66 ? 104 ILE A O   1 
ATOM   830  C CB  . ILE A 1 105 ? -8.971  3.836   0.754   1.00 24.18 ? 104 ILE A CB  1 
ATOM   831  C CG1 . ILE A 1 105 ? -8.582  3.035   -0.516  1.00 23.06 ? 104 ILE A CG1 1 
ATOM   832  C CG2 . ILE A 1 105 ? -8.799  5.348   0.579   1.00 23.99 ? 104 ILE A CG2 1 
ATOM   833  C CD1 . ILE A 1 105 ? -9.792  2.694   -1.358  1.00 22.82 ? 104 ILE A CD1 1 
ATOM   834  N N   . ASN A 1 106 ? -7.311  5.047   3.334   1.00 26.48 ? 105 ASN A N   1 
ATOM   835  C CA  . ASN A 1 106 ? -7.315  6.097   4.350   1.00 25.34 ? 105 ASN A CA  1 
ATOM   836  C C   . ASN A 1 106 ? -6.590  7.391   3.891   1.00 27.29 ? 105 ASN A C   1 
ATOM   837  O O   . ASN A 1 106 ? -5.369  7.589   4.081   1.00 26.81 ? 105 ASN A O   1 
ATOM   838  C CB  . ASN A 1 106 ? -6.720  5.561   5.633   1.00 25.24 ? 105 ASN A CB  1 
ATOM   839  C CG  . ASN A 1 106 ? -7.107  6.406   6.840   1.00 25.89 ? 105 ASN A CG  1 
ATOM   840  O OD1 . ASN A 1 106 ? -8.197  6.996   6.896   1.00 25.64 ? 105 ASN A OD1 1 
ATOM   841  N ND2 . ASN A 1 106 ? -6.202  6.502   7.792   1.00 22.92 ? 105 ASN A ND2 1 
ATOM   842  N N   . THR A 1 107 ? -7.392  8.287   3.327   1.00 28.91 ? 106 THR A N   1 
ATOM   843  C CA  . THR A 1 107 ? -6.969  9.549   2.712   1.00 27.36 ? 106 THR A CA  1 
ATOM   844  C C   . THR A 1 107 ? -7.831  10.626  3.329   1.00 26.72 ? 106 THR A C   1 
ATOM   845  O O   . THR A 1 107 ? -8.842  10.313  3.979   1.00 26.75 ? 106 THR A O   1 
ATOM   846  C CB  . THR A 1 107 ? -7.200  9.422   1.180   1.00 28.68 ? 106 THR A CB  1 
ATOM   847  O OG1 . THR A 1 107 ? -6.011  8.934   0.548   1.00 28.71 ? 106 THR A OG1 1 
ATOM   848  C CG2 . THR A 1 107 ? -7.579  10.665  0.537   1.00 27.82 ? 106 THR A CG2 1 
ATOM   849  N N   . GLU A 1 108 ? -7.436  11.894  3.191   1.00 29.03 ? 107 GLU A N   1 
ATOM   850  C CA  . GLU A 1 108 ? -8.241  13.003  3.752   1.00 30.50 ? 107 GLU A CA  1 
ATOM   851  C C   . GLU A 1 108 ? -9.581  13.034  3.046   1.00 29.86 ? 107 GLU A C   1 
ATOM   852  O O   . GLU A 1 108 ? -10.621 13.211  3.679   1.00 29.21 ? 107 GLU A O   1 
ATOM   853  C CB  . GLU A 1 108 ? -7.534  14.345  3.595   1.00 34.44 ? 107 GLU A CB  1 
ATOM   854  C CG  . GLU A 1 108 ? -8.293  15.530  4.178   1.00 39.75 ? 107 GLU A CG  1 
ATOM   855  C CD  . GLU A 1 108 ? -7.736  16.893  3.746   1.00 45.84 ? 107 GLU A CD  1 
ATOM   856  O OE1 . GLU A 1 108 ? -6.570  16.983  3.304   1.00 50.20 ? 107 GLU A OE1 1 
ATOM   857  O OE2 . GLU A 1 108 ? -8.476  17.897  3.843   1.00 53.30 ? 107 GLU A OE2 1 
ATOM   858  N N   . HIS A 1 109 ? -9.520  12.835  1.736   1.00 29.23 ? 108 HIS A N   1 
ATOM   859  C CA  . HIS A 1 109 ? -10.678 12.754  0.850   1.00 32.68 ? 108 HIS A CA  1 
ATOM   860  C C   . HIS A 1 109 ? -11.486 11.465  0.933   1.00 31.61 ? 108 HIS A C   1 
ATOM   861  O O   . HIS A 1 109 ? -12.700 11.502  0.799   1.00 34.21 ? 108 HIS A O   1 
ATOM   862  C CB  . HIS A 1 109 ? -10.242 13.003  -0.599  1.00 35.93 ? 108 HIS A CB  1 
ATOM   863  C CG  . HIS A 1 109 ? -9.561  14.318  -0.816  1.00 37.25 ? 108 HIS A CG  1 
ATOM   864  N ND1 . HIS A 1 109 ? -9.800  15.426  -0.025  1.00 37.28 ? 108 HIS A ND1 1 
ATOM   865  C CD2 . HIS A 1 109 ? -8.649  14.703  -1.741  1.00 40.64 ? 108 HIS A CD2 1 
ATOM   866  C CE1 . HIS A 1 109 ? -9.064  16.435  -0.455  1.00 40.24 ? 108 HIS A CE1 1 
ATOM   867  N NE2 . HIS A 1 109 ? -8.356  16.023  -1.496  1.00 40.82 ? 108 HIS A NE2 1 
ATOM   868  N N   . MET A 1 110 ? -10.828 10.348  1.217   1.00 32.46 ? 109 MET A N   1 
ATOM   869  C CA  . MET A 1 110 ? -11.498 9.039   1.393   1.00 31.32 ? 109 MET A CA  1 
ATOM   870  C C   . MET A 1 110 ? -11.042 8.377   2.695   1.00 28.01 ? 109 MET A C   1 
ATOM   871  O O   . MET A 1 110 ? -10.313 7.409   2.675   1.00 28.26 ? 109 MET A O   1 
ATOM   872  C CB  . MET A 1 110 ? -11.208 8.126   0.192   1.00 34.43 ? 109 MET A CB  1 
ATOM   873  C CG  . MET A 1 110 ? -11.958 8.536   -1.090  1.00 35.91 ? 109 MET A CG  1 
ATOM   874  S SD  . MET A 1 110 ? -11.410 7.689   -2.610  1.00 32.62 ? 109 MET A SD  1 
ATOM   875  C CE  . MET A 1 110 ? -10.497 8.970   -3.451  1.00 34.53 ? 109 MET A CE  1 
ATOM   876  N N   . PRO A 1 111 ? -11.491 8.889   3.838   1.00 25.28 ? 110 PRO A N   1 
ATOM   877  C CA  . PRO A 1 111 ? -11.090 8.358   5.109   1.00 26.12 ? 110 PRO A CA  1 
ATOM   878  C C   . PRO A 1 111 ? -11.806 7.074   5.469   1.00 28.63 ? 110 PRO A C   1 
ATOM   879  O O   . PRO A 1 111 ? -13.004 6.942   5.203   1.00 27.83 ? 110 PRO A O   1 
ATOM   880  C CB  . PRO A 1 111 ? -11.509 9.463   6.080   1.00 27.30 ? 110 PRO A CB  1 
ATOM   881  C CG  . PRO A 1 111 ? -12.716 10.087  5.428   1.00 25.66 ? 110 PRO A CG  1 
ATOM   882  C CD  . PRO A 1 111 ? -12.410 10.033  3.977   1.00 26.55 ? 110 PRO A CD  1 
ATOM   883  N N   . SER A 1 112 ? -11.066 6.168   6.116   1.00 31.95 ? 111 SER A N   1 
ATOM   884  C CA  . SER A 1 112 ? -11.544 4.863   6.571   1.00 31.68 ? 111 SER A CA  1 
ATOM   885  C C   . SER A 1 112 ? -12.491 4.206   5.575   1.00 31.48 ? 111 SER A C   1 
ATOM   886  O O   . SER A 1 112 ? -13.646 3.909   5.870   1.00 29.93 ? 111 SER A O   1 
ATOM   887  C CB  . SER A 1 112 ? -12.201 5.030   7.919   1.00 34.44 ? 111 SER A CB  1 
ATOM   888  O OG  . SER A 1 112 ? -11.284 5.648   8.793   1.00 37.16 ? 111 SER A OG  1 
ATOM   889  N N   . MET A 1 113 ? -11.978 3.977   4.377   1.00 30.84 ? 112 MET A N   1 
ATOM   890  C CA  . MET A 1 113 ? -12.815 3.517   3.287   1.00 29.15 ? 112 MET A CA  1 
ATOM   891  C C   . MET A 1 113 ? -12.562 2.049   2.943   1.00 29.67 ? 112 MET A C   1 
ATOM   892  O O   . MET A 1 113 ? -11.421 1.615   2.755   1.00 29.02 ? 112 MET A O   1 
ATOM   893  C CB  . MET A 1 113 ? -12.616 4.412   2.072   1.00 27.91 ? 112 MET A CB  1 
ATOM   894  C CG  . MET A 1 113 ? -13.497 4.021   0.906   1.00 27.62 ? 112 MET A CG  1 
ATOM   895  S SD  . MET A 1 113 ? -13.145 5.150   -0.427  1.00 27.37 ? 112 MET A SD  1 
ATOM   896  C CE  . MET A 1 113 ? -14.242 4.464   -1.669  1.00 31.72 ? 112 MET A CE  1 
ATOM   897  N N   . PHE A 1 114 ? -13.663 1.311   2.857   1.00 29.66 ? 113 PHE A N   1 
ATOM   898  C CA  . PHE A 1 114 ? -13.678 -0.120  2.650   1.00 32.73 ? 113 PHE A CA  1 
ATOM   899  C C   . PHE A 1 114 ? -14.297 -0.428  1.280   1.00 29.97 ? 113 PHE A C   1 
ATOM   900  O O   . PHE A 1 114 ? -15.452 -0.048  0.974   1.00 30.44 ? 113 PHE A O   1 
ATOM   901  C CB  . PHE A 1 114 ? -14.471 -0.816  3.761   1.00 36.69 ? 113 PHE A CB  1 
ATOM   902  C CG  . PHE A 1 114 ? -13.749 -0.893  5.068   1.00 39.36 ? 113 PHE A CG  1 
ATOM   903  C CD1 . PHE A 1 114 ? -13.262 0.243   5.690   1.00 45.63 ? 113 PHE A CD1 1 
ATOM   904  C CD2 . PHE A 1 114 ? -13.586 -2.091  5.700   1.00 43.25 ? 113 PHE A CD2 1 
ATOM   905  C CE1 . PHE A 1 114 ? -12.592 0.165   6.900   1.00 46.11 ? 113 PHE A CE1 1 
ATOM   906  C CE2 . PHE A 1 114 ? -12.928 -2.180  6.922   1.00 44.36 ? 113 PHE A CE2 1 
ATOM   907  C CZ  . PHE A 1 114 ? -12.426 -1.054  7.522   1.00 45.59 ? 113 PHE A CZ  1 
ATOM   908  N N   . VAL A 1 115 ? -13.510 -1.095  0.449   1.00 26.57 ? 114 VAL A N   1 
ATOM   909  C CA  . VAL A 1 115 ? -13.908 -1.334  -0.922  1.00 27.41 ? 114 VAL A CA  1 
ATOM   910  C C   . VAL A 1 115 ? -13.725 -2.811  -1.216  1.00 30.43 ? 114 VAL A C   1 
ATOM   911  O O   . VAL A 1 115 ? -12.579 -3.306  -1.239  1.00 29.50 ? 114 VAL A O   1 
ATOM   912  C CB  . VAL A 1 115 ? -13.074 -0.480  -1.900  1.00 26.98 ? 114 VAL A CB  1 
ATOM   913  C CG1 . VAL A 1 115 ? -13.429 -0.785  -3.351  1.00 26.12 ? 114 VAL A CG1 1 
ATOM   914  C CG2 . VAL A 1 115 ? -13.231 1.002   -1.575  1.00 26.69 ? 114 VAL A CG2 1 
ATOM   915  N N   . PRO A 1 116 ? -14.846 -3.517  -1.480  1.00 35.23 ? 115 PRO A N   1 
ATOM   916  C CA  . PRO A 1 116 ? -14.835 -4.969  -1.700  1.00 38.50 ? 115 PRO A CA  1 
ATOM   917  C C   . PRO A 1 116 ? -14.322 -5.320  -3.091  1.00 39.64 ? 115 PRO A C   1 
ATOM   918  O O   . PRO A 1 116 ? -15.119 -5.503  -4.008  1.00 47.09 ? 115 PRO A O   1 
ATOM   919  C CB  . PRO A 1 116 ? -16.328 -5.323  -1.589  1.00 37.80 ? 115 PRO A CB  1 
ATOM   920  C CG  . PRO A 1 116 ? -17.035 -4.117  -2.146  1.00 36.92 ? 115 PRO A CG  1 
ATOM   921  C CD  . PRO A 1 116 ? -16.146 -2.922  -1.875  1.00 35.71 ? 115 PRO A CD  1 
ATOM   922  N N   . VAL A 1 117 ? -13.014 -5.417  -3.280  1.00 40.93 ? 116 VAL A N   1 
ATOM   923  C CA  . VAL A 1 117 ? -12.494 -5.596  -4.663  1.00 41.13 ? 116 VAL A CA  1 
ATOM   924  C C   . VAL A 1 117 ? -12.615 -7.032  -5.198  1.00 45.38 ? 116 VAL A C   1 
ATOM   925  O O   . VAL A 1 117 ? -12.302 -7.297  -6.377  1.00 44.48 ? 116 VAL A O   1 
ATOM   926  C CB  . VAL A 1 117 ? -11.028 -5.103  -4.851  1.00 37.30 ? 116 VAL A CB  1 
ATOM   927  C CG1 . VAL A 1 117 ? -10.933 -3.596  -4.669  1.00 34.66 ? 116 VAL A CG1 1 
ATOM   928  C CG2 . VAL A 1 117 ? -10.058 -5.854  -3.944  1.00 37.23 ? 116 VAL A CG2 1 
ATOM   929  N N   . GLY A 1 118 ? -13.045 -7.964  -4.346  1.00 48.03 ? 117 GLY A N   1 
ATOM   930  C CA  . GLY A 1 118 ? -13.217 -9.352  -4.782  1.00 50.67 ? 117 GLY A CA  1 
ATOM   931  C C   . GLY A 1 118 ? -11.905 -10.113 -4.901  1.00 49.48 ? 117 GLY A C   1 
ATOM   932  O O   . GLY A 1 118 ? -10.923 -9.785  -4.229  1.00 47.61 ? 117 GLY A O   1 
ATOM   933  N N   . ASP A 1 119 ? -11.904 -11.149 -5.743  1.00 46.45 ? 118 ASP A N   1 
ATOM   934  C CA  . ASP A 1 119 ? -10.770 -12.045 -5.881  1.00 41.15 ? 118 ASP A CA  1 
ATOM   935  C C   . ASP A 1 119 ? -9.570  -11.289 -6.432  1.00 38.78 ? 118 ASP A C   1 
ATOM   936  O O   . ASP A 1 119 ? -9.737  -10.369 -7.239  1.00 42.02 ? 118 ASP A O   1 
ATOM   937  C CB  . ASP A 1 119 ? -11.129 -13.194 -6.831  1.00 42.67 ? 118 ASP A CB  1 
ATOM   938  C CG  . ASP A 1 119 ? -12.041 -14.258 -6.203  1.00 40.64 ? 118 ASP A CG  1 
ATOM   939  O OD1 . ASP A 1 119 ? -12.492 -14.141 -5.037  1.00 39.10 ? 118 ASP A OD1 1 
ATOM   940  O OD2 . ASP A 1 119 ? -12.300 -15.246 -6.925  1.00 40.22 ? 118 ASP A OD2 1 
ATOM   941  N N   . VAL A 1 120 ? -8.365  -11.698 -6.025  1.00 36.12 ? 119 VAL A N   1 
ATOM   942  C CA  . VAL A 1 120 ? -7.101  -11.018 -6.411  1.00 34.89 ? 119 VAL A CA  1 
ATOM   943  C C   . VAL A 1 120 ? -6.204  -12.026 -7.048  1.00 35.45 ? 119 VAL A C   1 
ATOM   944  O O   . VAL A 1 120 ? -5.831  -12.986 -6.382  1.00 38.44 ? 119 VAL A O   1 
ATOM   945  C CB  . VAL A 1 120 ? -6.341  -10.474 -5.164  1.00 34.42 ? 119 VAL A CB  1 
ATOM   946  C CG1 . VAL A 1 120 ? -4.992  -9.883  -5.533  1.00 32.74 ? 119 VAL A CG1 1 
ATOM   947  C CG2 . VAL A 1 120 ? -7.201  -9.463  -4.410  1.00 35.98 ? 119 VAL A CG2 1 
ATOM   948  N N   . VAL A 1 121 ? -5.813  -11.820 -8.303  1.00 38.51 ? 120 VAL A N   1 
ATOM   949  C CA  . VAL A 1 121 ? -5.086  -12.857 -9.045  1.00 39.83 ? 120 VAL A CA  1 
ATOM   950  C C   . VAL A 1 121 ? -3.722  -12.379 -9.519  1.00 43.30 ? 120 VAL A C   1 
ATOM   951  O O   . VAL A 1 121 ? -3.467  -11.185 -9.567  1.00 42.38 ? 120 VAL A O   1 
ATOM   952  C CB  . VAL A 1 121 ? -5.894  -13.335 -10.273 1.00 43.05 ? 120 VAL A CB  1 
ATOM   953  C CG1 . VAL A 1 121 ? -7.262  -13.878 -9.860  1.00 38.74 ? 120 VAL A CG1 1 
ATOM   954  C CG2 . VAL A 1 121 ? -6.046  -12.222 -11.323 1.00 44.68 ? 120 VAL A CG2 1 
ATOM   955  N N   . GLN A 1 122 ? -2.864  -13.317 -9.924  1.00 48.16 ? 121 GLN A N   1 
ATOM   956  C CA  . GLN A 1 122 ? -1.536  -12.955 -10.401 1.00 49.68 ? 121 GLN A CA  1 
ATOM   957  C C   . GLN A 1 122 ? -1.714  -12.173 -11.658 1.00 49.27 ? 121 GLN A C   1 
ATOM   958  O O   . GLN A 1 122 ? -2.636  -12.431 -12.430 1.00 50.19 ? 121 GLN A O   1 
ATOM   959  C CB  . GLN A 1 122 ? -0.635  -14.171 -10.669 1.00 50.23 ? 121 GLN A CB  1 
ATOM   960  C CG  . GLN A 1 122 ? -0.348  -15.031 -9.443  1.00 53.44 ? 121 GLN A CG  1 
ATOM   961  C CD  . GLN A 1 122 ? 0.369   -14.306 -8.280  1.00 55.93 ? 121 GLN A CD  1 
ATOM   962  O OE1 . GLN A 1 122 ? 0.632   -13.087 -8.305  1.00 55.91 ? 121 GLN A OE1 1 
ATOM   963  N NE2 . GLN A 1 122 ? 0.696   -15.078 -7.249  1.00 54.63 ? 121 GLN A NE2 1 
ATOM   964  N N   . TYR A 1 123 ? -0.843  -11.198 -11.850 1.00 50.83 ? 122 TYR A N   1 
ATOM   965  C CA  . TYR A 1 123 ? -0.875  -10.423 -13.070 1.00 52.76 ? 122 TYR A CA  1 
ATOM   966  C C   . TYR A 1 123 ? 0.518   -10.317 -13.662 1.00 53.45 ? 122 TYR A C   1 
ATOM   967  O O   . TYR A 1 123 ? 0.698   -10.570 -14.854 1.00 53.14 ? 122 TYR A O   1 
ATOM   968  C CB  . TYR A 1 123 ? -1.500  -9.036  -12.855 1.00 55.69 ? 122 TYR A CB  1 
ATOM   969  C CG  . TYR A 1 123 ? -2.167  -8.498  -14.105 1.00 58.73 ? 122 TYR A CG  1 
ATOM   970  C CD1 . TYR A 1 123 ? -3.432  -8.964  -14.503 1.00 64.24 ? 122 TYR A CD1 1 
ATOM   971  C CD2 . TYR A 1 123 ? -1.539  -7.556  -14.905 1.00 58.80 ? 122 TYR A CD2 1 
ATOM   972  C CE1 . TYR A 1 123 ? -4.052  -8.495  -15.652 1.00 62.44 ? 122 TYR A CE1 1 
ATOM   973  C CE2 . TYR A 1 123 ? -2.155  -7.077  -16.057 1.00 64.30 ? 122 TYR A CE2 1 
ATOM   974  C CZ  . TYR A 1 123 ? -3.413  -7.545  -16.425 1.00 63.45 ? 122 TYR A CZ  1 
ATOM   975  O OH  . TYR A 1 123 ? -4.021  -7.076  -17.582 1.00 66.62 ? 122 TYR A OH  1 
ATOM   976  N N   . GLY A 1 124 ? 1.500   -9.941  -12.846 1.00 49.57 ? 123 GLY A N   1 
ATOM   977  C CA  . GLY A 1 124 ? 2.878   -9.790  -13.314 1.00 47.58 ? 123 GLY A CA  1 
ATOM   978  C C   . GLY A 1 124 ? 3.128   -8.414  -13.922 1.00 51.28 ? 123 GLY A C   1 
ATOM   979  O O   . GLY A 1 124 ? 3.075   -7.392  -13.211 1.00 44.50 ? 123 GLY A O   1 
ATOM   980  N N   . PHE A 1 125 ? 3.391   -8.390  -15.237 1.00 54.97 ? 124 PHE A N   1 
ATOM   981  C CA  . PHE A 1 125 ? 3.710   -7.150  -15.967 1.00 53.57 ? 124 PHE A CA  1 
ATOM   982  C C   . PHE A 1 125 ? 2.502   -6.241  -16.161 1.00 51.23 ? 124 PHE A C   1 
ATOM   983  O O   . PHE A 1 125 ? 1.405   -6.726  -16.476 1.00 48.77 ? 124 PHE A O   1 
ATOM   984  C CB  . PHE A 1 125 ? 4.283   -7.464  -17.334 1.00 55.69 ? 124 PHE A CB  1 
ATOM   985  C CG  . PHE A 1 125 ? 4.509   -6.244  -18.187 1.00 56.12 ? 124 PHE A CG  1 
ATOM   986  C CD1 . PHE A 1 125 ? 3.433   -5.636  -18.880 1.00 53.69 ? 124 PHE A CD1 1 
ATOM   987  C CD2 . PHE A 1 125 ? 5.789   -5.690  -18.305 1.00 53.29 ? 124 PHE A CD2 1 
ATOM   988  C CE1 . PHE A 1 125 ? 3.640   -4.514  -19.676 1.00 51.81 ? 124 PHE A CE1 1 
ATOM   989  C CE2 . PHE A 1 125 ? 5.995   -4.568  -19.107 1.00 52.24 ? 124 PHE A CE2 1 
ATOM   990  C CZ  . PHE A 1 125 ? 4.929   -3.984  -19.794 1.00 50.67 ? 124 PHE A CZ  1 
ATOM   991  N N   . LEU A 1 126 ? 2.727   -4.930  -15.981 1.00 51.85 ? 125 LEU A N   1 
ATOM   992  C CA  . LEU A 1 126 ? 1.699   -3.879  -16.173 1.00 51.46 ? 125 LEU A CA  1 
ATOM   993  C C   . LEU A 1 126 ? 2.385   -2.593  -16.636 1.00 52.84 ? 125 LEU A C   1 
ATOM   994  O O   . LEU A 1 126 ? 3.413   -2.219  -16.067 1.00 49.69 ? 125 LEU A O   1 
ATOM   995  C CB  . LEU A 1 126 ? 0.932   -3.626  -14.870 1.00 47.36 ? 125 LEU A CB  1 
ATOM   996  C CG  . LEU A 1 126 ? -0.325  -2.742  -14.924 1.00 47.78 ? 125 LEU A CG  1 
ATOM   997  C CD1 . LEU A 1 126 ? -1.481  -3.459  -15.615 1.00 52.08 ? 125 LEU A CD1 1 
ATOM   998  C CD2 . LEU A 1 126 ? -0.778  -2.331  -13.524 1.00 45.55 ? 125 LEU A CD2 1 
ATOM   999  N N   . ASN A 1 127 ? 1.845   -1.934  -17.670 1.00 57.81 ? 126 ASN A N   1 
ATOM   1000 C CA  . ASN A 1 127 ? 2.415   -0.652  -18.136 1.00 63.93 ? 126 ASN A CA  1 
ATOM   1001 C C   . ASN A 1 127 ? 1.644   0.550   -17.617 1.00 63.22 ? 126 ASN A C   1 
ATOM   1002 O O   . ASN A 1 127 ? 0.510   0.795   -18.031 1.00 63.13 ? 126 ASN A O   1 
ATOM   1003 C CB  . ASN A 1 127 ? 2.512   -0.562  -19.662 1.00 68.20 ? 126 ASN A CB  1 
ATOM   1004 C CG  . ASN A 1 127 ? 3.595   0.421   -20.120 1.00 72.30 ? 126 ASN A CG  1 
ATOM   1005 O OD1 . ASN A 1 127 ? 4.484   0.053   -20.892 1.00 75.28 ? 126 ASN A OD1 1 
ATOM   1006 N ND2 . ASN A 1 127 ? 3.545   1.662   -19.631 1.00 68.53 ? 126 ASN A ND2 1 
ATOM   1007 N N   . LEU A 1 128 ? 2.290   1.314   -16.732 1.00 67.46 ? 127 LEU A N   1 
ATOM   1008 C CA  . LEU A 1 128 ? 1.636   2.405   -16.007 1.00 67.26 ? 127 LEU A CA  1 
ATOM   1009 C C   . LEU A 1 128 ? 2.134   3.782   -16.447 1.00 70.70 ? 127 LEU A C   1 
ATOM   1010 O O   . LEU A 1 128 ? 3.190   4.214   -16.011 1.00 66.75 ? 127 LEU A O   1 
ATOM   1011 C CB  . LEU A 1 128 ? 1.875   2.224   -14.511 1.00 63.30 ? 127 LEU A CB  1 
ATOM   1012 C CG  . LEU A 1 128 ? 1.268   0.954   -13.901 1.00 63.93 ? 127 LEU A CG  1 
ATOM   1013 C CD1 . LEU A 1 128 ? 1.706   0.704   -12.467 1.00 67.90 ? 127 LEU A CD1 1 
ATOM   1014 C CD2 . LEU A 1 128 ? -0.248  1.039   -13.990 1.00 60.26 ? 127 LEU A CD2 1 
ATOM   1015 N N   . SER A 1 129 ? 1.377   4.492   -17.290 1.00 76.44 ? 128 SER A N   1 
ATOM   1016 C CA  . SER A 1 129 ? 1.781   5.854   -17.726 1.00 76.86 ? 128 SER A CA  1 
ATOM   1017 C C   . SER A 1 129 ? 3.189   5.834   -18.341 1.00 73.15 ? 128 SER A C   1 
ATOM   1018 O O   . SER A 1 129 ? 4.045   6.657   -17.994 1.00 64.83 ? 128 SER A O   1 
ATOM   1019 C CB  . SER A 1 129 ? 1.774   6.856   -16.549 1.00 76.99 ? 128 SER A CB  1 
ATOM   1020 O OG  . SER A 1 129 ? 0.517   6.923   -15.902 1.00 75.06 ? 128 SER A OG  1 
ATOM   1021 N N   . GLY A 1 130 ? 3.435   4.864   -19.220 1.00 66.89 ? 129 GLY A N   1 
ATOM   1022 C CA  . GLY A 1 130 ? 4.784   4.624   -19.745 1.00 62.28 ? 129 GLY A CA  1 
ATOM   1023 C C   . GLY A 1 130 ? 5.818   3.950   -18.835 1.00 57.46 ? 129 GLY A C   1 
ATOM   1024 O O   . GLY A 1 130 ? 6.938   3.705   -19.276 1.00 56.49 ? 129 GLY A O   1 
ATOM   1025 N N   . LYS A 1 131 ? 5.475   3.667   -17.573 1.00 52.95 ? 130 LYS A N   1 
ATOM   1026 C CA  . LYS A 1 131 ? 6.372   2.956   -16.645 1.00 53.78 ? 130 LYS A CA  1 
ATOM   1027 C C   . LYS A 1 131 ? 6.006   1.458   -16.482 1.00 52.65 ? 130 LYS A C   1 
ATOM   1028 O O   . LYS A 1 131 ? 4.921   1.107   -15.966 1.00 51.16 ? 130 LYS A O   1 
ATOM   1029 C CB  . LYS A 1 131 ? 6.360   3.630   -15.278 1.00 57.54 ? 130 LYS A CB  1 
ATOM   1030 C CG  . LYS A 1 131 ? 7.574   3.307   -14.433 1.00 59.57 ? 130 LYS A CG  1 
ATOM   1031 C CD  . LYS A 1 131 ? 8.674   4.326   -14.656 1.00 60.55 ? 130 LYS A CD  1 
ATOM   1032 C CE  . LYS A 1 131 ? 9.707   4.264   -13.545 1.00 64.18 ? 130 LYS A CE  1 
ATOM   1033 N NZ  . LYS A 1 131 ? 11.073  4.301   -14.138 1.00 62.76 ? 130 LYS A NZ  1 
ATOM   1034 N N   . PRO A 1 132 ? 6.895   0.565   -16.940 1.00 51.14 ? 131 PRO A N   1 
ATOM   1035 C CA  . PRO A 1 132 ? 6.567   -0.826  -16.778 1.00 50.47 ? 131 PRO A CA  1 
ATOM   1036 C C   . PRO A 1 132 ? 6.870   -1.271  -15.358 1.00 50.73 ? 131 PRO A C   1 
ATOM   1037 O O   . PRO A 1 132 ? 7.815   -0.788  -14.714 1.00 50.19 ? 131 PRO A O   1 
ATOM   1038 C CB  . PRO A 1 132 ? 7.456   -1.539  -17.806 1.00 49.56 ? 131 PRO A CB  1 
ATOM   1039 C CG  . PRO A 1 132 ? 8.362   -0.509  -18.381 1.00 51.07 ? 131 PRO A CG  1 
ATOM   1040 C CD  . PRO A 1 132 ? 8.213   0.734   -17.570 1.00 55.04 ? 131 PRO A CD  1 
ATOM   1041 N N   . THR A 1 133 ? 6.057   -2.197  -14.887 1.00 46.42 ? 132 THR A N   1 
ATOM   1042 C CA  . THR A 1 133 ? 6.037   -2.554  -13.491 1.00 45.19 ? 132 THR A CA  1 
ATOM   1043 C C   . THR A 1 133 ? 5.868   -4.067  -13.399 1.00 42.12 ? 132 THR A C   1 
ATOM   1044 O O   . THR A 1 133 ? 5.093   -4.619  -14.185 1.00 45.25 ? 132 THR A O   1 
ATOM   1045 C CB  . THR A 1 133 ? 4.834   -1.848  -12.808 1.00 42.59 ? 132 THR A CB  1 
ATOM   1046 O OG1 . THR A 1 133 ? 4.917   -0.419  -12.993 1.00 38.94 ? 132 THR A OG1 1 
ATOM   1047 C CG2 . THR A 1 133 ? 4.772   -2.191  -11.341 1.00 42.15 ? 132 THR A CG2 1 
ATOM   1048 N N   . HIS A 1 134 ? 6.574   -4.725  -12.466 1.00 38.22 ? 133 HIS A N   1 
ATOM   1049 C CA  . HIS A 1 134 ? 6.383   -6.182  -12.212 1.00 38.18 ? 133 HIS A CA  1 
ATOM   1050 C C   . HIS A 1 134 ? 5.761   -6.497  -10.864 1.00 35.36 ? 133 HIS A C   1 
ATOM   1051 O O   . HIS A 1 134 ? 5.585   -5.606  -9.992  1.00 29.06 ? 133 HIS A O   1 
ATOM   1052 C CB  . HIS A 1 134 ? 7.695   -6.994  -12.339 1.00 41.33 ? 133 HIS A CB  1 
ATOM   1053 C CG  . HIS A 1 134 ? 8.196   -7.132  -13.748 1.00 46.36 ? 133 HIS A CG  1 
ATOM   1054 N ND1 . HIS A 1 134 ? 9.506   -7.444  -14.043 1.00 52.40 ? 133 HIS A ND1 1 
ATOM   1055 C CD2 . HIS A 1 134 ? 7.573   -6.970  -14.943 1.00 48.28 ? 133 HIS A CD2 1 
ATOM   1056 C CE1 . HIS A 1 134 ? 9.665   -7.484  -15.357 1.00 52.93 ? 133 HIS A CE1 1 
ATOM   1057 N NE2 . HIS A 1 134 ? 8.506   -7.198  -15.928 1.00 50.52 ? 133 HIS A NE2 1 
ATOM   1058 N N   . ARG A 1 135 ? 5.437   -7.788  -10.719 1.00 32.99 ? 134 ARG A N   1 
ATOM   1059 C CA  . ARG A 1 135 ? 4.912   -8.391  -9.480  1.00 31.22 ? 134 ARG A CA  1 
ATOM   1060 C C   . ARG A 1 135 ? 3.597   -7.796  -9.051  1.00 33.06 ? 134 ARG A C   1 
ATOM   1061 O O   . ARG A 1 135 ? 3.298   -7.709  -7.848  1.00 34.79 ? 134 ARG A O   1 
ATOM   1062 C CB  . ARG A 1 135 ? 5.926   -8.304  -8.337  1.00 31.70 ? 134 ARG A CB  1 
ATOM   1063 C CG  . ARG A 1 135 ? 7.257   -8.965  -8.682  1.00 32.69 ? 134 ARG A CG  1 
ATOM   1064 C CD  . ARG A 1 135 ? 8.165   -9.105  -7.472  1.00 32.24 ? 134 ARG A CD  1 
ATOM   1065 N NE  . ARG A 1 135 ? 9.544   -9.518  -7.787  1.00 32.77 ? 134 ARG A NE  1 
ATOM   1066 C CZ  . ARG A 1 135 ? 10.572  -9.410  -6.941  1.00 32.43 ? 134 ARG A CZ  1 
ATOM   1067 N NH1 . ARG A 1 135 ? 10.401  -8.909  -5.715  1.00 33.03 ? 134 ARG A NH1 1 
ATOM   1068 N NH2 . ARG A 1 135 ? 11.785  -9.800  -7.308  1.00 33.20 ? 134 ARG A NH2 1 
ATOM   1069 N N   . THR A 1 136 ? 2.790   -7.426  -10.040 1.00 32.66 ? 135 THR A N   1 
ATOM   1070 C CA  . THR A 1 136 ? 1.530   -6.799  -9.776  1.00 32.58 ? 135 THR A CA  1 
ATOM   1071 C C   . THR A 1 136 ? 0.503   -7.888  -9.686  1.00 34.01 ? 135 THR A C   1 
ATOM   1072 O O   . THR A 1 136 ? 0.713   -8.986  -10.189 1.00 33.43 ? 135 THR A O   1 
ATOM   1073 C CB  . THR A 1 136 ? 1.145   -5.721  -10.856 1.00 32.54 ? 135 THR A CB  1 
ATOM   1074 O OG1 . THR A 1 136 ? 0.858   -6.313  -12.151 1.00 29.57 ? 135 THR A OG1 1 
ATOM   1075 C CG2 . THR A 1 136 ? 2.271   -4.688  -10.982 1.00 31.86 ? 135 THR A CG2 1 
ATOM   1076 N N   . MET A 1 137 ? -0.605  -7.566  -9.032  1.00 36.73 ? 136 MET A N   1 
ATOM   1077 C CA  . MET A 1 137 ? -1.771  -8.403  -9.044  1.00 38.73 ? 136 MET A CA  1 
ATOM   1078 C C   . MET A 1 137 ? -2.992  -7.572  -9.464  1.00 39.48 ? 136 MET A C   1 
ATOM   1079 O O   . MET A 1 137 ? -2.948  -6.347  -9.446  1.00 37.13 ? 136 MET A O   1 
ATOM   1080 C CB  . MET A 1 137 ? -1.941  -9.015  -7.664  1.00 39.48 ? 136 MET A CB  1 
ATOM   1081 C CG  . MET A 1 137 ? -0.970  -10.163 -7.429  1.00 42.99 ? 136 MET A CG  1 
ATOM   1082 S SD  . MET A 1 137 ? -1.283  -11.108 -5.920  1.00 43.57 ? 136 MET A SD  1 
ATOM   1083 C CE  . MET A 1 137 ? -0.930  -9.795  -4.732  1.00 48.56 ? 136 MET A CE  1 
ATOM   1084 N N   . MET A 1 138 ? -4.082  -8.243  -9.824  1.00 38.27 ? 137 MET A N   1 
ATOM   1085 C CA  . MET A 1 138 ? -5.253  -7.576  -10.396 1.00 38.64 ? 137 MET A CA  1 
ATOM   1086 C C   . MET A 1 138 ? -6.503  -7.990  -9.670  1.00 35.71 ? 137 MET A C   1 
ATOM   1087 O O   . MET A 1 138 ? -6.624  -9.131  -9.245  1.00 33.56 ? 137 MET A O   1 
ATOM   1088 C CB  . MET A 1 138 ? -5.400  -7.933  -11.892 1.00 40.49 ? 137 MET A CB  1 
ATOM   1089 C CG  . MET A 1 138 ? -6.653  -7.390  -12.593 1.00 42.13 ? 137 MET A CG  1 
ATOM   1090 S SD  . MET A 1 138 ? -8.187  -8.286  -12.307 1.00 47.44 ? 137 MET A SD  1 
ATOM   1091 C CE  . MET A 1 138 ? -7.953  -9.738  -13.332 1.00 46.27 ? 137 MET A CE  1 
ATOM   1092 N N   . TYR A 1 139 ? -7.434  -7.044  -9.558  1.00 38.32 ? 138 TYR A N   1 
ATOM   1093 C CA  . TYR A 1 139 ? -8.826  -7.287  -9.086  1.00 41.58 ? 138 TYR A CA  1 
ATOM   1094 C C   . TYR A 1 139 ? -9.808  -6.575  -10.029 1.00 41.56 ? 138 TYR A C   1 
ATOM   1095 O O   . TYR A 1 139 ? -9.534  -5.475  -10.541 1.00 38.61 ? 138 TYR A O   1 
ATOM   1096 C CB  . TYR A 1 139 ? -9.046  -6.803  -7.651  1.00 40.96 ? 138 TYR A CB  1 
ATOM   1097 C CG  . TYR A 1 139 ? -8.031  -5.763  -7.185  1.00 42.58 ? 138 TYR A CG  1 
ATOM   1098 C CD1 . TYR A 1 139 ? -6.762  -6.154  -6.710  1.00 40.33 ? 138 TYR A CD1 1 
ATOM   1099 C CD2 . TYR A 1 139 ? -8.328  -4.397  -7.211  1.00 42.46 ? 138 TYR A CD2 1 
ATOM   1100 C CE1 . TYR A 1 139 ? -5.839  -5.218  -6.285  1.00 38.37 ? 138 TYR A CE1 1 
ATOM   1101 C CE2 . TYR A 1 139 ? -7.400  -3.461  -6.773  1.00 40.71 ? 138 TYR A CE2 1 
ATOM   1102 C CZ  . TYR A 1 139 ? -6.163  -3.881  -6.310  1.00 38.14 ? 138 TYR A CZ  1 
ATOM   1103 O OH  . TYR A 1 139 ? -5.247  -2.960  -5.880  1.00 34.50 ? 138 TYR A OH  1 
ATOM   1104 N N   . ASN A 1 140 ? -10.945 -7.211  -10.281 1.00 42.86 ? 139 ASN A N   1 
ATOM   1105 C CA  . ASN A 1 140 ? -11.873 -6.694  -11.276 1.00 38.85 ? 139 ASN A CA  1 
ATOM   1106 C C   . ASN A 1 140 ? -12.791 -5.803  -10.525 1.00 38.53 ? 139 ASN A C   1 
ATOM   1107 O O   . ASN A 1 140 ? -13.851 -6.221  -10.066 1.00 41.00 ? 139 ASN A O   1 
ATOM   1108 C CB  . ASN A 1 140 ? -12.612 -7.813  -11.983 1.00 38.45 ? 139 ASN A CB  1 
ATOM   1109 C CG  . ASN A 1 140 ? -11.713 -8.624  -12.900 1.00 38.36 ? 139 ASN A CG  1 
ATOM   1110 O OD1 . ASN A 1 140 ? -11.651 -9.837  -12.795 1.00 39.48 ? 139 ASN A OD1 1 
ATOM   1111 N ND2 . ASN A 1 140 ? -11.040 -7.963  -13.815 1.00 38.88 ? 139 ASN A ND2 1 
ATOM   1112 N N   . PHE A 1 141 ? -12.320 -4.581  -10.327 1.00 37.18 ? 140 PHE A N   1 
ATOM   1113 C CA  . PHE A 1 141 ? -13.078 -3.555  -9.632  1.00 39.38 ? 140 PHE A CA  1 
ATOM   1114 C C   . PHE A 1 141 ? -12.659 -2.205  -10.212 1.00 38.96 ? 140 PHE A C   1 
ATOM   1115 O O   . PHE A 1 141 ? -11.449 -1.977  -10.441 1.00 37.74 ? 140 PHE A O   1 
ATOM   1116 C CB  . PHE A 1 141 ? -12.842 -3.589  -8.109  1.00 39.60 ? 140 PHE A CB  1 
ATOM   1117 C CG  . PHE A 1 141 ? -13.844 -2.773  -7.326  1.00 39.81 ? 140 PHE A CG  1 
ATOM   1118 C CD1 . PHE A 1 141 ? -13.683 -1.403  -7.168  1.00 41.27 ? 140 PHE A CD1 1 
ATOM   1119 C CD2 . PHE A 1 141 ? -14.955 -3.378  -6.774  1.00 40.31 ? 140 PHE A CD2 1 
ATOM   1120 C CE1 . PHE A 1 141 ? -14.606 -0.662  -6.444  1.00 42.85 ? 140 PHE A CE1 1 
ATOM   1121 C CE2 . PHE A 1 141 ? -15.891 -2.648  -6.066  1.00 41.43 ? 140 PHE A CE2 1 
ATOM   1122 C CZ  . PHE A 1 141 ? -15.719 -1.286  -5.900  1.00 42.80 ? 140 PHE A CZ  1 
ATOM   1123 N N   . PRO A 1 142 ? -13.645 -1.323  -10.496 1.00 37.97 ? 141 PRO A N   1 
ATOM   1124 C CA  . PRO A 1 142 ? -13.275 -0.068  -11.164 1.00 40.62 ? 141 PRO A CA  1 
ATOM   1125 C C   . PRO A 1 142 ? -12.659 0.945   -10.191 1.00 44.38 ? 141 PRO A C   1 
ATOM   1126 O O   . PRO A 1 142 ? -13.319 1.911   -9.785  1.00 41.46 ? 141 PRO A O   1 
ATOM   1127 C CB  . PRO A 1 142 ? -14.608 0.421   -11.755 1.00 40.60 ? 141 PRO A CB  1 
ATOM   1128 C CG  . PRO A 1 142 ? -15.655 -0.178  -10.878 1.00 42.43 ? 141 PRO A CG  1 
ATOM   1129 C CD  . PRO A 1 142 ? -15.112 -1.514  -10.447 1.00 39.04 ? 141 PRO A CD  1 
ATOM   1130 N N   . THR A 1 143 ? -11.409 0.710   -9.788  1.00 47.29 ? 142 THR A N   1 
ATOM   1131 C CA  . THR A 1 143 ? -10.763 1.590   -8.804  1.00 48.01 ? 142 THR A CA  1 
ATOM   1132 C C   . THR A 1 143 ? -10.474 2.928   -9.472  1.00 52.07 ? 142 THR A C   1 
ATOM   1133 O O   . THR A 1 143 ? -10.412 2.993   -10.694 1.00 55.77 ? 142 THR A O   1 
ATOM   1134 C CB  . THR A 1 143 ? -9.482  0.981   -8.229  1.00 46.04 ? 142 THR A CB  1 
ATOM   1135 O OG1 . THR A 1 143 ? -8.634  0.548   -9.298  1.00 38.41 ? 142 THR A OG1 1 
ATOM   1136 C CG2 . THR A 1 143 ? -9.820  -0.190  -7.306  1.00 47.45 ? 142 THR A CG2 1 
ATOM   1137 N N   . LYS A 1 144 ? -10.303 3.982   -8.666  1.00 56.57 ? 143 LYS A N   1 
ATOM   1138 C CA  . LYS A 1 144 ? -10.274 5.368   -9.171  1.00 50.83 ? 143 LYS A CA  1 
ATOM   1139 C C   . LYS A 1 144 ? -9.151  6.153   -8.564  1.00 45.75 ? 143 LYS A C   1 
ATOM   1140 O O   . LYS A 1 144 ? -8.501  5.710   -7.624  1.00 41.68 ? 143 LYS A O   1 
ATOM   1141 C CB  . LYS A 1 144 ? -11.596 6.087   -8.881  1.00 53.31 ? 143 LYS A CB  1 
ATOM   1142 C CG  . LYS A 1 144 ? -11.986 6.137   -7.407  1.00 56.83 ? 143 LYS A CG  1 
ATOM   1143 C CD  . LYS A 1 144 ? -13.490 6.319   -7.197  1.00 61.92 ? 143 LYS A CD  1 
ATOM   1144 C CE  . LYS A 1 144 ? -13.933 7.781   -7.218  1.00 68.60 ? 143 LYS A CE  1 
ATOM   1145 N NZ  . LYS A 1 144 ? -13.792 8.461   -5.888  1.00 75.45 ? 143 LYS A NZ  1 
ATOM   1146 N N   . ALA A 1 145 ? -8.926  7.325   -9.142  1.00 44.40 ? 144 ALA A N   1 
ATOM   1147 C CA  . ALA A 1 145 ? -7.937  8.254   -8.658  1.00 42.69 ? 144 ALA A CA  1 
ATOM   1148 C C   . ALA A 1 145 ? -8.204  8.534   -7.176  1.00 39.44 ? 144 ALA A C   1 
ATOM   1149 O O   . ALA A 1 145 ? -9.364  8.549   -6.715  1.00 35.14 ? 144 ALA A O   1 
ATOM   1150 C CB  . ALA A 1 145 ? -7.977  9.549   -9.477  1.00 44.09 ? 144 ALA A CB  1 
ATOM   1151 N N   . GLY A 1 146 ? -7.115  8.725   -6.434  1.00 34.77 ? 145 GLY A N   1 
ATOM   1152 C CA  . GLY A 1 146 ? -7.193  8.980   -5.012  1.00 32.98 ? 145 GLY A CA  1 
ATOM   1153 C C   . GLY A 1 146 ? -7.151  7.722   -4.157  1.00 29.72 ? 145 GLY A C   1 
ATOM   1154 O O   . GLY A 1 146 ? -7.245  7.826   -2.922  1.00 29.22 ? 145 GLY A O   1 
ATOM   1155 N N   . GLN A 1 147 ? -6.987  6.551   -4.780  1.00 24.41 ? 146 GLN A N   1 
ATOM   1156 C CA  . GLN A 1 147 ? -7.040  5.300   -4.038  1.00 24.38 ? 146 GLN A CA  1 
ATOM   1157 C C   . GLN A 1 147 ? -5.685  4.617   -3.977  1.00 24.36 ? 146 GLN A C   1 
ATOM   1158 O O   . GLN A 1 147 ? -5.587  3.476   -3.497  1.00 22.44 ? 146 GLN A O   1 
ATOM   1159 C CB  . GLN A 1 147 ? -8.122  4.349   -4.619  1.00 24.31 ? 146 GLN A CB  1 
ATOM   1160 C CG  . GLN A 1 147 ? -9.513  4.972   -4.570  1.00 26.19 ? 146 GLN A CG  1 
ATOM   1161 C CD  . GLN A 1 147 ? -10.686 4.037   -4.810  1.00 26.18 ? 146 GLN A CD  1 
ATOM   1162 O OE1 . GLN A 1 147 ? -10.747 3.303   -5.818  1.00 27.26 ? 146 GLN A OE1 1 
ATOM   1163 N NE2 . GLN A 1 147 ? -11.674 4.126   -3.928  1.00 27.20 ? 146 GLN A NE2 1 
ATOM   1164 N N   . CYS A 1 148 ? -4.643  5.283   -4.470  1.00 25.26 ? 147 CYS A N   1 
ATOM   1165 C CA  . CYS A 1 148 ? -3.312  4.677   -4.472  1.00 27.19 ? 147 CYS A CA  1 
ATOM   1166 C C   . CYS A 1 148 ? -2.741  4.669   -3.061  1.00 27.72 ? 147 CYS A C   1 
ATOM   1167 O O   . CYS A 1 148 ? -2.936  5.599   -2.297  1.00 29.52 ? 147 CYS A O   1 
ATOM   1168 C CB  . CYS A 1 148 ? -2.365  5.376   -5.433  1.00 28.45 ? 147 CYS A CB  1 
ATOM   1169 S SG  . CYS A 1 148 ? -2.792  4.943   -7.090  1.00 30.74 ? 147 CYS A SG  1 
ATOM   1170 N N   . GLY A 1 149 ? -2.053  3.590   -2.718  1.00 27.42 ? 148 GLY A N   1 
ATOM   1171 C CA  . GLY A 1 149 ? -1.550  3.396   -1.365  1.00 26.02 ? 148 GLY A CA  1 
ATOM   1172 C C   . GLY A 1 149 ? -2.463  2.497   -0.580  1.00 25.66 ? 148 GLY A C   1 
ATOM   1173 O O   . GLY A 1 149 ? -2.085  1.983   0.480   1.00 25.58 ? 148 GLY A O   1 
ATOM   1174 N N   . GLY A 1 150 ? -3.687  2.335   -1.084  1.00 25.87 ? 149 GLY A N   1 
ATOM   1175 C CA  . GLY A 1 150 ? -4.741  1.566   -0.415  1.00 25.53 ? 149 GLY A CA  1 
ATOM   1176 C C   . GLY A 1 150 ? -4.271  0.150   -0.184  1.00 27.56 ? 149 GLY A C   1 
ATOM   1177 O O   . GLY A 1 150 ? -3.513  -0.407  -1.021  1.00 26.97 ? 149 GLY A O   1 
ATOM   1178 N N   . VAL A 1 151 ? -4.709  -0.440  0.935   1.00 26.32 ? 150 VAL A N   1 
ATOM   1179 C CA  . VAL A 1 151 ? -4.148  -1.723  1.366   1.00 28.38 ? 150 VAL A CA  1 
ATOM   1180 C C   . VAL A 1 151 ? -5.023  -2.932  1.009   1.00 28.51 ? 150 VAL A C   1 
ATOM   1181 O O   . VAL A 1 151 ? -6.168  -3.055  1.489   1.00 30.86 ? 150 VAL A O   1 
ATOM   1182 C CB  . VAL A 1 151 ? -3.723  -1.687  2.865   1.00 27.55 ? 150 VAL A CB  1 
ATOM   1183 C CG1 . VAL A 1 151 ? -3.003  -2.974  3.258   1.00 25.07 ? 150 VAL A CG1 1 
ATOM   1184 C CG2 . VAL A 1 151 ? -2.798  -0.492  3.109   1.00 27.11 ? 150 VAL A CG2 1 
ATOM   1185 N N   . VAL A 1 152 ? -4.486  -3.795  0.141   1.00 26.27 ? 151 VAL A N   1 
ATOM   1186 C CA  . VAL A 1 152 ? -5.205  -4.993  -0.284  1.00 28.75 ? 151 VAL A CA  1 
ATOM   1187 C C   . VAL A 1 152 ? -5.114  -6.059  0.805   1.00 32.45 ? 151 VAL A C   1 
ATOM   1188 O O   . VAL A 1 152 ? -4.021  -6.562  1.094   1.00 30.07 ? 151 VAL A O   1 
ATOM   1189 C CB  . VAL A 1 152 ? -4.658  -5.602  -1.615  1.00 26.92 ? 151 VAL A CB  1 
ATOM   1190 C CG1 . VAL A 1 152 ? -5.475  -6.820  -2.040  1.00 25.85 ? 151 VAL A CG1 1 
ATOM   1191 C CG2 . VAL A 1 152 ? -4.690  -4.567  -2.724  1.00 26.28 ? 151 VAL A CG2 1 
ATOM   1192 N N   . THR A 1 153 ? -6.255  -6.440  1.383   1.00 37.48 ? 152 THR A N   1 
ATOM   1193 C CA  . THR A 1 153 ? -6.207  -7.403  2.470   1.00 41.99 ? 152 THR A CA  1 
ATOM   1194 C C   . THR A 1 153 ? -7.379  -8.414  2.619   1.00 44.05 ? 152 THR A C   1 
ATOM   1195 O O   . THR A 1 153 ? -8.491  -8.184  2.137   1.00 41.81 ? 152 THR A O   1 
ATOM   1196 C CB  . THR A 1 153 ? -5.972  -6.638  3.762   1.00 44.75 ? 152 THR A CB  1 
ATOM   1197 O OG1 . THR A 1 153 ? -5.365  -7.525  4.702   1.00 48.22 ? 152 THR A OG1 1 
ATOM   1198 C CG2 . THR A 1 153 ? -7.289  -6.035  4.278   1.00 44.52 ? 152 THR A CG2 1 
ATOM   1199 N N   . SER A 1 154 ? -7.103  -9.540  3.283   1.00 44.37 ? 153 SER A N   1 
ATOM   1200 C CA  . SER A 1 154 ? -8.025  -10.695 3.298   1.00 47.41 ? 153 SER A CA  1 
ATOM   1201 C C   . SER A 1 154 ? -7.603  -11.748 4.307   1.00 50.27 ? 153 SER A C   1 
ATOM   1202 O O   . SER A 1 154 ? -6.473  -12.241 4.260   1.00 51.09 ? 153 SER A O   1 
ATOM   1203 C CB  . SER A 1 154 ? -8.070  -11.357 1.907   1.00 48.55 ? 153 SER A CB  1 
ATOM   1204 O OG  . SER A 1 154 ? -8.623  -12.670 1.922   1.00 46.22 ? 153 SER A OG  1 
ATOM   1205 N N   . VAL A 1 155 ? -8.535  -12.117 5.185   1.00 52.67 ? 154 VAL A N   1 
ATOM   1206 C CA  . VAL A 1 155 ? -8.308  -13.108 6.268   1.00 55.23 ? 154 VAL A CA  1 
ATOM   1207 C C   . VAL A 1 155 ? -7.043  -12.855 7.107   1.00 50.57 ? 154 VAL A C   1 
ATOM   1208 O O   . VAL A 1 155 ? -6.229  -13.739 7.290   1.00 59.88 ? 154 VAL A O   1 
ATOM   1209 C CB  . VAL A 1 155 ? -8.367  -14.602 5.771   1.00 56.97 ? 154 VAL A CB  1 
ATOM   1210 C CG1 . VAL A 1 155 ? -9.698  -14.893 5.082   1.00 57.42 ? 154 VAL A CG1 1 
ATOM   1211 C CG2 . VAL A 1 155 ? -7.202  -15.000 4.857   1.00 58.46 ? 154 VAL A CG2 1 
ATOM   1212 N N   . GLY A 1 156 ? -6.891  -11.654 7.637   1.00 45.17 ? 155 GLY A N   1 
ATOM   1213 C CA  . GLY A 1 156 ? -5.721  -11.346 8.442   1.00 45.93 ? 155 GLY A CA  1 
ATOM   1214 C C   . GLY A 1 156 ? -4.400  -11.355 7.691   1.00 43.40 ? 155 GLY A C   1 
ATOM   1215 O O   . GLY A 1 156 ? -3.357  -11.561 8.275   1.00 43.29 ? 155 GLY A O   1 
ATOM   1216 N N   . LYS A 1 157 ? -4.438  -11.153 6.386   1.00 46.05 ? 156 LYS A N   1 
ATOM   1217 C CA  . LYS A 1 157 ? -3.211  -11.086 5.590   1.00 44.59 ? 156 LYS A CA  1 
ATOM   1218 C C   . LYS A 1 157 ? -3.155  -9.793  4.758   1.00 37.79 ? 156 LYS A C   1 
ATOM   1219 O O   . LYS A 1 157 ? -4.167  -9.319  4.232   1.00 35.46 ? 156 LYS A O   1 
ATOM   1220 C CB  . LYS A 1 157 ? -3.079  -12.315 4.689   1.00 51.11 ? 156 LYS A CB  1 
ATOM   1221 C CG  . LYS A 1 157 ? -2.843  -13.604 5.455   1.00 58.80 ? 156 LYS A CG  1 
ATOM   1222 C CD  . LYS A 1 157 ? -1.580  -14.315 4.976   1.00 66.25 ? 156 LYS A CD  1 
ATOM   1223 C CE  . LYS A 1 157 ? -1.624  -15.820 5.222   1.00 69.29 ? 156 LYS A CE  1 
ATOM   1224 N NZ  . LYS A 1 157 ? -2.268  -16.529 4.078   1.00 67.67 ? 156 LYS A NZ  1 
ATOM   1225 N N   . VAL A 1 158 ? -1.958  -9.224  4.662   1.00 33.73 ? 157 VAL A N   1 
ATOM   1226 C CA  . VAL A 1 158 ? -1.733  -7.955  3.984   1.00 30.31 ? 157 VAL A CA  1 
ATOM   1227 C C   . VAL A 1 158 ? -0.908  -8.274  2.746   1.00 30.05 ? 157 VAL A C   1 
ATOM   1228 O O   . VAL A 1 158 ? 0.297   -8.551  2.833   1.00 31.39 ? 157 VAL A O   1 
ATOM   1229 C CB  . VAL A 1 158 ? -1.014  -6.945  4.907   1.00 31.96 ? 157 VAL A CB  1 
ATOM   1230 C CG1 . VAL A 1 158 ? -0.903  -5.586  4.236   1.00 32.05 ? 157 VAL A CG1 1 
ATOM   1231 C CG2 . VAL A 1 158 ? -1.754  -6.789  6.240   1.00 31.12 ? 157 VAL A CG2 1 
ATOM   1232 N N   . ILE A 1 159 ? -1.561  -8.237  1.590   1.00 27.77 ? 158 ILE A N   1 
ATOM   1233 C CA  . ILE A 1 159 ? -0.993  -8.769  0.366   1.00 27.28 ? 158 ILE A CA  1 
ATOM   1234 C C   . ILE A 1 159 ? -0.632  -7.758  -0.749  1.00 27.37 ? 158 ILE A C   1 
ATOM   1235 O O   . ILE A 1 159 ? 0.099   -8.109  -1.693  1.00 28.64 ? 158 ILE A O   1 
ATOM   1236 C CB  . ILE A 1 159 ? -1.944  -9.841  -0.201  1.00 31.32 ? 158 ILE A CB  1 
ATOM   1237 C CG1 . ILE A 1 159 ? -3.215  -9.199  -0.788  1.00 30.97 ? 158 ILE A CG1 1 
ATOM   1238 C CG2 . ILE A 1 159 ? -2.264  -10.878 0.894   1.00 31.79 ? 158 ILE A CG2 1 
ATOM   1239 C CD1 . ILE A 1 159 ? -4.321  -10.183 -1.117  1.00 32.69 ? 158 ILE A CD1 1 
ATOM   1240 N N   . GLY A 1 160 ? -1.114  -6.517  -0.669  1.00 23.84 ? 159 GLY A N   1 
ATOM   1241 C CA  . GLY A 1 160 ? -0.744  -5.558  -1.677  1.00 23.57 ? 159 GLY A CA  1 
ATOM   1242 C C   . GLY A 1 160 ? -0.962  -4.106  -1.328  1.00 22.48 ? 159 GLY A C   1 
ATOM   1243 O O   . GLY A 1 160 ? -1.601  -3.792  -0.341  1.00 24.49 ? 159 GLY A O   1 
ATOM   1244 N N   . ILE A 1 161 ? -0.416  -3.232  -2.165  1.00 23.90 ? 160 ILE A N   1 
ATOM   1245 C CA  . ILE A 1 161 ? -0.611  -1.765  -2.134  1.00 25.88 ? 160 ILE A CA  1 
ATOM   1246 C C   . ILE A 1 161 ? -1.181  -1.303  -3.474  1.00 26.36 ? 160 ILE A C   1 
ATOM   1247 O O   . ILE A 1 161 ? -0.550  -1.502  -4.496  1.00 29.67 ? 160 ILE A O   1 
ATOM   1248 C CB  . ILE A 1 161 ? 0.743   -1.075  -1.926  1.00 26.38 ? 160 ILE A CB  1 
ATOM   1249 C CG1 . ILE A 1 161 ? 1.240   -1.381  -0.515  1.00 29.10 ? 160 ILE A CG1 1 
ATOM   1250 C CG2 . ILE A 1 161 ? 0.678   0.436   -2.171  1.00 28.14 ? 160 ILE A CG2 1 
ATOM   1251 C CD1 . ILE A 1 161 ? 0.259   -1.044  0.597   1.00 28.81 ? 160 ILE A CD1 1 
ATOM   1252 N N   . HIS A 1 162 ? -2.366  -0.719  -3.485  1.00 27.17 ? 161 HIS A N   1 
ATOM   1253 C CA  . HIS A 1 162 ? -2.955  -0.248  -4.731  1.00 27.99 ? 161 HIS A CA  1 
ATOM   1254 C C   . HIS A 1 162 ? -2.108  0.811   -5.459  1.00 30.38 ? 161 HIS A C   1 
ATOM   1255 O O   . HIS A 1 162 ? -1.673  1.786   -4.851  1.00 30.15 ? 161 HIS A O   1 
ATOM   1256 C CB  . HIS A 1 162 ? -4.327  0.332   -4.482  1.00 29.23 ? 161 HIS A CB  1 
ATOM   1257 C CG  . HIS A 1 162 ? -5.082  0.594   -5.745  1.00 31.66 ? 161 HIS A CG  1 
ATOM   1258 N ND1 . HIS A 1 162 ? -5.552  -0.430  -6.544  1.00 30.71 ? 161 HIS A ND1 1 
ATOM   1259 C CD2 . HIS A 1 162 ? -5.414  1.747   -6.370  1.00 31.21 ? 161 HIS A CD2 1 
ATOM   1260 C CE1 . HIS A 1 162 ? -6.169  0.085   -7.590  1.00 31.33 ? 161 HIS A CE1 1 
ATOM   1261 N NE2 . HIS A 1 162 ? -6.089  1.403   -7.519  1.00 31.49 ? 161 HIS A NE2 1 
ATOM   1262 N N   . ILE A 1 163 ? -1.903  0.604   -6.765  1.00 33.44 ? 162 ILE A N   1 
ATOM   1263 C CA  . ILE A 1 163 ? -1.075  1.477   -7.615  1.00 34.92 ? 162 ILE A CA  1 
ATOM   1264 C C   . ILE A 1 163 ? -1.689  1.957   -8.954  1.00 35.47 ? 162 ILE A C   1 
ATOM   1265 O O   . ILE A 1 163 ? -1.167  2.894   -9.581  1.00 29.82 ? 162 ILE A O   1 
ATOM   1266 C CB  . ILE A 1 163 ? 0.271   0.811   -7.971  1.00 36.07 ? 162 ILE A CB  1 
ATOM   1267 C CG1 . ILE A 1 163 ? 0.026   -0.552  -8.621  1.00 35.50 ? 162 ILE A CG1 1 
ATOM   1268 C CG2 . ILE A 1 163 ? 1.183   0.718   -6.737  1.00 35.77 ? 162 ILE A CG2 1 
ATOM   1269 C CD1 . ILE A 1 163 ? 1.186   -1.020  -9.469  1.00 36.05 ? 162 ILE A CD1 1 
ATOM   1270 N N   . GLY A 1 164 ? -2.776  1.337   -9.405  1.00 37.75 ? 163 GLY A N   1 
ATOM   1271 C CA  . GLY A 1 164 ? -3.269  1.632   -10.745 1.00 38.45 ? 163 GLY A CA  1 
ATOM   1272 C C   . GLY A 1 164 ? -4.599  1.030   -11.109 1.00 39.21 ? 163 GLY A C   1 
ATOM   1273 O O   . GLY A 1 164 ? -5.127  0.183   -10.399 1.00 38.45 ? 163 GLY A O   1 
ATOM   1274 N N   . GLY A 1 165 ? -5.135  1.471   -12.236 1.00 42.80 ? 164 GLY A N   1 
ATOM   1275 C CA  . GLY A 1 165 ? -6.402  0.938   -12.751 1.00 44.00 ? 164 GLY A CA  1 
ATOM   1276 C C   . GLY A 1 165 ? -6.691  1.461   -14.150 1.00 43.48 ? 164 GLY A C   1 
ATOM   1277 O O   . GLY A 1 165 ? -6.001  2.355   -14.634 1.00 44.74 ? 164 GLY A O   1 
ATOM   1278 N N   . ASN A 1 166 ? -7.705  0.906   -14.802 1.00 41.63 ? 165 ASN A N   1 
ATOM   1279 C CA  . ASN A 1 166 ? -7.973  1.216   -16.212 1.00 40.74 ? 165 ASN A CA  1 
ATOM   1280 C C   . ASN A 1 166 ? -9.439  1.574   -16.382 1.00 40.56 ? 165 ASN A C   1 
ATOM   1281 O O   . ASN A 1 166 ? -9.950  1.625   -17.497 1.00 42.49 ? 165 ASN A O   1 
ATOM   1282 C CB  . ASN A 1 166 ? -7.566  0.044   -17.130 1.00 37.42 ? 165 ASN A CB  1 
ATOM   1283 C CG  . ASN A 1 166 ? -8.302  -1.263  -16.795 1.00 38.47 ? 165 ASN A CG  1 
ATOM   1284 O OD1 . ASN A 1 166 ? -9.406  -1.260  -16.216 1.00 43.71 ? 165 ASN A OD1 1 
ATOM   1285 N ND2 . ASN A 1 166 ? -7.692  -2.383  -17.154 1.00 33.64 ? 165 ASN A ND2 1 
ATOM   1286 N N   . GLY A 1 167 ? -10.102 1.841   -15.265 1.00 40.22 ? 166 GLY A N   1 
ATOM   1287 C CA  . GLY A 1 167 ? -11.488 2.251   -15.285 1.00 40.76 ? 166 GLY A CA  1 
ATOM   1288 C C   . GLY A 1 167 ? -12.403 1.063   -15.114 1.00 40.47 ? 166 GLY A C   1 
ATOM   1289 O O   . GLY A 1 167 ? -13.596 1.254   -14.865 1.00 39.03 ? 166 GLY A O   1 
ATOM   1290 N N   . ARG A 1 168 ? -11.864 -0.157  -15.250 1.00 38.32 ? 167 ARG A N   1 
ATOM   1291 C CA  . ARG A 1 168 ? -12.673 -1.402  -15.046 1.00 41.23 ? 167 ARG A CA  1 
ATOM   1292 C C   . ARG A 1 168 ? -12.053 -2.335  -14.043 1.00 36.66 ? 167 ARG A C   1 
ATOM   1293 O O   . ARG A 1 168 ? -12.751 -3.074  -13.336 1.00 35.70 ? 167 ARG A O   1 
ATOM   1294 C CB  . ARG A 1 168 ? -12.854 -2.195  -16.357 1.00 39.36 ? 167 ARG A CB  1 
ATOM   1295 C CG  . ARG A 1 168 ? -13.305 -1.349  -17.533 1.00 40.87 ? 167 ARG A CG  1 
ATOM   1296 C CD  . ARG A 1 168 ? -13.183 -2.127  -18.822 1.00 40.36 ? 167 ARG A CD  1 
ATOM   1297 N NE  . ARG A 1 168 ? -11.803 -2.495  -19.133 1.00 39.31 ? 167 ARG A NE  1 
ATOM   1298 C CZ  . ARG A 1 168 ? -10.914 -1.697  -19.719 1.00 39.43 ? 167 ARG A CZ  1 
ATOM   1299 N NH1 . ARG A 1 168 ? -11.239 -0.452  -20.057 1.00 42.59 ? 167 ARG A NH1 1 
ATOM   1300 N NH2 . ARG A 1 168 ? -9.690  -2.154  -19.987 1.00 35.79 ? 167 ARG A NH2 1 
ATOM   1301 N N   . GLN A 1 169 ? -10.732 -2.334  -14.045 1.00 39.33 ? 168 GLN A N   1 
ATOM   1302 C CA  . GLN A 1 169 ? -9.945  -3.150  -13.145 1.00 44.24 ? 168 GLN A CA  1 
ATOM   1303 C C   . GLN A 1 169 ? -9.049  -2.263  -12.299 1.00 45.51 ? 168 GLN A C   1 
ATOM   1304 O O   . GLN A 1 169 ? -8.790  -1.109  -12.647 1.00 46.46 ? 168 GLN A O   1 
ATOM   1305 C CB  . GLN A 1 169 ? -9.096  -4.133  -13.946 1.00 40.82 ? 168 GLN A CB  1 
ATOM   1306 C CG  . GLN A 1 169 ? -9.961  -5.082  -14.785 1.00 40.06 ? 168 GLN A CG  1 
ATOM   1307 C CD  . GLN A 1 169 ? -9.151  -5.845  -15.806 1.00 35.81 ? 168 GLN A CD  1 
ATOM   1308 O OE1 . GLN A 1 169 ? -8.592  -5.257  -16.714 1.00 32.57 ? 168 GLN A OE1 1 
ATOM   1309 N NE2 . GLN A 1 169 ? -9.067  -7.157  -15.646 1.00 35.88 ? 168 GLN A NE2 1 
ATOM   1310 N N   . GLY A 1 170 ? -8.613  -2.819  -11.174 1.00 43.51 ? 169 GLY A N   1 
ATOM   1311 C CA  . GLY A 1 170 ? -7.535  -2.254  -10.387 1.00 41.75 ? 169 GLY A CA  1 
ATOM   1312 C C   . GLY A 1 170 ? -6.358  -3.216  -10.273 1.00 40.94 ? 169 GLY A C   1 
ATOM   1313 O O   . GLY A 1 170 ? -6.511  -4.430  -10.437 1.00 35.43 ? 169 GLY A O   1 
ATOM   1314 N N   . PHE A 1 171 ? -5.187  -2.647  -9.973  1.00 41.37 ? 170 PHE A N   1 
ATOM   1315 C CA  . PHE A 1 171 ? -3.936  -3.382  -9.842  1.00 42.20 ? 170 PHE A CA  1 
ATOM   1316 C C   . PHE A 1 171 ? -3.130  -2.889  -8.640  1.00 42.06 ? 170 PHE A C   1 
ATOM   1317 O O   . PHE A 1 171 ? -2.999  -1.676  -8.420  1.00 41.71 ? 170 PHE A O   1 
ATOM   1318 C CB  . PHE A 1 171 ? -3.091  -3.222  -11.104 1.00 45.17 ? 170 PHE A CB  1 
ATOM   1319 C CG  . PHE A 1 171 ? -3.839  -3.531  -12.366 1.00 49.85 ? 170 PHE A CG  1 
ATOM   1320 C CD1 . PHE A 1 171 ? -3.991  -4.840  -12.778 1.00 53.24 ? 170 PHE A CD1 1 
ATOM   1321 C CD2 . PHE A 1 171 ? -4.411  -2.516  -13.132 1.00 50.80 ? 170 PHE A CD2 1 
ATOM   1322 C CE1 . PHE A 1 171 ? -4.699  -5.137  -13.928 1.00 55.83 ? 170 PHE A CE1 1 
ATOM   1323 C CE2 . PHE A 1 171 ? -5.122  -2.806  -14.283 1.00 50.20 ? 170 PHE A CE2 1 
ATOM   1324 C CZ  . PHE A 1 171 ? -5.263  -4.117  -14.682 1.00 53.74 ? 170 PHE A CZ  1 
ATOM   1325 N N   . CYS A 1 172 ? -2.592  -3.841  -7.871  1.00 39.90 ? 171 CYS A N   1 
ATOM   1326 C CA  . CYS A 1 172 ? -1.695  -3.544  -6.776  1.00 37.06 ? 171 CYS A CA  1 
ATOM   1327 C C   . CYS A 1 172 ? -0.287  -4.069  -7.023  1.00 37.68 ? 171 CYS A C   1 
ATOM   1328 O O   . CYS A 1 172 ? -0.091  -5.021  -7.751  1.00 38.67 ? 171 CYS A O   1 
ATOM   1329 C CB  . CYS A 1 172 ? -2.212  -4.174  -5.495  1.00 37.18 ? 171 CYS A CB  1 
ATOM   1330 S SG  . CYS A 1 172 ? -2.152  -5.975  -5.511  1.00 32.43 ? 171 CYS A SG  1 
ATOM   1331 N N   . ALA A 1 173 ? 0.692   -3.422  -6.407  1.00 38.10 ? 172 ALA A N   1 
ATOM   1332 C CA  . ALA A 1 173 ? 2.010   -4.020  -6.246  1.00 39.32 ? 172 ALA A CA  1 
ATOM   1333 C C   . ALA A 1 173 ? 1.913   -5.042  -5.076  1.00 37.69 ? 172 ALA A C   1 
ATOM   1334 O O   . ALA A 1 173 ? 1.392   -4.729  -4.015  1.00 39.08 ? 172 ALA A O   1 
ATOM   1335 C CB  . ALA A 1 173 ? 3.052   -2.937  -5.973  1.00 36.55 ? 172 ALA A CB  1 
ATOM   1336 N N   . GLY A 1 174 ? 2.383   -6.260  -5.302  1.00 34.67 ? 173 GLY A N   1 
ATOM   1337 C CA  . GLY A 1 174 ? 2.270   -7.327  -4.325  1.00 34.61 ? 173 GLY A CA  1 
ATOM   1338 C C   . GLY A 1 174 ? 3.268   -7.165  -3.207  1.00 34.25 ? 173 GLY A C   1 
ATOM   1339 O O   . GLY A 1 174 ? 4.380   -6.680  -3.428  1.00 32.75 ? 173 GLY A O   1 
ATOM   1340 N N   . LEU A 1 175 ? 2.872   -7.576  -2.002  1.00 34.49 ? 174 LEU A N   1 
ATOM   1341 C CA  . LEU A 1 175 ? 3.786   -7.556  -0.856  1.00 35.94 ? 174 LEU A CA  1 
ATOM   1342 C C   . LEU A 1 175 ? 4.404   -8.923  -0.556  1.00 36.41 ? 174 LEU A C   1 
ATOM   1343 O O   . LEU A 1 175 ? 3.763   -9.981  -0.687  1.00 38.75 ? 174 LEU A O   1 
ATOM   1344 C CB  . LEU A 1 175 ? 3.092   -7.039  0.409   1.00 34.74 ? 174 LEU A CB  1 
ATOM   1345 C CG  . LEU A 1 175 ? 2.500   -5.624  0.321   1.00 33.92 ? 174 LEU A CG  1 
ATOM   1346 C CD1 . LEU A 1 175 ? 1.984   -5.210  1.685   1.00 33.72 ? 174 LEU A CD1 1 
ATOM   1347 C CD2 . LEU A 1 175 ? 3.476   -4.601  -0.235  1.00 32.95 ? 174 LEU A CD2 1 
ATOM   1348 N N   . LYS A 1 176 ? 5.662   -8.867  -0.139  1.00 35.24 ? 175 LYS A N   1 
ATOM   1349 C CA  . LYS A 1 176 ? 6.324   -10.016 0.463   1.00 35.95 ? 175 LYS A CA  1 
ATOM   1350 C C   . LYS A 1 176 ? 7.150   -9.552  1.639   1.00 30.81 ? 175 LYS A C   1 
ATOM   1351 O O   . LYS A 1 176 ? 7.641   -8.434  1.665   1.00 30.69 ? 175 LYS A O   1 
ATOM   1352 C CB  . LYS A 1 176 ? 7.180   -10.779 -0.549  1.00 37.33 ? 175 LYS A CB  1 
ATOM   1353 C CG  . LYS A 1 176 ? 8.211   -9.910  -1.236  1.00 40.55 ? 175 LYS A CG  1 
ATOM   1354 C CD  . LYS A 1 176 ? 8.631   -10.539 -2.553  1.00 45.29 ? 175 LYS A CD  1 
ATOM   1355 C CE  . LYS A 1 176 ? 9.299   -11.885 -2.325  1.00 44.39 ? 175 LYS A CE  1 
ATOM   1356 N NZ  . LYS A 1 176 ? 10.173  -12.161 -3.490  1.00 49.87 ? 175 LYS A NZ  1 
ATOM   1357 N N   . ARG A 1 177 ? 7.310   -10.443 2.599   1.00 31.72 ? 176 ARG A N   1 
ATOM   1358 C CA  . ARG A 1 177 ? 7.849   -10.096 3.906   1.00 34.85 ? 176 ARG A CA  1 
ATOM   1359 C C   . ARG A 1 177 ? 9.286   -9.639  3.825   1.00 33.21 ? 176 ARG A C   1 
ATOM   1360 O O   . ARG A 1 177 ? 9.715   -8.781  4.614   1.00 38.88 ? 176 ARG A O   1 
ATOM   1361 C CB  . ARG A 1 177 ? 7.720   -11.284 4.878   1.00 36.04 ? 176 ARG A CB  1 
ATOM   1362 C CG  . ARG A 1 177 ? 7.942   -10.921 6.346   1.00 35.66 ? 176 ARG A CG  1 
ATOM   1363 C CD  . ARG A 1 177 ? 7.666   -12.121 7.243   1.00 35.59 ? 176 ARG A CD  1 
ATOM   1364 N NE  . ARG A 1 177 ? 6.368   -12.704 6.912   1.00 36.58 ? 176 ARG A NE  1 
ATOM   1365 C CZ  . ARG A 1 177 ? 5.946   -13.907 7.292   1.00 37.43 ? 176 ARG A CZ  1 
ATOM   1366 N NH1 . ARG A 1 177 ? 6.689   -14.702 8.050   1.00 37.05 ? 176 ARG A NH1 1 
ATOM   1367 N NH2 . ARG A 1 177 ? 4.750   -14.327 6.898   1.00 40.44 ? 176 ARG A NH2 1 
ATOM   1368 N N   . SER A 1 178 ? 10.020  -10.182 2.871   1.00 29.83 ? 177 SER A N   1 
ATOM   1369 C CA  . SER A 1 178 ? 11.416  -9.832  2.746   1.00 31.00 ? 177 SER A CA  1 
ATOM   1370 C C   . SER A 1 178 ? 11.671  -8.335  2.464   1.00 30.89 ? 177 SER A C   1 
ATOM   1371 O O   . SER A 1 178 ? 12.790  -7.839  2.740   1.00 26.84 ? 177 SER A O   1 
ATOM   1372 C CB  . SER A 1 178 ? 12.091  -10.686 1.672   1.00 33.48 ? 177 SER A CB  1 
ATOM   1373 O OG  . SER A 1 178 ? 11.297  -10.777 0.514   1.00 33.87 ? 177 SER A OG  1 
ATOM   1374 N N   . TYR A 1 179 ? 10.658  -7.620  1.933   1.00 29.32 ? 178 TYR A N   1 
ATOM   1375 C CA  . TYR A 1 179 ? 10.821  -6.194  1.606   1.00 27.39 ? 178 TYR A CA  1 
ATOM   1376 C C   . TYR A 1 179 ? 10.971  -5.393  2.868   1.00 27.94 ? 178 TYR A C   1 
ATOM   1377 O O   . TYR A 1 179 ? 11.481  -4.267  2.840   1.00 25.27 ? 178 TYR A O   1 
ATOM   1378 C CB  . TYR A 1 179 ? 9.625   -5.624  0.871   1.00 25.91 ? 178 TYR A CB  1 
ATOM   1379 C CG  . TYR A 1 179 ? 9.328   -6.137  -0.505  1.00 26.17 ? 178 TYR A CG  1 
ATOM   1380 C CD1 . TYR A 1 179 ? 10.323  -6.607  -1.355  1.00 26.71 ? 178 TYR A CD1 1 
ATOM   1381 C CD2 . TYR A 1 179 ? 8.029   -6.094  -0.987  1.00 28.16 ? 178 TYR A CD2 1 
ATOM   1382 C CE1 . TYR A 1 179 ? 10.017  -7.052  -2.628  1.00 27.13 ? 178 TYR A CE1 1 
ATOM   1383 C CE2 . TYR A 1 179 ? 7.711   -6.538  -2.266  1.00 25.94 ? 178 TYR A CE2 1 
ATOM   1384 C CZ  . TYR A 1 179 ? 8.699   -7.010  -3.075  1.00 26.28 ? 178 TYR A CZ  1 
ATOM   1385 O OH  . TYR A 1 179 ? 8.377   -7.412  -4.340  1.00 27.05 ? 178 TYR A OH  1 
ATOM   1386 N N   . PHE A 1 180 ? 10.485  -5.966  3.970   1.00 31.32 ? 179 PHE A N   1 
ATOM   1387 C CA  . PHE A 1 180 ? 10.445  -5.274  5.283   1.00 36.60 ? 179 PHE A CA  1 
ATOM   1388 C C   . PHE A 1 180 ? 11.356  -5.917  6.347   1.00 38.99 ? 179 PHE A C   1 
ATOM   1389 O O   . PHE A 1 180 ? 11.294  -5.546  7.518   1.00 36.13 ? 179 PHE A O   1 
ATOM   1390 C CB  . PHE A 1 180 ? 8.987   -5.195  5.778   1.00 34.88 ? 179 PHE A CB  1 
ATOM   1391 C CG  . PHE A 1 180 ? 8.039   -4.710  4.731   1.00 34.30 ? 179 PHE A CG  1 
ATOM   1392 C CD1 . PHE A 1 180 ? 7.974   -3.357  4.422   1.00 36.70 ? 179 PHE A CD1 1 
ATOM   1393 C CD2 . PHE A 1 180 ? 7.270   -5.600  3.999   1.00 33.59 ? 179 PHE A CD2 1 
ATOM   1394 C CE1 . PHE A 1 180 ? 7.123   -2.900  3.424   1.00 35.94 ? 179 PHE A CE1 1 
ATOM   1395 C CE2 . PHE A 1 180 ? 6.420   -5.147  3.004   1.00 34.69 ? 179 PHE A CE2 1 
ATOM   1396 C CZ  . PHE A 1 180 ? 6.347   -3.795  2.714   1.00 35.16 ? 179 PHE A CZ  1 
ATOM   1397 N N   . ALA A 1 181 ? 12.223  -6.843  5.937   1.00 44.38 ? 180 ALA A N   1 
ATOM   1398 C CA  . ALA A 1 181 ? 13.135  -7.488  6.881   1.00 50.95 ? 180 ALA A CA  1 
ATOM   1399 C C   . ALA A 1 181 ? 14.414  -6.645  7.072   1.00 52.26 ? 180 ALA A C   1 
ATOM   1400 O O   . ALA A 1 181 ? 14.903  -6.462  8.202   1.00 50.25 ? 180 ALA A O   1 
ATOM   1401 C CB  . ALA A 1 181 ? 13.471  -8.897  6.404   1.00 49.69 ? 180 ALA A CB  1 
HETATM 1402 N N1  . 5ED B 2 .   ? -7.923  4.357   -11.719 1.00 39.05 ? 201 5ED A N1  1 
HETATM 1403 C C4  . 5ED B 2 .   ? 1.240   5.600   -11.921 1.00 37.28 ? 201 5ED A C4  1 
HETATM 1404 C C5  . 5ED B 2 .   ? 1.558   4.297   -11.522 1.00 37.37 ? 201 5ED A C5  1 
HETATM 1405 C C6  . 5ED B 2 .   ? 2.826   3.775   -11.845 1.00 39.85 ? 201 5ED A C6  1 
HETATM 1406 C C7  . 5ED B 2 .   ? 3.762   4.537   -12.551 1.00 38.08 ? 201 5ED A C7  1 
HETATM 1407 C C8  . 5ED B 2 .   ? 3.441   5.846   -12.934 1.00 40.28 ? 201 5ED A C8  1 
HETATM 1408 C C10 . 5ED B 2 .   ? -4.131  5.896   -9.374  1.00 33.04 ? 201 5ED A C10 1 
HETATM 1409 C C13 . 5ED B 2 .   ? -7.128  3.850   -10.802 1.00 39.29 ? 201 5ED A C13 1 
HETATM 1410 C C15 . 5ED B 2 .   ? -2.904  7.604   -7.978  1.00 37.55 ? 201 5ED A C15 1 
HETATM 1411 C C17 . 5ED B 2 .   ? -2.441  5.997   -11.158 1.00 34.74 ? 201 5ED A C17 1 
HETATM 1412 C C20 . 5ED B 2 .   ? -2.499  4.470   -13.852 1.00 46.60 ? 201 5ED A C20 1 
HETATM 1413 C C22 . 5ED B 2 .   ? -2.240  4.469   -15.334 1.00 52.43 ? 201 5ED A C22 1 
HETATM 1414 C C24 . 5ED B 2 .   ? -3.034  -0.215  -17.943 1.00 65.25 ? 201 5ED A C24 1 
HETATM 1415 C C26 . 5ED B 2 .   ? -6.167  5.875   -11.586 1.00 39.55 ? 201 5ED A C26 1 
HETATM 1416 C C1  . 5ED B 2 .   ? -2.781  1.217   -17.464 1.00 64.51 ? 201 5ED A C1  1 
HETATM 1417 C C2  . 5ED B 2 .   ? -1.297  5.327   -11.814 1.00 37.53 ? 201 5ED A C2  1 
HETATM 1418 C C3  . 5ED B 2 .   ? -0.098  6.236   -11.591 1.00 37.00 ? 201 5ED A C3  1 
HETATM 1419 C C9  . 5ED B 2 .   ? 2.181   6.372   -12.620 1.00 40.16 ? 201 5ED A C9  1 
HETATM 1420 C C11 . 5ED B 2 .   ? -5.355  4.958   -9.362  1.00 34.77 ? 201 5ED A C11 1 
HETATM 1421 C C12 . 5ED B 2 .   ? -5.843  4.627   -10.769 1.00 37.79 ? 201 5ED A C12 1 
HETATM 1422 C C14 . 5ED B 2 .   ? -3.701  6.278   -7.935  1.00 33.89 ? 201 5ED A C14 1 
HETATM 1423 C C16 . 5ED B 2 .   ? -3.700  8.886   -8.130  1.00 43.42 ? 201 5ED A C16 1 
HETATM 1424 C C18 . 5ED B 2 .   ? -3.523  10.674  -9.807  1.00 57.04 ? 201 5ED A C18 1 
HETATM 1425 C C23 . 5ED B 2 .   ? -4.011  2.134   -17.539 1.00 61.72 ? 201 5ED A C23 1 
HETATM 1426 C C25 . 5ED B 2 .   ? -7.385  5.501   -12.410 1.00 38.25 ? 201 5ED A C25 1 
HETATM 1427 O O3  . 5ED B 2 .   ? -4.881  9.005   -7.830  1.00 45.24 ? 201 5ED A O3  1 
HETATM 1428 O O2  . 5ED B 2 .   ? -3.020  10.048  -8.646  1.00 49.41 ? 201 5ED A O2  1 
HETATM 1429 C C19 . 5ED B 2 .   ? -3.082  9.820   -10.983 1.00 65.63 ? 201 5ED A C19 1 
HETATM 1430 O O1  . 5ED B 2 .   ? -7.392  2.887   -10.105 1.00 42.32 ? 201 5ED A O1  1 
HETATM 1431 N N   . 5ED B 2 .   ? -2.999  5.346   -10.123 1.00 32.52 ? 201 5ED A N   1 
HETATM 1432 O O4  . 5ED B 2 .   ? -2.805  7.080   -11.605 1.00 34.38 ? 201 5ED A O4  1 
HETATM 1433 N N2  . 5ED B 2 .   ? -1.479  5.092   -13.235 1.00 40.76 ? 201 5ED A N2  1 
HETATM 1434 O O21 . 5ED B 2 .   ? -3.490  4.014   -13.241 1.00 40.54 ? 201 5ED A O21 1 
HETATM 1435 O O5  . 5ED B 2 .   ? -1.243  5.079   -15.706 1.00 57.26 ? 201 5ED A O5  1 
HETATM 1436 N N6  . 5ED B 2 .   ? -2.897  3.936   -16.364 1.00 56.57 ? 201 5ED A N6  1 
HETATM 1437 C C21 . 5ED B 2 .   ? -4.081  3.126   -16.369 1.00 59.89 ? 201 5ED A C21 1 
HETATM 1438 C C27 . 5ED B 2 .   ? -2.799  0.058   -16.465 1.00 63.06 ? 201 5ED A C27 1 
HETATM 1439 O O   . HOH C 3 .   ? -6.198  -17.435 -3.930  1.00 35.18 ? 301 HOH A O   1 
HETATM 1440 O O   . HOH C 3 .   ? 15.343  4.317   -4.183  1.00 35.94 ? 302 HOH A O   1 
HETATM 1441 O O   . HOH C 3 .   ? 10.827  -9.869  -11.050 1.00 40.50 ? 303 HOH A O   1 
HETATM 1442 O O   . HOH C 3 .   ? 6.358   -6.590  -5.428  1.00 25.70 ? 304 HOH A O   1 
HETATM 1443 O O   . HOH C 3 .   ? -11.446 -8.976  -8.353  1.00 36.16 ? 305 HOH A O   1 
HETATM 1444 O O   . HOH C 3 .   ? 0.410   0.536   17.551  1.00 30.11 ? 306 HOH A O   1 
HETATM 1445 O O   . HOH C 3 .   ? 10.277  -0.355  -15.170 1.00 19.39 ? 307 HOH A O   1 
HETATM 1446 O O   . HOH C 3 .   ? 12.491  10.940  0.537   1.00 45.22 ? 308 HOH A O   1 
HETATM 1447 O O   . HOH C 3 .   ? 13.298  -3.836  4.581   1.00 37.37 ? 309 HOH A O   1 
HETATM 1448 O O   . HOH C 3 .   ? -11.411 -10.853 5.110   1.00 11.56 ? 310 HOH A O   1 
HETATM 1449 O O   . HOH C 3 .   ? -5.275  6.289   -0.994  1.00 19.91 ? 311 HOH A O   1 
HETATM 1450 O O   . HOH C 3 .   ? -15.973 0.478   -15.659 1.00 35.44 ? 312 HOH A O   1 
HETATM 1451 O O   . HOH C 3 .   ? 6.223   17.672  1.857   1.00 27.21 ? 313 HOH A O   1 
HETATM 1452 O O   . HOH C 3 .   ? 15.872  1.442   -6.887  1.00 32.96 ? 314 HOH A O   1 
HETATM 1453 O O   . HOH C 3 .   ? 5.241   -4.930  -7.421  1.00 27.99 ? 315 HOH A O   1 
HETATM 1454 O O   . HOH C 3 .   ? 17.745  16.632  -2.646  1.00 35.13 ? 316 HOH A O   1 
HETATM 1455 O O   . HOH C 3 .   ? 5.018   -4.355  17.261  1.00 20.29 ? 317 HOH A O   1 
HETATM 1456 O O   . HOH C 3 .   ? 2.255   7.419   11.800  1.00 29.29 ? 318 HOH A O   1 
HETATM 1457 O O   . HOH C 3 .   ? -4.717  12.449  3.016   1.00 30.41 ? 319 HOH A O   1 
HETATM 1458 O O   . HOH C 3 .   ? 1.267   11.651  11.928  1.00 21.55 ? 320 HOH A O   1 
HETATM 1459 O O   . HOH C 3 .   ? -14.448 7.805   2.953   0.50 18.78 ? 321 HOH A O   1 
HETATM 1460 O O   . HOH C 3 .   ? -5.105  19.367  3.804   1.00 34.92 ? 322 HOH A O   1 
HETATM 1461 O O   . HOH C 3 .   ? 13.429  3.456   3.895   1.00 37.04 ? 323 HOH A O   1 
HETATM 1462 O O   . HOH C 3 .   ? 0.731   2.464   0.726   1.00 21.99 ? 324 HOH A O   1 
HETATM 1463 O O   . HOH C 3 .   ? -8.216  10.305  -1.826  1.00 32.32 ? 325 HOH A O   1 
HETATM 1464 O O   . HOH C 3 .   ? -4.256  8.097   -4.959  1.00 26.96 ? 326 HOH A O   1 
HETATM 1465 O O   . HOH C 3 .   ? -5.073  -5.468  12.675  1.00 30.15 ? 327 HOH A O   1 
HETATM 1466 O O   . HOH C 3 .   ? -0.991  -19.150 4.260   1.00 34.59 ? 328 HOH A O   1 
HETATM 1467 O O   . HOH C 3 .   ? -15.273 -4.568  -13.154 1.00 39.13 ? 329 HOH A O   1 
HETATM 1468 O O   . HOH C 3 .   ? -7.633  -15.169 0.490   1.00 27.83 ? 330 HOH A O   1 
HETATM 1469 O O   . HOH C 3 .   ? 5.016   -9.111  13.396  1.00 33.08 ? 331 HOH A O   1 
HETATM 1470 O O   . HOH C 3 .   ? 7.156   -13.800 -4.571  1.00 24.75 ? 332 HOH A O   1 
HETATM 1471 O O   . HOH C 3 .   ? -3.603  -16.341 -9.752  1.00 35.78 ? 333 HOH A O   1 
HETATM 1472 O O   . HOH C 3 .   ? 12.923  1.695   11.058  1.00 26.58 ? 334 HOH A O   1 
HETATM 1473 O O   . HOH C 3 .   ? -16.012 -9.952  10.196  0.50 18.52 ? 335 HOH A O   1 
HETATM 1474 O O   . HOH C 3 .   ? -11.226 -18.714 -5.945  0.50 31.97 ? 336 HOH A O   1 
HETATM 1475 O O   . HOH C 3 .   ? -3.434  14.220  4.899   1.00 38.57 ? 337 HOH A O   1 
HETATM 1476 O O   . HOH C 3 .   ? 2.042   8.868   -20.377 1.00 30.74 ? 338 HOH A O   1 
HETATM 1477 O O   . HOH C 3 .   ? 6.749   -12.757 11.794  1.00 34.59 ? 339 HOH A O   1 
HETATM 1478 O O   . HOH C 3 .   ? 14.252  -1.214  6.172   1.00 33.52 ? 340 HOH A O   1 
HETATM 1479 O O   . HOH C 3 .   ? -0.568  14.684  14.740  1.00 33.19 ? 341 HOH A O   1 
HETATM 1480 O O   . HOH C 3 .   ? 0.454   10.101  -10.780 1.00 41.00 ? 342 HOH A O   1 
HETATM 1481 O O   . HOH C 3 .   ? 14.637  0.468   3.396   1.00 35.41 ? 343 HOH A O   1 
HETATM 1482 O O   . HOH C 3 .   ? -7.558  16.079  -7.372  1.00 39.39 ? 344 HOH A O   1 
# 
